data_7D6W
#
_entry.id   7D6W
#
_cell.length_a   106.630
_cell.length_b   113.990
_cell.length_c   183.590
_cell.angle_alpha   90.000
_cell.angle_beta   90.000
_cell.angle_gamma   90.000
#
_symmetry.space_group_name_H-M   'P 21 21 21'
#
loop_
_entity.id
_entity.type
_entity.pdbx_description
1 polymer 'Phycocyanin alpha subunit'
2 polymer 'Phycocyanin beta subunit'
3 non-polymer PHYCOCYANOBILIN
4 water water
#
loop_
_entity_poly.entity_id
_entity_poly.type
_entity_poly.pdbx_seq_one_letter_code
_entity_poly.pdbx_strand_id
1 'polypeptide(L)'
;SKTPLTEAVAAADSQGRFLSSTELQVAFGRFRQAASGLAAAKALANNADSLVNGAANAVYSKFPYTTSTPGNNFASTPEG
KAKCARDIGYYLRIVTYALVAGGTGPIDEYLLAGLDEINKTFDLAPSWYVEALKYIKANHGLSGDSRDEANSYIDYLINA
LS
;
A,C,E,G,I,K
2 'polypeptide(L)'
;TFDAFTKVVAQADARGEFLSDAQLDALSRLVAEGNKRIDTVNRITGNASSIVANAARALFAEQPSLIAPGG(MEN)AYTN
RRMAACLRDMEIILRYVTYAVFTGDASILDDRCLNGLRETYLALGVPGASVAEGVRKMKDAAVAIVSDRNGITQGDCSAI
ISELGSYFDKAAAAVA
;
B,D,F,H,J,L
#
# COMPACT_ATOMS: atom_id res chain seq x y z
N SER A 1 -16.79 7.00 20.86
CA SER A 1 -15.74 6.54 21.79
C SER A 1 -16.12 5.16 22.34
N LYS A 2 -15.14 4.48 22.96
CA LYS A 2 -15.25 3.13 23.46
C LYS A 2 -16.33 2.97 24.56
N THR A 3 -17.34 2.14 24.24
CA THR A 3 -18.33 1.61 25.18
C THR A 3 -18.64 0.20 24.73
N PRO A 4 -19.33 -0.62 25.56
CA PRO A 4 -19.76 -1.92 25.08
C PRO A 4 -20.56 -1.82 23.77
N LEU A 5 -21.52 -0.87 23.73
CA LEU A 5 -22.43 -0.85 22.59
C LEU A 5 -21.73 -0.42 21.30
N THR A 6 -20.91 0.63 21.40
CA THR A 6 -20.20 1.10 20.21
C THR A 6 -19.16 0.06 19.78
N GLU A 7 -18.50 -0.62 20.73
CA GLU A 7 -17.48 -1.60 20.34
C GLU A 7 -18.10 -2.78 19.60
N ALA A 8 -19.25 -3.26 20.08
CA ALA A 8 -19.95 -4.39 19.46
C ALA A 8 -20.37 -4.05 18.02
N VAL A 9 -20.88 -2.83 17.83
CA VAL A 9 -21.35 -2.42 16.52
C VAL A 9 -20.15 -2.22 15.60
N ALA A 10 -19.01 -1.76 16.15
CA ALA A 10 -17.88 -1.47 15.26
C ALA A 10 -17.31 -2.80 14.74
N ALA A 11 -17.28 -3.80 15.62
CA ALA A 11 -16.88 -5.15 15.25
C ALA A 11 -17.80 -5.67 14.15
N ALA A 12 -19.13 -5.74 14.44
CA ALA A 12 -20.09 -6.20 13.44
C ALA A 12 -19.96 -5.41 12.13
N ASP A 13 -19.88 -4.08 12.23
CA ASP A 13 -19.79 -3.24 11.04
C ASP A 13 -18.54 -3.57 10.22
N SER A 14 -17.41 -3.80 10.91
CA SER A 14 -16.16 -4.12 10.24
C SER A 14 -16.20 -5.46 9.51
N GLN A 15 -17.00 -6.38 10.04
CA GLN A 15 -17.13 -7.70 9.44
C GLN A 15 -18.21 -7.66 8.35
N GLY A 16 -18.91 -6.54 8.23
CA GLY A 16 -20.04 -6.43 7.32
C GLY A 16 -21.19 -7.34 7.75
N ARG A 17 -21.39 -7.52 9.07
CA ARG A 17 -22.33 -8.52 9.56
C ARG A 17 -23.46 -7.90 10.37
N PHE A 18 -24.64 -8.53 10.31
CA PHE A 18 -25.68 -8.31 11.31
C PHE A 18 -25.14 -8.63 12.70
N LEU A 19 -25.70 -7.97 13.73
CA LEU A 19 -25.43 -8.39 15.09
C LEU A 19 -25.98 -9.80 15.27
N SER A 20 -25.36 -10.55 16.18
CA SER A 20 -25.74 -11.93 16.43
C SER A 20 -25.75 -12.15 17.96
N SER A 21 -25.93 -13.38 18.46
CA SER A 21 -26.02 -13.60 19.90
C SER A 21 -24.83 -13.02 20.66
N THR A 22 -23.68 -12.89 19.97
CA THR A 22 -22.45 -12.41 20.57
C THR A 22 -22.66 -10.99 21.04
N GLU A 23 -23.17 -10.14 20.15
CA GLU A 23 -23.37 -8.75 20.48
C GLU A 23 -24.60 -8.57 21.40
N LEU A 24 -25.59 -9.48 21.31
CA LEU A 24 -26.71 -9.35 22.24
C LEU A 24 -26.19 -9.59 23.66
N GLN A 25 -25.29 -10.58 23.80
CA GLN A 25 -24.72 -10.84 25.11
C GLN A 25 -23.92 -9.62 25.58
N VAL A 26 -23.23 -8.90 24.66
CA VAL A 26 -22.58 -7.64 25.03
C VAL A 26 -23.60 -6.72 25.69
N ALA A 27 -24.77 -6.55 25.07
CA ALA A 27 -25.80 -5.63 25.55
C ALA A 27 -26.39 -6.07 26.89
N PHE A 28 -26.70 -7.38 27.03
CA PHE A 28 -27.10 -7.95 28.33
C PHE A 28 -26.09 -7.55 29.40
N GLY A 29 -24.79 -7.69 29.08
CA GLY A 29 -23.68 -7.26 29.94
C GLY A 29 -23.73 -5.77 30.29
N ARG A 30 -24.00 -4.93 29.28
CA ARG A 30 -24.06 -3.48 29.44
C ARG A 30 -25.20 -3.12 30.40
N PHE A 31 -26.35 -3.79 30.23
CA PHE A 31 -27.54 -3.42 30.99
C PHE A 31 -27.50 -3.97 32.42
N ARG A 32 -26.78 -5.07 32.64
CA ARG A 32 -26.53 -5.53 34.01
C ARG A 32 -25.69 -4.49 34.73
N GLN A 33 -24.77 -3.84 34.02
CA GLN A 33 -23.79 -2.98 34.66
C GLN A 33 -24.39 -1.59 34.91
N ALA A 34 -25.25 -1.13 34.00
CA ALA A 34 -25.47 0.31 33.86
C ALA A 34 -26.10 0.94 35.09
N ALA A 35 -26.99 0.24 35.81
CA ALA A 35 -27.68 0.86 36.94
C ALA A 35 -26.66 1.26 38.01
N SER A 36 -25.71 0.36 38.27
CA SER A 36 -24.71 0.68 39.27
C SER A 36 -23.75 1.79 38.78
N GLY A 37 -23.51 1.85 37.45
CA GLY A 37 -22.69 2.92 36.87
C GLY A 37 -23.34 4.30 37.05
N LEU A 38 -24.63 4.38 36.74
CA LEU A 38 -25.39 5.61 36.81
C LEU A 38 -25.52 6.08 38.27
N ALA A 39 -25.82 5.15 39.20
CA ALA A 39 -25.77 5.41 40.63
C ALA A 39 -24.42 5.99 41.06
N ALA A 40 -23.30 5.43 40.55
CA ALA A 40 -21.97 5.92 40.91
C ALA A 40 -21.76 7.34 40.37
N ALA A 41 -22.20 7.58 39.14
CA ALA A 41 -22.14 8.93 38.56
C ALA A 41 -22.92 9.92 39.41
N LYS A 42 -24.09 9.50 39.91
CA LYS A 42 -24.92 10.41 40.70
C LYS A 42 -24.22 10.74 42.02
N ALA A 43 -23.62 9.71 42.64
CA ALA A 43 -23.04 9.81 43.97
C ALA A 43 -21.81 10.73 43.91
N LEU A 44 -20.98 10.55 42.87
CA LEU A 44 -19.78 11.37 42.70
C LEU A 44 -20.11 12.83 42.37
N ALA A 45 -21.13 13.05 41.51
CA ALA A 45 -21.61 14.41 41.27
C ALA A 45 -22.09 15.08 42.55
N ASN A 46 -22.85 14.36 43.38
CA ASN A 46 -23.45 14.97 44.56
C ASN A 46 -22.35 15.35 45.57
N ASN A 47 -21.22 14.66 45.49
CA ASN A 47 -20.19 14.81 46.51
C ASN A 47 -18.97 15.50 45.89
N ALA A 48 -19.17 16.18 44.75
CA ALA A 48 -18.05 16.71 43.96
C ALA A 48 -17.19 17.71 44.74
N ASP A 49 -17.82 18.70 45.42
CA ASP A 49 -17.08 19.76 46.10
C ASP A 49 -16.10 19.18 47.13
N SER A 50 -16.62 18.29 47.99
CA SER A 50 -15.84 17.65 49.03
C SER A 50 -14.71 16.80 48.44
N LEU A 51 -15.02 15.97 47.43
CA LEU A 51 -14.01 15.14 46.82
C LEU A 51 -12.92 15.97 46.16
N VAL A 52 -13.29 17.02 45.41
CA VAL A 52 -12.32 17.91 44.75
C VAL A 52 -11.45 18.63 45.79
N ASN A 53 -12.07 19.35 46.73
CA ASN A 53 -11.31 20.11 47.72
C ASN A 53 -10.44 19.17 48.55
N GLY A 54 -11.02 18.03 48.96
CA GLY A 54 -10.28 17.01 49.70
C GLY A 54 -9.08 16.49 48.91
N ALA A 55 -9.30 16.19 47.61
CA ALA A 55 -8.20 15.76 46.72
C ALA A 55 -7.12 16.83 46.56
N ALA A 56 -7.53 18.08 46.31
CA ALA A 56 -6.57 19.18 46.17
C ALA A 56 -5.69 19.25 47.42
N ASN A 57 -6.36 19.24 48.58
CA ASN A 57 -5.66 19.32 49.86
C ASN A 57 -4.71 18.14 50.03
N ALA A 58 -5.07 16.92 49.58
CA ALA A 58 -4.20 15.77 49.75
C ALA A 58 -2.91 15.92 48.93
N VAL A 59 -3.02 16.51 47.73
CA VAL A 59 -1.87 16.83 46.89
C VAL A 59 -1.01 17.88 47.58
N TYR A 60 -1.65 18.94 48.12
CA TYR A 60 -0.90 19.98 48.80
C TYR A 60 -0.14 19.43 50.02
N SER A 61 -0.69 18.45 50.76
CA SER A 61 0.02 17.87 51.91
C SER A 61 1.14 16.94 51.49
N LYS A 62 0.88 16.12 50.47
CA LYS A 62 1.91 15.17 50.02
C LYS A 62 3.08 15.92 49.38
N PHE A 63 2.79 16.99 48.65
CA PHE A 63 3.81 17.73 47.92
C PHE A 63 3.76 19.20 48.31
N PRO A 64 4.18 19.59 49.54
CA PRO A 64 4.04 20.98 49.98
C PRO A 64 4.85 22.00 49.16
N TYR A 65 5.88 21.54 48.45
CA TYR A 65 6.58 22.47 47.57
C TYR A 65 5.65 23.11 46.55
N THR A 66 4.51 22.47 46.23
CA THR A 66 3.61 22.98 45.20
C THR A 66 2.86 24.23 45.68
N THR A 67 2.81 24.46 46.99
CA THR A 67 2.08 25.63 47.45
C THR A 67 3.05 26.67 48.00
N SER A 68 4.35 26.34 48.09
CA SER A 68 5.32 27.30 48.59
C SER A 68 6.29 27.80 47.50
N THR A 69 6.31 27.18 46.30
CA THR A 69 7.29 27.56 45.29
C THR A 69 6.64 28.46 44.23
N PRO A 70 7.23 29.65 43.91
CA PRO A 70 6.71 30.49 42.83
C PRO A 70 6.94 29.80 41.48
N GLY A 71 6.01 29.99 40.54
CA GLY A 71 6.13 29.45 39.20
C GLY A 71 4.77 29.22 38.56
N ASN A 72 4.71 29.26 37.22
CA ASN A 72 3.45 29.18 36.50
C ASN A 72 2.75 27.84 36.73
N ASN A 73 3.53 26.79 37.04
CA ASN A 73 3.01 25.43 37.08
C ASN A 73 2.54 25.07 38.49
N PHE A 74 2.81 25.94 39.47
CA PHE A 74 2.58 25.61 40.87
C PHE A 74 1.32 26.31 41.40
N ALA A 75 0.89 25.89 42.60
CA ALA A 75 -0.31 26.37 43.27
C ALA A 75 0.09 27.20 44.51
N SER A 76 1.08 28.07 44.34
CA SER A 76 1.48 28.98 45.41
C SER A 76 0.68 30.29 45.38
N THR A 77 -0.12 30.50 44.34
CA THR A 77 -0.98 31.67 44.28
C THR A 77 -2.45 31.23 44.23
N PRO A 78 -3.41 32.15 44.50
CA PRO A 78 -4.83 31.81 44.38
C PRO A 78 -5.21 31.33 42.98
N GLU A 79 -4.61 31.94 41.95
CA GLU A 79 -4.86 31.54 40.57
C GLU A 79 -4.42 30.08 40.38
N GLY A 80 -3.24 29.72 40.92
CA GLY A 80 -2.65 28.40 40.79
C GLY A 80 -3.48 27.31 41.50
N LYS A 81 -3.89 27.61 42.74
CA LYS A 81 -4.78 26.72 43.48
C LYS A 81 -6.06 26.49 42.67
N ALA A 82 -6.58 27.55 42.04
CA ALA A 82 -7.82 27.47 41.27
C ALA A 82 -7.64 26.63 39.99
N LYS A 83 -6.46 26.71 39.32
CA LYS A 83 -6.24 25.87 38.15
C LYS A 83 -6.22 24.42 38.59
N CYS A 84 -5.63 24.20 39.76
CA CYS A 84 -5.45 22.88 40.33
C CYS A 84 -6.81 22.25 40.66
N ALA A 85 -7.63 22.97 41.45
CA ALA A 85 -8.98 22.49 41.77
C ALA A 85 -9.79 22.25 40.48
N ARG A 86 -9.66 23.17 39.51
CA ARG A 86 -10.39 23.01 38.26
C ARG A 86 -10.00 21.70 37.58
N ASP A 87 -8.69 21.42 37.51
CA ASP A 87 -8.17 20.22 36.85
C ASP A 87 -8.72 18.95 37.53
N ILE A 88 -8.66 18.92 38.86
CA ILE A 88 -9.13 17.76 39.59
C ILE A 88 -10.62 17.55 39.33
N GLY A 89 -11.39 18.67 39.29
CA GLY A 89 -12.79 18.63 38.91
C GLY A 89 -12.98 18.00 37.53
N TYR A 90 -12.06 18.29 36.60
CA TYR A 90 -12.17 17.78 35.24
C TYR A 90 -12.01 16.25 35.31
N TYR A 91 -10.94 15.78 35.95
CA TYR A 91 -10.76 14.36 36.23
C TYR A 91 -12.04 13.73 36.81
N LEU A 92 -12.57 14.31 37.89
CA LEU A 92 -13.74 13.73 38.53
C LEU A 92 -14.96 13.67 37.59
N ARG A 93 -15.33 14.81 37.00
CA ARG A 93 -16.46 14.87 36.09
C ARG A 93 -16.31 13.82 34.98
N ILE A 94 -15.12 13.73 34.38
CA ILE A 94 -14.96 12.87 33.22
C ILE A 94 -14.96 11.41 33.65
N VAL A 95 -14.50 11.09 34.85
CA VAL A 95 -14.79 9.77 35.42
C VAL A 95 -16.30 9.48 35.49
N THR A 96 -17.11 10.45 35.94
CA THR A 96 -18.54 10.18 36.01
C THR A 96 -19.09 9.90 34.61
N TYR A 97 -18.46 10.48 33.58
CA TYR A 97 -18.92 10.22 32.22
C TYR A 97 -18.61 8.78 31.81
N ALA A 98 -17.48 8.25 32.25
CA ALA A 98 -17.10 6.88 31.95
C ALA A 98 -18.12 5.91 32.60
N LEU A 99 -18.57 6.26 33.80
CA LEU A 99 -19.57 5.47 34.50
C LEU A 99 -20.92 5.52 33.78
N VAL A 100 -21.24 6.69 33.20
CA VAL A 100 -22.49 6.86 32.47
C VAL A 100 -22.45 6.04 31.18
N ALA A 101 -21.30 6.06 30.50
CA ALA A 101 -21.11 5.42 29.22
C ALA A 101 -20.85 3.93 29.41
N GLY A 102 -20.37 3.53 30.60
CA GLY A 102 -19.93 2.15 30.81
C GLY A 102 -18.65 1.80 30.05
N GLY A 103 -17.74 2.78 29.90
CA GLY A 103 -16.52 2.57 29.14
C GLY A 103 -15.52 3.71 29.32
N THR A 104 -14.29 3.51 28.88
CA THR A 104 -13.26 4.54 29.02
C THR A 104 -13.42 5.65 27.97
N GLY A 105 -14.29 5.46 26.98
CA GLY A 105 -14.49 6.39 25.86
C GLY A 105 -14.40 7.87 26.24
N PRO A 106 -15.25 8.38 27.14
CA PRO A 106 -15.17 9.80 27.55
C PRO A 106 -13.80 10.17 28.11
N ILE A 107 -13.22 9.25 28.92
CA ILE A 107 -11.89 9.50 29.42
C ILE A 107 -10.94 9.64 28.23
N ASP A 108 -10.97 8.62 27.36
CA ASP A 108 -10.15 8.60 26.16
C ASP A 108 -10.27 9.91 25.36
N GLU A 109 -11.50 10.38 25.14
CA GLU A 109 -11.72 11.47 24.19
C GLU A 109 -11.38 12.85 24.78
N TYR A 110 -11.87 13.11 26.01
CA TYR A 110 -11.80 14.45 26.58
C TYR A 110 -10.59 14.65 27.50
N LEU A 111 -9.97 13.58 28.00
CA LEU A 111 -8.91 13.76 28.99
C LEU A 111 -7.58 13.12 28.55
N LEU A 112 -7.62 11.82 28.19
CA LEU A 112 -6.42 11.02 27.98
C LEU A 112 -5.68 11.39 26.67
N ALA A 113 -6.39 11.57 25.54
CA ALA A 113 -5.78 11.99 24.28
C ALA A 113 -5.14 13.36 24.49
N GLY A 114 -3.81 13.43 24.39
CA GLY A 114 -3.03 14.67 24.54
C GLY A 114 -2.56 14.92 25.97
N LEU A 115 -2.88 14.00 26.90
CA LEU A 115 -2.55 14.18 28.31
C LEU A 115 -1.03 14.35 28.53
N ASP A 116 -0.22 13.45 27.95
CA ASP A 116 1.22 13.50 28.18
C ASP A 116 1.78 14.82 27.63
N GLU A 117 1.31 15.24 26.46
CA GLU A 117 1.74 16.50 25.85
C GLU A 117 1.50 17.68 26.78
N ILE A 118 0.30 17.74 27.38
CA ILE A 118 -0.07 18.86 28.25
C ILE A 118 0.74 18.82 29.55
N ASN A 119 0.87 17.64 30.16
CA ASN A 119 1.62 17.56 31.42
C ASN A 119 3.04 18.05 31.20
N LYS A 120 3.63 17.67 30.05
CA LYS A 120 5.01 17.95 29.70
C LYS A 120 5.19 19.44 29.39
N THR A 121 4.33 19.98 28.51
CA THR A 121 4.46 21.36 28.07
C THR A 121 4.25 22.30 29.25
N PHE A 122 3.31 21.98 30.15
CA PHE A 122 2.95 22.92 31.19
C PHE A 122 3.68 22.57 32.50
N ASP A 123 4.55 21.56 32.43
CA ASP A 123 5.35 21.14 33.58
C ASP A 123 4.45 20.71 34.76
N LEU A 124 3.38 19.97 34.48
CA LEU A 124 2.57 19.43 35.58
C LEU A 124 3.04 18.00 35.89
N ALA A 125 3.33 17.72 37.18
CA ALA A 125 3.83 16.43 37.64
C ALA A 125 2.71 15.39 37.62
N PRO A 126 2.84 14.30 36.83
CA PRO A 126 1.83 13.26 36.82
C PRO A 126 1.51 12.74 38.24
N SER A 127 2.52 12.61 39.09
CA SER A 127 2.33 12.16 40.46
C SER A 127 1.34 13.06 41.21
N TRP A 128 1.20 14.35 40.84
CA TRP A 128 0.19 15.18 41.48
C TRP A 128 -1.21 14.60 41.24
N TYR A 129 -1.49 14.27 39.98
CA TYR A 129 -2.80 13.77 39.58
C TYR A 129 -3.06 12.38 40.16
N VAL A 130 -1.99 11.57 40.24
CA VAL A 130 -2.03 10.24 40.83
C VAL A 130 -2.55 10.36 42.26
N GLU A 131 -1.94 11.29 43.02
CA GLU A 131 -2.30 11.44 44.42
C GLU A 131 -3.76 11.85 44.57
N ALA A 132 -4.19 12.79 43.72
CA ALA A 132 -5.56 13.26 43.76
C ALA A 132 -6.54 12.12 43.46
N LEU A 133 -6.15 11.22 42.55
CA LEU A 133 -7.03 10.12 42.16
C LEU A 133 -7.07 9.07 43.28
N LYS A 134 -5.91 8.84 43.91
CA LYS A 134 -5.85 7.96 45.07
C LYS A 134 -6.78 8.49 46.18
N TYR A 135 -6.80 9.81 46.34
CA TYR A 135 -7.66 10.37 47.36
C TYR A 135 -9.14 10.13 47.01
N ILE A 136 -9.52 10.34 45.74
CA ILE A 136 -10.93 10.14 45.38
C ILE A 136 -11.31 8.67 45.59
N LYS A 137 -10.42 7.76 45.14
CA LYS A 137 -10.61 6.32 45.34
C LYS A 137 -10.87 5.98 46.81
N ALA A 138 -10.03 6.51 47.71
CA ALA A 138 -10.12 6.22 49.14
C ALA A 138 -11.31 6.90 49.81
N ASN A 139 -11.99 7.85 49.14
CA ASN A 139 -12.97 8.66 49.88
C ASN A 139 -14.36 8.76 49.21
N HIS A 140 -14.56 8.10 48.05
CA HIS A 140 -15.86 8.25 47.41
C HIS A 140 -16.97 7.49 48.15
N GLY A 141 -16.60 6.51 48.99
CA GLY A 141 -17.56 5.79 49.84
C GLY A 141 -18.44 4.76 49.11
N LEU A 142 -18.14 4.50 47.82
CA LEU A 142 -18.98 3.61 47.01
C LEU A 142 -18.72 2.14 47.37
N SER A 143 -19.69 1.26 47.07
CA SER A 143 -19.68 -0.15 47.44
C SER A 143 -19.98 -1.02 46.22
N GLY A 144 -19.73 -2.34 46.32
CA GLY A 144 -20.16 -3.27 45.29
C GLY A 144 -19.76 -2.82 43.88
N ASP A 145 -20.69 -2.98 42.94
CA ASP A 145 -20.42 -2.81 41.53
C ASP A 145 -20.12 -1.35 41.23
N SER A 146 -20.73 -0.42 41.82
CA SER A 146 -20.41 0.98 41.77
C SER A 146 -18.94 1.23 42.11
N ARG A 147 -18.49 0.66 43.19
CA ARG A 147 -17.07 0.88 43.58
C ARG A 147 -16.12 0.24 42.56
N ASP A 148 -16.38 -0.98 42.17
CA ASP A 148 -15.55 -1.70 41.22
C ASP A 148 -15.44 -0.97 39.88
N GLU A 149 -16.59 -0.60 39.30
CA GLU A 149 -16.52 0.11 38.02
C GLU A 149 -15.78 1.44 38.17
N ALA A 150 -16.05 2.20 39.23
CA ALA A 150 -15.49 3.55 39.37
C ALA A 150 -13.97 3.47 39.58
N ASN A 151 -13.56 2.50 40.42
CA ASN A 151 -12.16 2.26 40.67
C ASN A 151 -11.48 1.81 39.38
N SER A 152 -12.20 1.13 38.48
CA SER A 152 -11.52 0.71 37.26
C SER A 152 -11.10 1.94 36.48
N TYR A 153 -11.93 2.99 36.50
CA TYR A 153 -11.65 4.20 35.73
C TYR A 153 -10.56 5.01 36.42
N ILE A 154 -10.61 5.04 37.76
CA ILE A 154 -9.61 5.81 38.48
C ILE A 154 -8.26 5.14 38.28
N ASP A 155 -8.22 3.79 38.40
CA ASP A 155 -6.95 3.11 38.20
C ASP A 155 -6.49 3.24 36.74
N TYR A 156 -7.44 3.25 35.81
CA TYR A 156 -7.11 3.42 34.40
C TYR A 156 -6.29 4.71 34.20
N LEU A 157 -6.74 5.78 34.86
CA LEU A 157 -6.06 7.06 34.79
C LEU A 157 -4.73 7.00 35.56
N ILE A 158 -4.72 6.36 36.72
CA ILE A 158 -3.46 6.23 37.48
C ILE A 158 -2.42 5.52 36.60
N ASN A 159 -2.85 4.46 35.90
CA ASN A 159 -1.93 3.69 35.07
C ASN A 159 -1.43 4.56 33.92
N ALA A 160 -2.34 5.35 33.32
CA ALA A 160 -2.00 6.25 32.22
C ALA A 160 -1.03 7.35 32.67
N LEU A 161 -1.05 7.72 33.96
CA LEU A 161 -0.14 8.75 34.45
C LEU A 161 1.16 8.15 34.98
N SER A 162 1.35 6.82 34.86
CA SER A 162 2.55 6.22 35.40
C SER A 162 3.20 5.28 34.38
N THR B 1 -19.17 8.26 16.18
CA THR B 1 -20.59 7.88 16.47
C THR B 1 -20.83 7.89 17.97
N PHE B 2 -22.11 7.89 18.36
CA PHE B 2 -22.52 7.92 19.76
C PHE B 2 -23.43 6.71 20.03
N ASP B 3 -23.43 6.26 21.28
CA ASP B 3 -24.54 5.43 21.74
C ASP B 3 -25.44 6.35 22.54
N ALA B 4 -26.55 5.84 23.11
CA ALA B 4 -27.44 6.77 23.79
C ALA B 4 -26.72 7.43 24.98
N PHE B 5 -25.79 6.71 25.60
CA PHE B 5 -25.12 7.21 26.79
C PHE B 5 -24.12 8.30 26.40
N THR B 6 -23.28 8.06 25.37
CA THR B 6 -22.24 9.03 25.07
C THR B 6 -22.83 10.28 24.41
N LYS B 7 -24.02 10.16 23.82
CA LYS B 7 -24.71 11.32 23.25
C LYS B 7 -25.01 12.31 24.39
N VAL B 8 -25.53 11.83 25.51
CA VAL B 8 -25.84 12.71 26.64
C VAL B 8 -24.55 13.27 27.26
N VAL B 9 -23.53 12.41 27.42
CA VAL B 9 -22.18 12.81 27.84
C VAL B 9 -21.64 13.97 27.00
N ALA B 10 -21.74 13.88 25.66
CA ALA B 10 -21.22 14.94 24.78
C ALA B 10 -21.89 16.27 25.11
N GLN B 11 -23.21 16.25 25.29
CA GLN B 11 -23.92 17.47 25.62
C GLN B 11 -23.46 18.07 26.94
N ALA B 12 -23.10 17.21 27.90
CA ALA B 12 -22.75 17.69 29.24
C ALA B 12 -21.34 18.26 29.25
N ASP B 13 -20.44 17.61 28.51
CA ASP B 13 -19.04 17.99 28.55
C ASP B 13 -18.88 19.37 27.94
N ALA B 14 -19.60 19.64 26.84
CA ALA B 14 -19.53 20.93 26.17
C ALA B 14 -19.98 22.05 27.11
N ARG B 15 -20.87 21.74 28.08
CA ARG B 15 -21.33 22.73 29.05
C ARG B 15 -20.56 22.67 30.37
N GLY B 16 -19.58 21.76 30.49
CA GLY B 16 -18.78 21.58 31.70
C GLY B 16 -19.57 21.07 32.92
N GLU B 17 -20.54 20.17 32.70
CA GLU B 17 -21.46 19.79 33.77
C GLU B 17 -21.51 18.27 33.99
N PHE B 18 -21.76 17.90 35.25
CA PHE B 18 -22.25 16.56 35.56
C PHE B 18 -23.61 16.41 34.88
N LEU B 19 -23.94 15.17 34.46
CA LEU B 19 -25.33 14.90 34.12
C LEU B 19 -26.20 15.26 35.32
N SER B 20 -27.35 15.86 35.04
CA SER B 20 -28.37 16.09 36.06
C SER B 20 -28.99 14.75 36.45
N ASP B 21 -29.66 14.74 37.61
CA ASP B 21 -30.41 13.59 38.07
C ASP B 21 -31.44 13.22 37.01
N ALA B 22 -32.04 14.23 36.38
CA ALA B 22 -33.04 13.99 35.37
C ALA B 22 -32.43 13.24 34.19
N GLN B 23 -31.25 13.67 33.73
CA GLN B 23 -30.57 12.98 32.64
C GLN B 23 -30.15 11.56 33.05
N LEU B 24 -29.64 11.36 34.29
CA LEU B 24 -29.27 10.03 34.72
C LEU B 24 -30.50 9.10 34.75
N ASP B 25 -31.65 9.62 35.21
CA ASP B 25 -32.86 8.81 35.37
C ASP B 25 -33.47 8.44 34.01
N ALA B 26 -33.30 9.31 33.00
CA ALA B 26 -33.81 9.03 31.68
C ALA B 26 -33.02 7.83 31.11
N LEU B 27 -31.72 7.80 31.38
CA LEU B 27 -30.87 6.70 30.96
C LEU B 27 -31.22 5.41 31.73
N SER B 28 -31.52 5.53 33.03
CA SER B 28 -32.01 4.41 33.84
C SER B 28 -33.24 3.76 33.21
N ARG B 29 -34.20 4.58 32.76
CA ARG B 29 -35.42 4.06 32.16
C ARG B 29 -35.07 3.29 30.88
N LEU B 30 -34.09 3.79 30.11
CA LEU B 30 -33.70 3.17 28.86
C LEU B 30 -33.12 1.78 29.15
N VAL B 31 -32.27 1.71 30.17
CA VAL B 31 -31.62 0.50 30.64
C VAL B 31 -32.66 -0.51 31.14
N ALA B 32 -33.65 -0.07 31.94
CA ALA B 32 -34.72 -0.94 32.45
C ALA B 32 -35.53 -1.56 31.31
N GLU B 33 -35.54 -0.90 30.14
CA GLU B 33 -36.27 -1.41 29.00
C GLU B 33 -35.37 -2.18 28.03
N GLY B 34 -34.14 -2.53 28.44
CA GLY B 34 -33.11 -3.03 27.53
C GLY B 34 -33.48 -4.33 26.83
N ASN B 35 -34.21 -5.20 27.54
CA ASN B 35 -34.55 -6.50 26.97
C ASN B 35 -35.36 -6.31 25.69
N LYS B 36 -36.27 -5.32 25.66
CA LYS B 36 -37.12 -5.05 24.50
C LYS B 36 -36.28 -4.53 23.32
N ARG B 37 -35.24 -3.72 23.63
CA ARG B 37 -34.28 -3.23 22.65
C ARG B 37 -33.58 -4.44 22.01
N ILE B 38 -33.07 -5.34 22.84
CA ILE B 38 -32.36 -6.55 22.41
C ILE B 38 -33.27 -7.45 21.55
N ASP B 39 -34.54 -7.67 21.98
CA ASP B 39 -35.52 -8.45 21.22
C ASP B 39 -35.83 -7.80 19.86
N THR B 40 -35.96 -6.46 19.84
CA THR B 40 -36.13 -5.77 18.56
C THR B 40 -35.01 -6.09 17.55
N VAL B 41 -33.74 -6.00 18.02
CA VAL B 41 -32.59 -6.22 17.15
C VAL B 41 -32.60 -7.66 16.64
N ASN B 42 -32.80 -8.59 17.60
CA ASN B 42 -32.75 -10.02 17.34
C ASN B 42 -33.86 -10.41 16.36
N ARG B 43 -35.06 -9.85 16.57
CA ARG B 43 -36.24 -10.15 15.76
C ARG B 43 -36.03 -9.72 14.30
N ILE B 44 -35.51 -8.51 14.09
CA ILE B 44 -35.25 -8.09 12.72
C ILE B 44 -34.16 -8.98 12.11
N THR B 45 -33.09 -9.22 12.88
CA THR B 45 -31.92 -9.93 12.40
C THR B 45 -32.31 -11.35 12.00
N GLY B 46 -33.12 -12.01 12.84
CA GLY B 46 -33.61 -13.37 12.58
C GLY B 46 -34.41 -13.45 11.28
N ASN B 47 -34.94 -12.31 10.80
CA ASN B 47 -35.84 -12.28 9.64
C ASN B 47 -35.29 -11.46 8.48
N ALA B 48 -33.99 -11.14 8.50
CA ALA B 48 -33.41 -10.12 7.64
C ALA B 48 -33.59 -10.46 6.15
N SER B 49 -33.29 -11.72 5.79
CA SER B 49 -33.35 -12.19 4.42
C SER B 49 -34.77 -12.06 3.86
N SER B 50 -35.78 -12.50 4.63
CA SER B 50 -37.15 -12.45 4.11
C SER B 50 -37.69 -11.01 4.10
N ILE B 51 -37.30 -10.17 5.06
CA ILE B 51 -37.66 -8.76 5.03
C ILE B 51 -37.15 -8.12 3.74
N VAL B 52 -35.87 -8.33 3.39
CA VAL B 52 -35.30 -7.76 2.19
C VAL B 52 -36.02 -8.31 0.94
N ALA B 53 -36.13 -9.64 0.85
CA ALA B 53 -36.63 -10.31 -0.35
C ALA B 53 -38.10 -9.92 -0.60
N ASN B 54 -38.93 -9.97 0.45
CA ASN B 54 -40.33 -9.64 0.28
C ASN B 54 -40.50 -8.17 -0.12
N ALA B 55 -39.74 -7.26 0.51
CA ALA B 55 -39.83 -5.85 0.17
C ALA B 55 -39.41 -5.63 -1.28
N ALA B 56 -38.28 -6.26 -1.69
CA ALA B 56 -37.81 -6.13 -3.06
C ALA B 56 -38.88 -6.63 -4.03
N ARG B 57 -39.45 -7.82 -3.76
CA ARG B 57 -40.45 -8.40 -4.62
C ARG B 57 -41.63 -7.42 -4.77
N ALA B 58 -42.03 -6.83 -3.63
CA ALA B 58 -43.18 -5.93 -3.65
C ALA B 58 -42.83 -4.65 -4.39
N LEU B 59 -41.58 -4.17 -4.24
CA LEU B 59 -41.17 -2.97 -4.97
C LEU B 59 -41.31 -3.18 -6.49
N PHE B 60 -40.82 -4.32 -7.00
CA PHE B 60 -40.74 -4.58 -8.43
C PHE B 60 -42.13 -4.87 -8.99
N ALA B 61 -43.03 -5.43 -8.17
CA ALA B 61 -44.42 -5.68 -8.55
C ALA B 61 -45.21 -4.38 -8.75
N GLU B 62 -44.85 -3.29 -8.07
CA GLU B 62 -45.57 -2.04 -8.16
C GLU B 62 -44.87 -1.08 -9.13
N GLN B 63 -43.57 -1.31 -9.36
CA GLN B 63 -42.81 -0.52 -10.33
C GLN B 63 -42.10 -1.43 -11.32
N PRO B 64 -42.84 -2.15 -12.20
CA PRO B 64 -42.21 -3.13 -13.11
C PRO B 64 -41.12 -2.49 -13.99
N SER B 65 -41.14 -1.17 -14.14
CA SER B 65 -40.15 -0.64 -15.08
C SER B 65 -38.74 -0.67 -14.49
N LEU B 66 -38.65 -0.90 -13.16
CA LEU B 66 -37.33 -1.04 -12.57
C LEU B 66 -36.61 -2.28 -13.10
N ILE B 67 -37.34 -3.32 -13.48
CA ILE B 67 -36.70 -4.60 -13.82
C ILE B 67 -36.87 -4.90 -15.30
N ALA B 68 -37.71 -4.15 -15.99
CA ALA B 68 -37.76 -4.28 -17.44
C ALA B 68 -36.38 -3.94 -18.01
N PRO B 69 -35.98 -4.51 -19.18
CA PRO B 69 -34.72 -4.10 -19.82
C PRO B 69 -34.56 -2.58 -19.90
N GLY B 70 -33.36 -2.09 -19.56
CA GLY B 70 -33.11 -0.66 -19.50
C GLY B 70 -33.43 -0.09 -18.11
N GLY B 71 -34.16 -0.83 -17.27
CA GLY B 71 -34.49 -0.37 -15.93
C GLY B 71 -33.32 -0.50 -14.95
N ALA B 73 -32.87 -1.80 -12.04
CA ALA B 73 -32.66 -3.10 -11.41
C ALA B 73 -32.55 -4.25 -12.42
N TYR B 74 -32.49 -3.96 -13.72
CA TYR B 74 -32.30 -4.98 -14.76
C TYR B 74 -30.82 -5.37 -14.86
N THR B 75 -30.54 -6.62 -15.30
CA THR B 75 -29.26 -7.33 -15.24
C THR B 75 -29.02 -7.80 -13.81
N ASN B 76 -28.34 -8.95 -13.68
CA ASN B 76 -28.20 -9.54 -12.36
C ASN B 76 -27.27 -8.70 -11.50
N ARG B 77 -26.30 -7.99 -12.13
CA ARG B 77 -25.36 -7.20 -11.33
C ARG B 77 -26.09 -6.07 -10.62
N ARG B 78 -26.97 -5.38 -11.36
CA ARG B 78 -27.80 -4.30 -10.84
C ARG B 78 -28.80 -4.82 -9.81
N MET B 79 -29.45 -5.97 -10.08
CA MET B 79 -30.34 -6.57 -9.11
C MET B 79 -29.58 -6.87 -7.81
N ALA B 80 -28.42 -7.54 -7.89
CA ALA B 80 -27.68 -7.94 -6.70
C ALA B 80 -27.26 -6.69 -5.92
N ALA B 81 -26.90 -5.61 -6.63
CA ALA B 81 -26.52 -4.37 -5.96
C ALA B 81 -27.74 -3.80 -5.23
N CYS B 82 -28.91 -3.85 -5.87
CA CYS B 82 -30.09 -3.29 -5.24
C CYS B 82 -30.43 -4.07 -3.96
N LEU B 83 -30.46 -5.41 -4.07
CA LEU B 83 -30.70 -6.28 -2.94
C LEU B 83 -29.71 -6.02 -1.81
N ARG B 84 -28.42 -5.80 -2.15
CA ARG B 84 -27.38 -5.53 -1.17
C ARG B 84 -27.67 -4.22 -0.42
N ASP B 85 -28.08 -3.18 -1.17
CA ASP B 85 -28.42 -1.89 -0.58
C ASP B 85 -29.52 -2.05 0.46
N MET B 86 -30.55 -2.82 0.14
CA MET B 86 -31.67 -3.03 1.03
C MET B 86 -31.16 -3.70 2.31
N GLU B 87 -30.31 -4.71 2.13
CA GLU B 87 -29.73 -5.44 3.25
C GLU B 87 -28.84 -4.54 4.11
N ILE B 88 -28.04 -3.68 3.48
CA ILE B 88 -27.15 -2.74 4.16
C ILE B 88 -27.98 -1.78 5.00
N ILE B 89 -29.02 -1.19 4.39
CA ILE B 89 -29.88 -0.23 5.07
C ILE B 89 -30.52 -0.89 6.29
N LEU B 90 -31.08 -2.09 6.11
CA LEU B 90 -31.66 -2.82 7.26
C LEU B 90 -30.60 -3.09 8.34
N ARG B 91 -29.39 -3.46 7.92
CA ARG B 91 -28.34 -3.77 8.87
C ARG B 91 -28.07 -2.56 9.77
N TYR B 92 -27.91 -1.38 9.15
CA TYR B 92 -27.53 -0.17 9.84
C TYR B 92 -28.67 0.33 10.71
N VAL B 93 -29.92 0.07 10.29
CA VAL B 93 -31.08 0.34 11.10
C VAL B 93 -31.02 -0.47 12.39
N THR B 94 -30.62 -1.76 12.30
CA THR B 94 -30.52 -2.52 13.54
C THR B 94 -29.38 -2.01 14.43
N TYR B 95 -28.31 -1.46 13.84
CA TYR B 95 -27.22 -0.95 14.66
C TYR B 95 -27.67 0.27 15.47
N ALA B 96 -28.50 1.13 14.84
CA ALA B 96 -29.10 2.28 15.51
C ALA B 96 -30.01 1.86 16.67
N VAL B 97 -30.83 0.82 16.47
CA VAL B 97 -31.63 0.30 17.58
C VAL B 97 -30.72 -0.19 18.71
N PHE B 98 -29.64 -0.89 18.35
CA PHE B 98 -28.75 -1.52 19.32
C PHE B 98 -28.08 -0.46 20.20
N THR B 99 -27.55 0.59 19.55
CA THR B 99 -26.80 1.61 20.27
C THR B 99 -27.75 2.64 20.87
N GLY B 100 -28.99 2.73 20.35
CA GLY B 100 -29.92 3.73 20.88
C GLY B 100 -29.63 5.14 20.34
N ASP B 101 -28.97 5.24 19.18
CA ASP B 101 -28.67 6.55 18.61
C ASP B 101 -28.54 6.41 17.10
N ALA B 102 -28.94 7.46 16.36
CA ALA B 102 -29.04 7.47 14.90
C ALA B 102 -27.66 7.57 14.25
N SER B 103 -26.65 8.00 15.03
CA SER B 103 -25.38 8.38 14.43
C SER B 103 -24.72 7.24 13.64
N ILE B 104 -24.76 6.00 14.14
CA ILE B 104 -24.16 4.91 13.37
C ILE B 104 -24.78 4.90 11.96
N LEU B 105 -26.11 5.03 11.90
CA LEU B 105 -26.85 4.93 10.64
C LEU B 105 -26.56 6.15 9.74
N ASP B 106 -26.58 7.36 10.31
CA ASP B 106 -26.38 8.59 9.55
C ASP B 106 -24.94 8.72 9.07
N ASP B 107 -23.97 8.43 9.96
CA ASP B 107 -22.57 8.71 9.71
C ASP B 107 -21.97 7.65 8.79
N ARG B 108 -22.41 6.40 8.96
CA ARG B 108 -21.73 5.33 8.27
C ARG B 108 -22.52 4.84 7.06
N CYS B 109 -23.79 5.28 6.91
CA CYS B 109 -24.67 4.67 5.91
C CYS B 109 -25.34 5.75 5.04
N LEU B 110 -26.10 6.64 5.67
CA LEU B 110 -26.94 7.55 4.89
C LEU B 110 -26.16 8.77 4.40
N ASN B 111 -25.08 9.14 5.09
CA ASN B 111 -24.37 10.36 4.73
C ASN B 111 -23.76 10.16 3.35
N GLY B 112 -24.16 11.01 2.41
CA GLY B 112 -23.60 10.99 1.06
C GLY B 112 -24.32 10.03 0.12
N LEU B 113 -25.35 9.32 0.61
CA LEU B 113 -26.00 8.29 -0.20
C LEU B 113 -26.86 8.92 -1.30
N ARG B 114 -27.55 10.04 -0.98
CA ARG B 114 -28.36 10.73 -1.96
C ARG B 114 -27.51 11.05 -3.18
N GLU B 115 -26.30 11.56 -2.91
CA GLU B 115 -25.34 11.97 -3.94
C GLU B 115 -24.84 10.75 -4.71
N THR B 116 -24.50 9.69 -3.99
CA THR B 116 -24.08 8.45 -4.63
C THR B 116 -25.12 8.01 -5.65
N TYR B 117 -26.38 7.92 -5.22
CA TYR B 117 -27.45 7.48 -6.10
C TYR B 117 -27.61 8.41 -7.31
N LEU B 118 -27.56 9.74 -7.08
CA LEU B 118 -27.81 10.70 -8.15
C LEU B 118 -26.71 10.58 -9.21
N ALA B 119 -25.47 10.33 -8.78
CA ALA B 119 -24.34 10.16 -9.66
C ALA B 119 -24.47 8.86 -10.46
N LEU B 120 -25.12 7.82 -9.90
CA LEU B 120 -25.19 6.54 -10.60
C LEU B 120 -26.44 6.47 -11.47
N GLY B 121 -27.35 7.43 -11.30
CA GLY B 121 -28.71 7.31 -11.81
C GLY B 121 -29.53 6.24 -11.07
N VAL B 122 -29.19 5.89 -9.83
CA VAL B 122 -30.09 5.04 -9.05
C VAL B 122 -31.31 5.85 -8.63
N PRO B 123 -32.57 5.41 -8.89
CA PRO B 123 -33.72 6.25 -8.51
C PRO B 123 -33.97 6.22 -7.00
N GLY B 124 -33.53 7.28 -6.30
CA GLY B 124 -33.62 7.37 -4.86
C GLY B 124 -35.05 7.22 -4.33
N ALA B 125 -36.03 7.78 -5.04
CA ALA B 125 -37.43 7.65 -4.64
C ALA B 125 -37.85 6.17 -4.59
N SER B 126 -37.34 5.35 -5.50
CA SER B 126 -37.71 3.95 -5.52
C SER B 126 -37.00 3.19 -4.38
N VAL B 127 -35.75 3.54 -4.08
CA VAL B 127 -35.09 3.04 -2.86
C VAL B 127 -35.93 3.33 -1.59
N ALA B 128 -36.37 4.58 -1.43
CA ALA B 128 -37.18 4.99 -0.30
C ALA B 128 -38.42 4.10 -0.16
N GLU B 129 -39.08 3.82 -1.29
CA GLU B 129 -40.26 2.96 -1.25
C GLU B 129 -39.86 1.56 -0.75
N GLY B 130 -38.70 1.07 -1.20
CA GLY B 130 -38.20 -0.22 -0.74
C GLY B 130 -37.98 -0.22 0.77
N VAL B 131 -37.45 0.89 1.28
CA VAL B 131 -37.21 1.06 2.70
C VAL B 131 -38.52 1.07 3.50
N ARG B 132 -39.54 1.80 3.03
CA ARG B 132 -40.84 1.86 3.67
C ARG B 132 -41.47 0.46 3.72
N LYS B 133 -41.27 -0.33 2.68
CA LYS B 133 -41.79 -1.67 2.70
C LYS B 133 -41.08 -2.49 3.77
N MET B 134 -39.75 -2.35 3.90
CA MET B 134 -39.07 -3.11 4.93
C MET B 134 -39.53 -2.62 6.31
N LYS B 135 -39.77 -1.29 6.42
CA LYS B 135 -40.19 -0.72 7.69
C LYS B 135 -41.44 -1.44 8.17
N ASP B 136 -42.45 -1.54 7.29
CA ASP B 136 -43.74 -2.06 7.71
C ASP B 136 -43.60 -3.53 8.10
N ALA B 137 -42.84 -4.29 7.29
CA ALA B 137 -42.56 -5.70 7.56
C ALA B 137 -41.88 -5.87 8.92
N ALA B 138 -40.80 -5.10 9.15
CA ALA B 138 -40.02 -5.16 10.37
C ALA B 138 -40.85 -4.76 11.58
N VAL B 139 -41.63 -3.68 11.45
CA VAL B 139 -42.49 -3.24 12.56
C VAL B 139 -43.47 -4.36 12.93
N ALA B 140 -44.03 -5.07 11.93
CA ALA B 140 -45.03 -6.09 12.20
C ALA B 140 -44.40 -7.30 12.91
N ILE B 141 -43.17 -7.68 12.52
CA ILE B 141 -42.40 -8.74 13.15
C ILE B 141 -42.07 -8.38 14.60
N VAL B 142 -41.63 -7.15 14.84
CA VAL B 142 -41.19 -6.77 16.19
C VAL B 142 -42.43 -6.70 17.09
N SER B 143 -43.55 -6.28 16.49
CA SER B 143 -44.83 -6.06 17.17
C SER B 143 -45.50 -7.38 17.55
N ASP B 144 -45.13 -8.47 16.87
CA ASP B 144 -45.92 -9.71 16.96
C ASP B 144 -45.85 -10.28 18.37
N ARG B 145 -47.03 -10.48 18.96
CA ARG B 145 -47.16 -10.95 20.33
C ARG B 145 -46.74 -12.42 20.51
N ASN B 146 -46.62 -13.21 19.43
CA ASN B 146 -46.42 -14.64 19.61
C ASN B 146 -44.97 -14.88 20.04
N GLY B 147 -44.75 -15.81 20.98
CA GLY B 147 -43.43 -16.36 21.27
C GLY B 147 -42.51 -15.45 22.08
N ILE B 148 -43.06 -14.56 22.92
CA ILE B 148 -42.23 -13.63 23.67
C ILE B 148 -43.00 -13.24 24.93
N THR B 149 -42.28 -12.87 26.01
CA THR B 149 -42.94 -12.32 27.18
C THR B 149 -43.67 -11.03 26.79
N GLN B 150 -44.97 -10.93 27.20
CA GLN B 150 -45.89 -9.84 26.87
C GLN B 150 -45.48 -8.54 27.57
N GLY B 151 -45.67 -7.42 26.88
CA GLY B 151 -45.47 -6.12 27.50
C GLY B 151 -45.58 -5.02 26.43
N ASP B 152 -45.25 -3.79 26.82
CA ASP B 152 -45.47 -2.64 25.96
C ASP B 152 -44.16 -2.30 25.24
N CYS B 153 -44.12 -2.54 23.93
CA CYS B 153 -42.96 -2.19 23.14
C CYS B 153 -43.17 -0.90 22.33
N SER B 154 -44.17 -0.09 22.68
CA SER B 154 -44.54 1.04 21.82
C SER B 154 -43.38 2.02 21.61
N ALA B 155 -42.63 2.31 22.69
CA ALA B 155 -41.53 3.26 22.61
C ALA B 155 -40.45 2.75 21.65
N ILE B 156 -40.01 1.49 21.83
CA ILE B 156 -38.93 0.96 21.02
C ILE B 156 -39.38 0.77 19.56
N ILE B 157 -40.65 0.42 19.35
CA ILE B 157 -41.17 0.29 17.99
C ILE B 157 -41.19 1.66 17.28
N SER B 158 -41.58 2.70 18.03
CA SER B 158 -41.60 4.06 17.53
C SER B 158 -40.16 4.52 17.25
N GLU B 159 -39.22 4.15 18.12
CA GLU B 159 -37.83 4.51 17.88
C GLU B 159 -37.33 3.78 16.64
N LEU B 160 -37.64 2.48 16.53
CA LEU B 160 -37.32 1.73 15.31
C LEU B 160 -37.87 2.44 14.07
N GLY B 161 -39.18 2.76 14.06
CA GLY B 161 -39.77 3.46 12.92
C GLY B 161 -39.01 4.73 12.52
N SER B 162 -38.55 5.48 13.52
CA SER B 162 -37.83 6.74 13.30
C SER B 162 -36.52 6.49 12.55
N TYR B 163 -35.92 5.30 12.71
CA TYR B 163 -34.66 5.03 12.04
C TYR B 163 -34.93 4.69 10.57
N PHE B 164 -35.97 3.88 10.34
CA PHE B 164 -36.42 3.64 8.99
C PHE B 164 -36.81 4.94 8.28
N ASP B 165 -37.54 5.84 8.95
CA ASP B 165 -37.94 7.10 8.32
C ASP B 165 -36.71 7.92 7.93
N LYS B 166 -35.68 7.95 8.79
CA LYS B 166 -34.45 8.64 8.42
C LYS B 166 -33.86 8.07 7.14
N ALA B 167 -33.87 6.74 7.04
CA ALA B 167 -33.31 6.06 5.87
C ALA B 167 -34.07 6.46 4.59
N ALA B 168 -35.41 6.37 4.62
CA ALA B 168 -36.24 6.69 3.47
C ALA B 168 -35.99 8.13 3.00
N ALA B 169 -35.90 9.07 3.96
CA ALA B 169 -35.79 10.48 3.66
C ALA B 169 -34.38 10.78 3.14
N ALA B 170 -33.37 10.00 3.54
CA ALA B 170 -32.00 10.30 3.10
C ALA B 170 -31.75 9.92 1.64
N VAL B 171 -32.46 8.91 1.11
CA VAL B 171 -32.16 8.38 -0.22
C VAL B 171 -32.95 9.15 -1.28
N ALA B 172 -34.13 9.67 -0.92
CA ALA B 172 -34.90 10.48 -1.84
C ALA B 172 -34.21 11.86 -2.00
N SER C 1 23.17 7.29 12.95
CA SER C 1 22.45 8.42 13.60
C SER C 1 22.82 9.71 12.87
N LYS C 2 22.13 10.80 13.21
CA LYS C 2 22.21 12.04 12.46
C LYS C 2 23.52 12.82 12.70
N THR C 3 24.24 13.05 11.60
CA THR C 3 25.41 13.93 11.55
C THR C 3 25.41 14.56 10.17
N PRO C 4 26.18 15.63 9.87
CA PRO C 4 26.18 16.16 8.51
C PRO C 4 26.56 15.08 7.48
N LEU C 5 27.51 14.21 7.83
CA LEU C 5 28.01 13.23 6.88
C LEU C 5 26.96 12.15 6.61
N THR C 6 26.29 11.64 7.66
CA THR C 6 25.36 10.54 7.45
C THR C 6 24.12 11.07 6.73
N GLU C 7 23.67 12.30 7.08
CA GLU C 7 22.56 12.96 6.39
C GLU C 7 22.87 13.14 4.90
N ALA C 8 24.10 13.64 4.56
CA ALA C 8 24.38 13.89 3.15
C ALA C 8 24.33 12.58 2.36
N VAL C 9 24.95 11.52 2.90
CA VAL C 9 24.98 10.24 2.21
C VAL C 9 23.58 9.61 2.17
N ALA C 10 22.75 9.81 3.21
CA ALA C 10 21.43 9.18 3.20
C ALA C 10 20.54 9.79 2.11
N ALA C 11 20.62 11.12 1.95
CA ALA C 11 19.92 11.84 0.91
C ALA C 11 20.33 11.35 -0.49
N ALA C 12 21.65 11.31 -0.77
CA ALA C 12 22.15 10.87 -2.07
C ALA C 12 21.74 9.42 -2.33
N ASP C 13 21.87 8.58 -1.31
CA ASP C 13 21.52 7.16 -1.39
C ASP C 13 20.05 7.00 -1.79
N SER C 14 19.17 7.74 -1.10
CA SER C 14 17.75 7.57 -1.35
C SER C 14 17.40 8.07 -2.75
N GLN C 15 18.24 8.93 -3.32
CA GLN C 15 17.94 9.39 -4.66
C GLN C 15 18.72 8.54 -5.67
N GLY C 16 19.48 7.54 -5.20
CA GLY C 16 20.28 6.70 -6.08
C GLY C 16 21.36 7.48 -6.83
N ARG C 17 21.96 8.50 -6.19
CA ARG C 17 22.79 9.49 -6.85
C ARG C 17 24.20 9.54 -6.25
N PHE C 18 25.18 9.84 -7.10
CA PHE C 18 26.51 10.22 -6.62
C PHE C 18 26.39 11.48 -5.78
N LEU C 19 27.29 11.61 -4.80
CA LEU C 19 27.47 12.87 -4.08
C LEU C 19 27.84 13.94 -5.10
N SER C 20 27.45 15.17 -4.81
CA SER C 20 27.68 16.27 -5.74
C SER C 20 28.15 17.48 -4.93
N SER C 21 28.31 18.65 -5.59
CA SER C 21 28.85 19.79 -4.88
C SER C 21 28.03 20.10 -3.62
N THR C 22 26.76 19.72 -3.62
CA THR C 22 25.89 19.99 -2.49
C THR C 22 26.41 19.26 -1.25
N GLU C 23 26.69 17.95 -1.40
CA GLU C 23 27.21 17.13 -0.32
C GLU C 23 28.67 17.48 -0.01
N LEU C 24 29.45 17.91 -1.02
CA LEU C 24 30.79 18.40 -0.73
C LEU C 24 30.71 19.63 0.18
N GLN C 25 29.78 20.57 -0.09
CA GLN C 25 29.61 21.69 0.82
C GLN C 25 29.23 21.22 2.24
N VAL C 26 28.46 20.13 2.34
CA VAL C 26 28.12 19.63 3.66
C VAL C 26 29.42 19.22 4.38
N ALA C 27 30.32 18.50 3.68
CA ALA C 27 31.60 18.08 4.24
C ALA C 27 32.49 19.28 4.65
N PHE C 28 32.63 20.29 3.78
CA PHE C 28 33.30 21.53 4.17
C PHE C 28 32.74 22.13 5.46
N GLY C 29 31.40 22.15 5.61
CA GLY C 29 30.79 22.67 6.83
C GLY C 29 31.12 21.80 8.03
N ARG C 30 30.99 20.47 7.87
CA ARG C 30 31.45 19.52 8.89
C ARG C 30 32.89 19.83 9.32
N PHE C 31 33.82 19.92 8.37
CA PHE C 31 35.24 20.05 8.73
C PHE C 31 35.62 21.45 9.24
N ARG C 32 34.85 22.49 8.89
CA ARG C 32 35.01 23.79 9.52
C ARG C 32 34.70 23.68 11.02
N GLN C 33 33.72 22.83 11.37
CA GLN C 33 33.13 22.76 12.71
C GLN C 33 33.92 21.80 13.61
N ALA C 34 34.47 20.74 13.02
CA ALA C 34 34.80 19.54 13.76
C ALA C 34 35.89 19.77 14.81
N ALA C 35 36.94 20.57 14.52
CA ALA C 35 37.99 20.80 15.51
C ALA C 35 37.43 21.46 16.77
N SER C 36 36.53 22.44 16.61
CA SER C 36 36.01 23.08 17.81
C SER C 36 35.04 22.15 18.55
N GLY C 37 34.43 21.20 17.83
CA GLY C 37 33.61 20.14 18.42
C GLY C 37 34.45 19.17 19.27
N LEU C 38 35.60 18.71 18.72
CA LEU C 38 36.50 17.84 19.44
C LEU C 38 37.10 18.55 20.66
N ALA C 39 37.48 19.83 20.50
CA ALA C 39 38.00 20.61 21.62
C ALA C 39 36.95 20.68 22.72
N ALA C 40 35.67 20.87 22.34
CA ALA C 40 34.61 21.02 23.33
C ALA C 40 34.41 19.71 24.08
N ALA C 41 34.29 18.60 23.32
CA ALA C 41 34.21 17.26 23.87
C ALA C 41 35.33 17.03 24.88
N LYS C 42 36.56 17.43 24.54
CA LYS C 42 37.72 17.14 25.38
C LYS C 42 37.67 18.00 26.65
N ALA C 43 37.24 19.26 26.53
CA ALA C 43 37.16 20.12 27.71
C ALA C 43 36.05 19.62 28.64
N LEU C 44 34.85 19.33 28.09
CA LEU C 44 33.76 18.90 28.96
C LEU C 44 34.18 17.63 29.70
N ALA C 45 34.82 16.70 28.98
CA ALA C 45 35.27 15.43 29.55
C ALA C 45 36.21 15.67 30.73
N ASN C 46 37.22 16.55 30.55
CA ASN C 46 38.23 16.76 31.59
C ASN C 46 37.68 17.56 32.77
N ASN C 47 36.55 18.24 32.58
CA ASN C 47 35.92 19.00 33.65
C ASN C 47 34.70 18.25 34.22
N ALA C 48 34.55 16.94 33.94
CA ALA C 48 33.32 16.18 34.19
C ALA C 48 32.96 16.08 35.68
N ASP C 49 33.91 15.69 36.55
CA ASP C 49 33.63 15.60 37.98
C ASP C 49 33.06 16.92 38.50
N SER C 50 33.68 18.06 38.10
CA SER C 50 33.21 19.35 38.58
C SER C 50 31.82 19.68 38.03
N LEU C 51 31.60 19.50 36.70
CA LEU C 51 30.30 19.82 36.12
C LEU C 51 29.18 18.90 36.66
N VAL C 52 29.46 17.61 36.80
CA VAL C 52 28.42 16.66 37.23
C VAL C 52 28.02 16.94 38.69
N ASN C 53 29.01 17.07 39.58
CA ASN C 53 28.77 17.40 40.98
C ASN C 53 28.10 18.77 41.15
N GLY C 54 28.59 19.78 40.42
CA GLY C 54 27.98 21.11 40.48
C GLY C 54 26.51 21.06 40.03
N ALA C 55 26.25 20.33 38.93
CA ALA C 55 24.90 20.20 38.39
C ALA C 55 23.99 19.47 39.37
N ALA C 56 24.42 18.31 39.90
CA ALA C 56 23.63 17.60 40.90
C ALA C 56 23.23 18.55 42.03
N ASN C 57 24.17 19.39 42.50
CA ASN C 57 23.89 20.23 43.67
C ASN C 57 22.94 21.36 43.29
N ALA C 58 23.05 21.80 42.00
CA ALA C 58 22.10 22.78 41.50
C ALA C 58 20.68 22.20 41.52
N VAL C 59 20.54 20.92 41.13
CA VAL C 59 19.24 20.29 41.17
C VAL C 59 18.73 20.23 42.62
N TYR C 60 19.58 19.77 43.55
CA TYR C 60 19.18 19.60 44.94
C TYR C 60 18.81 20.92 45.60
N SER C 61 19.47 22.05 45.26
CA SER C 61 19.13 23.36 45.80
C SER C 61 17.81 23.86 45.23
N LYS C 62 17.56 23.67 43.92
CA LYS C 62 16.33 24.18 43.31
C LYS C 62 15.14 23.33 43.75
N PHE C 63 15.38 22.03 43.99
CA PHE C 63 14.32 21.09 44.36
C PHE C 63 14.71 20.34 45.63
N PRO C 64 14.71 21.01 46.81
CA PRO C 64 15.14 20.39 48.06
C PRO C 64 14.31 19.17 48.46
N TYR C 65 13.02 19.13 48.08
CA TYR C 65 12.21 17.96 48.38
C TYR C 65 12.88 16.68 47.89
N THR C 66 13.75 16.78 46.86
CA THR C 66 14.34 15.57 46.26
C THR C 66 15.36 14.95 47.19
N THR C 67 15.83 15.70 48.19
CA THR C 67 16.82 15.15 49.10
C THR C 67 16.22 14.74 50.44
N SER C 68 14.95 15.09 50.69
CA SER C 68 14.34 14.90 52.01
C SER C 68 13.16 13.95 51.93
N THR C 69 12.62 13.71 50.72
CA THR C 69 11.44 12.89 50.57
C THR C 69 11.85 11.43 50.33
N PRO C 70 11.27 10.45 51.07
CA PRO C 70 11.55 9.04 50.82
C PRO C 70 10.82 8.63 49.54
N GLY C 71 11.42 7.68 48.81
CA GLY C 71 10.83 7.19 47.56
C GLY C 71 11.91 6.72 46.58
N ASN C 72 11.56 5.71 45.78
CA ASN C 72 12.43 5.11 44.79
C ASN C 72 13.01 6.15 43.81
N ASN C 73 12.22 7.18 43.50
CA ASN C 73 12.58 8.14 42.48
C ASN C 73 13.38 9.32 43.05
N PHE C 74 13.61 9.33 44.37
CA PHE C 74 14.23 10.51 44.98
C PHE C 74 15.68 10.25 45.40
N ALA C 75 16.38 11.34 45.71
CA ALA C 75 17.77 11.30 46.11
C ALA C 75 17.85 11.61 47.61
N SER C 76 16.95 11.02 48.38
CA SER C 76 17.00 11.16 49.83
C SER C 76 17.97 10.18 50.47
N THR C 77 18.54 9.25 49.70
CA THR C 77 19.44 8.23 50.23
C THR C 77 20.76 8.30 49.48
N PRO C 78 21.86 7.67 49.96
CA PRO C 78 23.08 7.56 49.14
C PRO C 78 22.87 6.92 47.77
N GLU C 79 22.01 5.89 47.68
CA GLU C 79 21.78 5.19 46.43
C GLU C 79 21.09 6.14 45.45
N GLY C 80 20.05 6.85 45.92
CA GLY C 80 19.34 7.84 45.13
C GLY C 80 20.26 8.92 44.56
N LYS C 81 21.11 9.49 45.43
CA LYS C 81 22.04 10.52 45.02
C LYS C 81 22.98 9.95 43.95
N ALA C 82 23.35 8.68 44.07
CA ALA C 82 24.29 8.08 43.14
C ALA C 82 23.64 7.88 41.77
N LYS C 83 22.35 7.53 41.76
CA LYS C 83 21.59 7.38 40.51
C LYS C 83 21.50 8.71 39.77
N CYS C 84 21.30 9.78 40.55
CA CYS C 84 21.13 11.11 40.02
C CYS C 84 22.44 11.56 39.36
N ALA C 85 23.54 11.51 40.12
CA ALA C 85 24.90 11.81 39.66
C ALA C 85 25.22 10.99 38.40
N ARG C 86 24.93 9.68 38.42
CA ARG C 86 25.08 8.82 37.26
C ARG C 86 24.35 9.37 36.02
N ASP C 87 23.04 9.66 36.17
CA ASP C 87 22.20 10.23 35.11
C ASP C 87 22.81 11.51 34.56
N ILE C 88 23.21 12.43 35.44
CA ILE C 88 23.74 13.71 34.97
C ILE C 88 25.02 13.45 34.18
N GLY C 89 25.83 12.49 34.65
CA GLY C 89 27.04 12.10 33.95
C GLY C 89 26.68 11.49 32.59
N TYR C 90 25.54 10.80 32.50
CA TYR C 90 25.11 10.25 31.22
C TYR C 90 24.76 11.40 30.28
N TYR C 91 24.01 12.40 30.75
CA TYR C 91 23.71 13.56 29.92
C TYR C 91 25.01 14.23 29.46
N LEU C 92 25.96 14.46 30.38
CA LEU C 92 27.20 15.12 29.98
C LEU C 92 27.95 14.30 28.93
N ARG C 93 28.18 13.00 29.22
CA ARG C 93 29.00 12.18 28.33
C ARG C 93 28.39 12.16 26.92
N ILE C 94 27.09 11.90 26.84
CA ILE C 94 26.42 11.81 25.56
C ILE C 94 26.43 13.16 24.83
N VAL C 95 26.45 14.26 25.57
CA VAL C 95 26.60 15.56 24.94
C VAL C 95 27.99 15.66 24.29
N THR C 96 29.03 15.17 24.97
CA THR C 96 30.34 15.18 24.34
C THR C 96 30.33 14.35 23.06
N TYR C 97 29.54 13.26 23.06
CA TYR C 97 29.46 12.45 21.83
C TYR C 97 28.85 13.25 20.67
N ALA C 98 27.88 14.11 20.96
CA ALA C 98 27.22 14.92 19.94
C ALA C 98 28.24 15.90 19.33
N LEU C 99 29.17 16.39 20.16
CA LEU C 99 30.22 17.30 19.72
C LEU C 99 31.25 16.57 18.86
N VAL C 100 31.54 15.32 19.24
CA VAL C 100 32.45 14.48 18.47
C VAL C 100 31.83 14.17 17.10
N ALA C 101 30.51 13.85 17.10
CA ALA C 101 29.80 13.47 15.87
C ALA C 101 29.43 14.70 15.04
N GLY C 102 29.39 15.88 15.68
CA GLY C 102 28.89 17.08 15.03
C GLY C 102 27.40 17.00 14.69
N GLY C 103 26.60 16.35 15.55
CA GLY C 103 25.16 16.29 15.37
C GLY C 103 24.43 15.64 16.54
N THR C 104 23.11 15.71 16.54
CA THR C 104 22.33 15.20 17.66
C THR C 104 22.33 13.68 17.68
N GLY C 105 22.78 13.04 16.58
CA GLY C 105 22.73 11.59 16.43
C GLY C 105 22.94 10.78 17.73
N PRO C 106 24.12 10.88 18.42
CA PRO C 106 24.34 10.16 19.67
C PRO C 106 23.32 10.46 20.78
N ILE C 107 22.85 11.72 20.85
CA ILE C 107 21.82 12.08 21.81
C ILE C 107 20.52 11.35 21.47
N ASP C 108 20.15 11.39 20.19
CA ASP C 108 18.91 10.81 19.70
C ASP C 108 18.90 9.31 20.04
N GLU C 109 20.03 8.65 19.76
CA GLU C 109 20.14 7.21 19.85
C GLU C 109 20.26 6.71 21.30
N TYR C 110 21.18 7.29 22.08
CA TYR C 110 21.50 6.75 23.39
C TYR C 110 20.68 7.37 24.54
N LEU C 111 20.14 8.59 24.35
CA LEU C 111 19.44 9.24 25.45
C LEU C 111 17.97 9.59 25.12
N LEU C 112 17.71 10.23 23.97
CA LEU C 112 16.42 10.84 23.71
C LEU C 112 15.33 9.83 23.34
N ALA C 113 15.61 8.89 22.43
CA ALA C 113 14.63 7.87 22.08
C ALA C 113 14.30 7.06 23.35
N GLY C 114 13.03 7.06 23.76
CA GLY C 114 12.62 6.37 24.97
C GLY C 114 12.69 7.23 26.25
N LEU C 115 13.13 8.50 26.14
CA LEU C 115 13.35 9.38 27.28
C LEU C 115 12.05 9.70 28.04
N ASP C 116 11.00 10.13 27.33
CA ASP C 116 9.72 10.42 27.96
C ASP C 116 9.19 9.19 28.70
N GLU C 117 9.22 8.01 28.08
CA GLU C 117 8.72 6.78 28.71
C GLU C 117 9.46 6.50 30.03
N ILE C 118 10.78 6.68 30.04
CA ILE C 118 11.60 6.35 31.19
C ILE C 118 11.30 7.38 32.29
N ASN C 119 11.22 8.67 31.93
CA ASN C 119 10.96 9.68 32.95
C ASN C 119 9.60 9.41 33.59
N LYS C 120 8.66 8.92 32.77
CA LYS C 120 7.30 8.64 33.21
C LYS C 120 7.22 7.37 34.06
N THR C 121 7.79 6.25 33.58
CA THR C 121 7.73 4.99 34.31
C THR C 121 8.46 5.10 35.66
N PHE C 122 9.56 5.88 35.71
CA PHE C 122 10.31 5.91 36.96
C PHE C 122 9.99 7.16 37.77
N ASP C 123 9.08 7.99 37.25
CA ASP C 123 8.61 9.17 37.98
C ASP C 123 9.78 10.13 38.22
N LEU C 124 10.61 10.34 37.18
CA LEU C 124 11.67 11.34 37.18
C LEU C 124 11.15 12.62 36.53
N ALA C 125 11.34 13.75 37.20
CA ALA C 125 10.79 15.02 36.76
C ALA C 125 11.69 15.63 35.68
N PRO C 126 11.18 15.93 34.46
CA PRO C 126 12.01 16.54 33.42
C PRO C 126 12.71 17.83 33.87
N SER C 127 12.06 18.60 34.72
CA SER C 127 12.63 19.85 35.22
C SER C 127 13.88 19.63 36.08
N TRP C 128 14.00 18.46 36.71
CA TRP C 128 15.25 18.18 37.39
C TRP C 128 16.40 18.27 36.39
N TYR C 129 16.26 17.59 35.25
CA TYR C 129 17.33 17.46 34.27
C TYR C 129 17.58 18.81 33.59
N VAL C 130 16.49 19.58 33.36
CA VAL C 130 16.57 20.93 32.81
C VAL C 130 17.52 21.77 33.66
N GLU C 131 17.37 21.68 34.99
CA GLU C 131 18.18 22.46 35.92
C GLU C 131 19.66 22.05 35.84
N ALA C 132 19.91 20.74 35.75
CA ALA C 132 21.26 20.22 35.64
C ALA C 132 21.90 20.72 34.35
N LEU C 133 21.12 20.73 33.27
CA LEU C 133 21.63 21.17 31.99
C LEU C 133 21.92 22.66 32.00
N LYS C 134 21.06 23.45 32.67
CA LYS C 134 21.26 24.89 32.79
C LYS C 134 22.55 25.20 33.56
N TYR C 135 22.81 24.41 34.62
CA TYR C 135 24.06 24.54 35.35
C TYR C 135 25.24 24.30 34.39
N ILE C 136 25.17 23.22 33.60
CA ILE C 136 26.26 22.87 32.70
C ILE C 136 26.52 24.03 31.73
N LYS C 137 25.45 24.66 31.23
CA LYS C 137 25.60 25.70 30.22
C LYS C 137 26.30 26.91 30.84
N ALA C 138 25.96 27.20 32.10
CA ALA C 138 26.49 28.36 32.80
C ALA C 138 27.92 28.13 33.31
N ASN C 139 28.42 26.88 33.30
CA ASN C 139 29.68 26.60 33.99
C ASN C 139 30.72 25.86 33.13
N HIS C 140 30.42 25.49 31.88
CA HIS C 140 31.40 24.77 31.08
C HIS C 140 32.56 25.67 30.66
N GLY C 141 32.33 27.01 30.53
CA GLY C 141 33.39 27.97 30.24
C GLY C 141 33.91 27.96 28.79
N LEU C 142 33.14 27.32 27.87
CA LEU C 142 33.56 27.28 26.47
C LEU C 142 33.35 28.61 25.77
N SER C 143 34.09 28.80 24.68
CA SER C 143 33.97 29.99 23.85
C SER C 143 33.65 29.64 22.40
N GLY C 144 33.32 30.68 21.63
CA GLY C 144 33.18 30.66 20.19
C GLY C 144 32.37 29.45 19.74
N ASP C 145 32.84 28.80 18.68
CA ASP C 145 32.09 27.73 18.03
C ASP C 145 31.90 26.53 18.96
N SER C 146 32.89 26.28 19.84
CA SER C 146 32.77 25.26 20.88
C SER C 146 31.53 25.50 21.74
N ARG C 147 31.45 26.71 22.32
CA ARG C 147 30.29 27.15 23.10
C ARG C 147 28.99 26.99 22.29
N ASP C 148 28.93 27.60 21.11
CA ASP C 148 27.72 27.58 20.30
C ASP C 148 27.24 26.15 20.00
N GLU C 149 28.13 25.25 19.58
CA GLU C 149 27.70 23.87 19.31
C GLU C 149 27.23 23.16 20.58
N ALA C 150 28.06 23.18 21.65
CA ALA C 150 27.70 22.58 22.93
C ALA C 150 26.32 23.05 23.41
N ASN C 151 26.11 24.37 23.34
CA ASN C 151 24.88 24.99 23.79
C ASN C 151 23.68 24.55 22.94
N SER C 152 23.90 24.34 21.64
CA SER C 152 22.86 23.78 20.80
C SER C 152 22.39 22.43 21.32
N TYR C 153 23.34 21.58 21.77
CA TYR C 153 22.94 20.26 22.23
C TYR C 153 22.31 20.33 23.61
N ILE C 154 22.83 21.22 24.45
CA ILE C 154 22.23 21.40 25.77
C ILE C 154 20.80 21.92 25.62
N ASP C 155 20.63 22.95 24.77
CA ASP C 155 19.30 23.54 24.57
C ASP C 155 18.37 22.53 23.90
N TYR C 156 18.92 21.67 23.03
CA TYR C 156 18.12 20.65 22.35
C TYR C 156 17.51 19.69 23.36
N LEU C 157 18.32 19.30 24.36
CA LEU C 157 17.87 18.44 25.44
C LEU C 157 16.84 19.14 26.32
N ILE C 158 17.10 20.42 26.71
CA ILE C 158 16.15 21.23 27.45
C ILE C 158 14.80 21.29 26.73
N ASN C 159 14.81 21.54 25.41
CA ASN C 159 13.56 21.58 24.65
C ASN C 159 12.85 20.23 24.65
N ALA C 160 13.61 19.14 24.52
CA ALA C 160 13.09 17.77 24.59
C ALA C 160 12.40 17.52 25.94
N LEU C 161 12.93 18.15 26.99
CA LEU C 161 12.43 17.91 28.35
C LEU C 161 11.27 18.84 28.71
N SER C 162 10.81 19.67 27.74
CA SER C 162 9.73 20.61 28.01
C SER C 162 8.74 20.59 26.86
N THR D 1 23.99 2.95 9.92
CA THR D 1 25.39 3.09 9.50
C THR D 1 26.11 4.07 10.45
N PHE D 2 27.43 4.13 10.29
CA PHE D 2 28.31 5.02 11.02
C PHE D 2 29.06 5.93 10.04
N ASP D 3 29.50 7.09 10.51
CA ASP D 3 30.58 7.80 9.86
C ASP D 3 31.82 7.63 10.74
N ALA D 4 32.96 8.25 10.41
CA ALA D 4 34.15 7.96 11.19
C ALA D 4 33.96 8.36 12.65
N PHE D 5 33.18 9.45 12.86
CA PHE D 5 32.97 10.03 14.17
C PHE D 5 32.04 9.14 15.00
N THR D 6 30.87 8.76 14.47
CA THR D 6 29.92 8.02 15.29
C THR D 6 30.41 6.58 15.54
N LYS D 7 31.31 6.10 14.68
CA LYS D 7 31.91 4.78 14.86
C LYS D 7 32.71 4.77 16.17
N VAL D 8 33.53 5.80 16.36
CA VAL D 8 34.35 5.93 17.56
C VAL D 8 33.43 6.10 18.78
N VAL D 9 32.45 6.98 18.61
CA VAL D 9 31.44 7.19 19.63
C VAL D 9 30.82 5.88 20.12
N ALA D 10 30.38 4.99 19.21
CA ALA D 10 29.78 3.71 19.58
C ALA D 10 30.74 2.87 20.42
N GLN D 11 32.01 2.80 20.02
CA GLN D 11 33.02 2.05 20.77
C GLN D 11 33.08 2.59 22.20
N ALA D 12 33.18 3.92 22.36
CA ALA D 12 33.23 4.52 23.71
C ALA D 12 31.94 4.29 24.50
N ASP D 13 30.76 4.44 23.87
CA ASP D 13 29.55 4.44 24.66
C ASP D 13 29.31 3.05 25.27
N ALA D 14 29.62 1.98 24.51
CA ALA D 14 29.50 0.60 24.99
C ALA D 14 30.36 0.39 26.24
N ARG D 15 31.46 1.18 26.39
CA ARG D 15 32.36 1.05 27.52
C ARG D 15 32.04 2.12 28.57
N GLY D 16 31.10 3.04 28.27
CA GLY D 16 30.71 4.06 29.24
C GLY D 16 31.84 5.07 29.50
N GLU D 17 32.65 5.35 28.47
CA GLU D 17 33.82 6.21 28.59
C GLU D 17 33.65 7.42 27.66
N PHE D 18 34.20 8.57 28.10
CA PHE D 18 34.60 9.63 27.19
C PHE D 18 35.63 9.06 26.22
N LEU D 19 35.71 9.63 25.02
CA LEU D 19 36.81 9.34 24.09
C LEU D 19 38.17 9.55 24.79
N SER D 20 39.09 8.62 24.55
CA SER D 20 40.49 8.76 24.92
C SER D 20 41.13 9.86 24.07
N ASP D 21 42.30 10.33 24.51
CA ASP D 21 43.13 11.23 23.74
C ASP D 21 43.49 10.65 22.37
N ALA D 22 43.72 9.33 22.35
CA ALA D 22 44.09 8.63 21.12
C ALA D 22 42.96 8.70 20.10
N GLN D 23 41.72 8.59 20.58
CA GLN D 23 40.56 8.60 19.72
C GLN D 23 40.33 10.03 19.23
N LEU D 24 40.49 11.01 20.12
CA LEU D 24 40.34 12.41 19.73
C LEU D 24 41.39 12.79 18.68
N ASP D 25 42.63 12.33 18.88
CA ASP D 25 43.74 12.65 17.99
C ASP D 25 43.55 12.03 16.61
N ALA D 26 42.98 10.83 16.56
CA ALA D 26 42.78 10.21 15.28
C ALA D 26 41.69 10.96 14.51
N LEU D 27 40.65 11.41 15.18
CA LEU D 27 39.58 12.12 14.47
C LEU D 27 40.08 13.52 14.04
N SER D 28 40.87 14.19 14.89
CA SER D 28 41.55 15.43 14.59
C SER D 28 42.39 15.35 13.30
N ARG D 29 43.15 14.27 13.14
CA ARG D 29 43.96 13.99 11.96
C ARG D 29 43.06 13.86 10.73
N LEU D 30 41.97 13.09 10.85
CA LEU D 30 40.98 12.96 9.78
C LEU D 30 40.42 14.34 9.41
N VAL D 31 40.11 15.18 10.40
CA VAL D 31 39.58 16.51 10.13
C VAL D 31 40.61 17.35 9.39
N ALA D 32 41.87 17.32 9.87
CA ALA D 32 42.95 18.08 9.25
C ALA D 32 43.17 17.71 7.79
N GLU D 33 42.90 16.45 7.44
CA GLU D 33 43.15 15.98 6.08
C GLU D 33 41.87 16.03 5.22
N GLY D 34 40.86 16.74 5.71
CA GLY D 34 39.52 16.67 5.14
C GLY D 34 39.44 17.11 3.67
N ASN D 35 40.21 18.14 3.29
CA ASN D 35 40.20 18.65 1.92
C ASN D 35 40.52 17.53 0.92
N LYS D 36 41.48 16.66 1.26
CA LYS D 36 41.89 15.57 0.39
C LYS D 36 40.84 14.48 0.32
N ARG D 37 40.08 14.27 1.41
CA ARG D 37 38.92 13.38 1.40
C ARG D 37 37.93 13.89 0.36
N ILE D 38 37.66 15.20 0.43
CA ILE D 38 36.67 15.83 -0.44
C ILE D 38 37.08 15.72 -1.91
N ASP D 39 38.35 16.01 -2.21
CA ASP D 39 38.87 15.95 -3.56
C ASP D 39 38.77 14.53 -4.11
N THR D 40 39.02 13.54 -3.25
CA THR D 40 38.94 12.13 -3.61
C THR D 40 37.52 11.79 -4.06
N VAL D 41 36.53 12.16 -3.21
CA VAL D 41 35.13 11.96 -3.56
C VAL D 41 34.85 12.65 -4.90
N ASN D 42 35.30 13.91 -5.01
CA ASN D 42 34.97 14.72 -6.18
C ASN D 42 35.54 14.13 -7.47
N ARG D 43 36.78 13.65 -7.38
CA ARG D 43 37.55 13.19 -8.53
C ARG D 43 36.94 11.91 -9.08
N ILE D 44 36.59 10.94 -8.21
CA ILE D 44 35.92 9.72 -8.65
C ILE D 44 34.56 10.04 -9.29
N THR D 45 33.77 10.88 -8.59
CA THR D 45 32.44 11.27 -9.06
C THR D 45 32.55 11.93 -10.44
N GLY D 46 33.49 12.88 -10.59
CA GLY D 46 33.64 13.62 -11.83
C GLY D 46 34.02 12.70 -12.99
N ASN D 47 34.51 11.49 -12.71
CA ASN D 47 34.92 10.58 -13.78
C ASN D 47 34.18 9.25 -13.69
N ALA D 48 33.00 9.24 -13.06
CA ALA D 48 32.27 8.01 -12.77
C ALA D 48 31.93 7.24 -14.05
N SER D 49 31.37 7.94 -15.04
CA SER D 49 30.91 7.28 -16.25
C SER D 49 32.05 6.56 -16.94
N SER D 50 33.22 7.22 -17.05
CA SER D 50 34.32 6.61 -17.77
C SER D 50 35.01 5.52 -16.93
N ILE D 51 35.07 5.68 -15.59
CA ILE D 51 35.62 4.62 -14.74
C ILE D 51 34.85 3.32 -14.97
N VAL D 52 33.52 3.40 -14.92
CA VAL D 52 32.64 2.26 -15.13
C VAL D 52 32.79 1.70 -16.55
N ALA D 53 32.61 2.56 -17.57
CA ALA D 53 32.66 2.15 -18.98
C ALA D 53 33.99 1.47 -19.31
N ASN D 54 35.11 2.09 -18.92
CA ASN D 54 36.43 1.59 -19.28
C ASN D 54 36.72 0.26 -18.59
N ALA D 55 36.35 0.14 -17.31
CA ALA D 55 36.52 -1.12 -16.60
C ALA D 55 35.67 -2.21 -17.25
N ALA D 56 34.41 -1.90 -17.58
CA ALA D 56 33.53 -2.85 -18.22
C ALA D 56 34.13 -3.29 -19.57
N ARG D 57 34.54 -2.33 -20.42
CA ARG D 57 35.18 -2.66 -21.68
C ARG D 57 36.40 -3.59 -21.47
N ALA D 58 37.25 -3.28 -20.47
CA ALA D 58 38.44 -4.09 -20.25
C ALA D 58 38.03 -5.50 -19.79
N LEU D 59 36.98 -5.58 -18.95
CA LEU D 59 36.55 -6.86 -18.42
C LEU D 59 36.04 -7.76 -19.54
N PHE D 60 35.27 -7.20 -20.48
CA PHE D 60 34.66 -7.98 -21.55
C PHE D 60 35.75 -8.42 -22.53
N ALA D 61 36.77 -7.57 -22.73
CA ALA D 61 37.84 -7.88 -23.68
C ALA D 61 38.67 -9.02 -23.09
N GLU D 62 38.82 -9.01 -21.76
CA GLU D 62 39.55 -10.05 -21.04
C GLU D 62 38.75 -11.34 -20.93
N GLN D 63 37.42 -11.22 -20.75
CA GLN D 63 36.55 -12.39 -20.55
C GLN D 63 35.44 -12.36 -21.61
N PRO D 64 35.77 -12.61 -22.89
CA PRO D 64 34.78 -12.56 -23.96
C PRO D 64 33.56 -13.47 -23.77
N SER D 65 33.69 -14.52 -22.93
CA SER D 65 32.56 -15.43 -22.74
C SER D 65 31.40 -14.77 -21.98
N LEU D 66 31.67 -13.70 -21.20
CA LEU D 66 30.59 -12.98 -20.54
C LEU D 66 29.61 -12.35 -21.54
N ILE D 67 30.08 -11.88 -22.71
CA ILE D 67 29.20 -11.16 -23.63
C ILE D 67 28.84 -12.02 -24.84
N ALA D 68 29.50 -13.18 -25.00
CA ALA D 68 29.09 -14.12 -26.05
C ALA D 68 27.66 -14.60 -25.77
N PRO D 69 26.84 -14.89 -26.81
CA PRO D 69 25.50 -15.43 -26.61
C PRO D 69 25.56 -16.54 -25.56
N GLY D 70 24.63 -16.51 -24.61
CA GLY D 70 24.66 -17.47 -23.52
C GLY D 70 25.45 -16.99 -22.31
N GLY D 71 26.26 -15.94 -22.46
CA GLY D 71 27.04 -15.46 -21.32
C GLY D 71 26.22 -14.53 -20.43
N ALA D 73 26.49 -11.49 -19.40
CA ALA D 73 26.34 -10.08 -19.76
C ALA D 73 25.79 -9.91 -21.18
N TYR D 74 25.40 -11.02 -21.84
CA TYR D 74 24.80 -10.97 -23.17
C TYR D 74 23.32 -10.59 -23.05
N THR D 75 22.75 -9.96 -24.10
CA THR D 75 21.47 -9.26 -24.07
C THR D 75 21.65 -7.88 -23.44
N ASN D 76 20.90 -6.90 -23.97
CA ASN D 76 21.08 -5.53 -23.50
C ASN D 76 20.58 -5.40 -22.06
N ARG D 77 19.64 -6.26 -21.67
CA ARG D 77 19.07 -6.15 -20.34
C ARG D 77 20.12 -6.57 -19.31
N ARG D 78 20.86 -7.65 -19.61
CA ARG D 78 21.92 -8.11 -18.72
C ARG D 78 23.13 -7.17 -18.80
N MET D 79 23.45 -6.65 -20.00
CA MET D 79 24.55 -5.70 -20.07
C MET D 79 24.24 -4.48 -19.20
N ALA D 80 23.00 -3.95 -19.32
CA ALA D 80 22.57 -2.79 -18.56
C ALA D 80 22.60 -3.05 -17.05
N ALA D 81 22.20 -4.27 -16.62
CA ALA D 81 22.23 -4.66 -15.21
C ALA D 81 23.66 -4.67 -14.68
N CYS D 82 24.56 -5.18 -15.51
CA CYS D 82 25.95 -5.36 -15.13
C CYS D 82 26.63 -3.98 -15.03
N LEU D 83 26.35 -3.11 -16.00
CA LEU D 83 26.84 -1.74 -15.94
C LEU D 83 26.33 -1.01 -14.69
N ARG D 84 25.02 -1.14 -14.38
CA ARG D 84 24.39 -0.57 -13.19
C ARG D 84 25.14 -1.03 -11.94
N ASP D 85 25.43 -2.35 -11.89
CA ASP D 85 26.14 -2.99 -10.77
C ASP D 85 27.47 -2.30 -10.52
N MET D 86 28.23 -2.08 -11.61
CA MET D 86 29.54 -1.45 -11.54
C MET D 86 29.38 -0.03 -10.99
N GLU D 87 28.34 0.66 -11.47
CA GLU D 87 28.10 2.03 -11.07
C GLU D 87 27.69 2.10 -9.60
N ILE D 88 26.86 1.14 -9.15
CA ILE D 88 26.35 1.08 -7.79
C ILE D 88 27.52 0.86 -6.82
N ILE D 89 28.40 -0.11 -7.14
CA ILE D 89 29.57 -0.39 -6.31
C ILE D 89 30.46 0.85 -6.21
N LEU D 90 30.73 1.52 -7.35
CA LEU D 90 31.59 2.70 -7.33
C LEU D 90 30.92 3.79 -6.51
N ARG D 91 29.60 3.91 -6.67
CA ARG D 91 28.85 4.90 -5.91
C ARG D 91 29.02 4.68 -4.40
N TYR D 92 28.77 3.47 -3.90
CA TYR D 92 28.87 3.13 -2.49
C TYR D 92 30.30 3.25 -1.97
N VAL D 93 31.31 3.04 -2.84
CA VAL D 93 32.69 3.25 -2.43
C VAL D 93 32.96 4.73 -2.18
N THR D 94 32.43 5.62 -3.02
CA THR D 94 32.57 7.05 -2.75
C THR D 94 31.86 7.45 -1.45
N TYR D 95 30.75 6.78 -1.12
CA TYR D 95 30.01 7.07 0.10
C TYR D 95 30.86 6.78 1.33
N ALA D 96 31.58 5.65 1.25
CA ALA D 96 32.49 5.20 2.29
C ALA D 96 33.67 6.16 2.46
N VAL D 97 34.22 6.66 1.34
CA VAL D 97 35.27 7.68 1.39
C VAL D 97 34.70 8.93 2.08
N PHE D 98 33.49 9.34 1.71
CA PHE D 98 32.87 10.57 2.19
C PHE D 98 32.68 10.50 3.71
N THR D 99 32.22 9.33 4.19
CA THR D 99 31.86 9.21 5.58
C THR D 99 33.06 8.79 6.43
N GLY D 100 34.13 8.30 5.77
CA GLY D 100 35.28 7.74 6.49
C GLY D 100 34.97 6.42 7.22
N ASP D 101 33.92 5.68 6.80
CA ASP D 101 33.60 4.38 7.39
C ASP D 101 33.01 3.46 6.31
N ALA D 102 33.30 2.14 6.43
CA ALA D 102 32.90 1.17 5.43
C ALA D 102 31.42 0.79 5.60
N SER D 103 30.82 1.13 6.75
CA SER D 103 29.49 0.63 7.05
C SER D 103 28.44 0.95 5.96
N ILE D 104 28.46 2.16 5.39
CA ILE D 104 27.51 2.47 4.32
C ILE D 104 27.63 1.45 3.17
N LEU D 105 28.86 1.05 2.87
CA LEU D 105 29.15 0.13 1.77
C LEU D 105 28.75 -1.31 2.14
N ASP D 106 29.15 -1.78 3.34
CA ASP D 106 28.83 -3.14 3.75
C ASP D 106 27.32 -3.29 3.96
N ASP D 107 26.73 -2.34 4.69
CA ASP D 107 25.37 -2.53 5.13
C ASP D 107 24.40 -2.39 3.97
N ARG D 108 24.61 -1.42 3.08
CA ARG D 108 23.58 -1.14 2.09
C ARG D 108 23.93 -1.72 0.73
N CYS D 109 25.12 -2.30 0.58
CA CYS D 109 25.55 -2.69 -0.75
C CYS D 109 26.11 -4.13 -0.77
N LEU D 110 27.16 -4.36 0.04
CA LEU D 110 27.90 -5.63 -0.06
C LEU D 110 27.20 -6.79 0.66
N ASN D 111 26.51 -6.52 1.76
CA ASN D 111 25.89 -7.58 2.55
C ASN D 111 24.83 -8.31 1.71
N GLY D 112 24.93 -9.65 1.61
CA GLY D 112 23.96 -10.45 0.86
C GLY D 112 24.19 -10.50 -0.66
N LEU D 113 25.16 -9.74 -1.18
CA LEU D 113 25.37 -9.66 -2.62
C LEU D 113 25.92 -10.99 -3.14
N ARG D 114 26.88 -11.58 -2.39
CA ARG D 114 27.45 -12.85 -2.78
C ARG D 114 26.33 -13.85 -3.05
N GLU D 115 25.34 -13.90 -2.14
CA GLU D 115 24.22 -14.84 -2.19
C GLU D 115 23.25 -14.44 -3.30
N THR D 116 22.98 -13.14 -3.45
CA THR D 116 22.22 -12.67 -4.61
C THR D 116 22.83 -13.18 -5.93
N TYR D 117 24.15 -12.99 -6.12
CA TYR D 117 24.85 -13.37 -7.35
C TYR D 117 24.84 -14.90 -7.55
N LEU D 118 25.12 -15.67 -6.48
CA LEU D 118 25.09 -17.13 -6.56
C LEU D 118 23.70 -17.62 -7.00
N ALA D 119 22.63 -17.05 -6.44
CA ALA D 119 21.27 -17.45 -6.77
C ALA D 119 20.89 -17.14 -8.22
N LEU D 120 21.40 -16.04 -8.80
CA LEU D 120 21.05 -15.63 -10.15
C LEU D 120 21.98 -16.30 -11.16
N GLY D 121 23.14 -16.80 -10.68
CA GLY D 121 24.18 -17.26 -11.58
C GLY D 121 25.03 -16.15 -12.19
N VAL D 122 25.02 -14.93 -11.61
CA VAL D 122 26.03 -13.90 -11.91
C VAL D 122 27.40 -14.41 -11.46
N PRO D 123 28.46 -14.42 -12.31
CA PRO D 123 29.79 -14.88 -11.86
C PRO D 123 30.45 -13.82 -10.97
N GLY D 124 30.35 -14.06 -9.66
CA GLY D 124 30.93 -13.20 -8.63
C GLY D 124 32.41 -12.92 -8.86
N ALA D 125 33.18 -13.94 -9.28
CA ALA D 125 34.61 -13.76 -9.55
C ALA D 125 34.84 -12.72 -10.65
N SER D 126 33.98 -12.70 -11.67
CA SER D 126 34.09 -11.74 -12.74
C SER D 126 33.71 -10.34 -12.26
N VAL D 127 32.64 -10.22 -11.47
CA VAL D 127 32.34 -8.94 -10.80
C VAL D 127 33.57 -8.44 -10.05
N ALA D 128 34.25 -9.34 -9.34
CA ALA D 128 35.39 -8.90 -8.53
C ALA D 128 36.48 -8.34 -9.42
N GLU D 129 36.67 -8.93 -10.60
CA GLU D 129 37.66 -8.43 -11.56
C GLU D 129 37.25 -7.04 -12.05
N GLY D 130 35.94 -6.82 -12.30
CA GLY D 130 35.50 -5.51 -12.75
C GLY D 130 35.78 -4.43 -11.71
N VAL D 131 35.53 -4.77 -10.44
CA VAL D 131 35.73 -3.86 -9.34
C VAL D 131 37.21 -3.51 -9.23
N ARG D 132 38.10 -4.50 -9.45
CA ARG D 132 39.54 -4.24 -9.34
C ARG D 132 40.03 -3.34 -10.47
N LYS D 133 39.42 -3.43 -11.67
CA LYS D 133 39.78 -2.49 -12.72
C LYS D 133 39.29 -1.08 -12.36
N MET D 134 38.07 -0.97 -11.78
CA MET D 134 37.59 0.33 -11.33
C MET D 134 38.55 0.84 -10.26
N LYS D 135 39.04 -0.03 -9.39
CA LYS D 135 39.91 0.41 -8.32
C LYS D 135 41.15 1.10 -8.90
N ASP D 136 41.77 0.41 -9.88
CA ASP D 136 43.05 0.88 -10.38
C ASP D 136 42.85 2.20 -11.10
N ALA D 137 41.78 2.28 -11.91
CA ALA D 137 41.45 3.49 -12.66
C ALA D 137 41.19 4.65 -11.70
N ALA D 138 40.42 4.42 -10.62
CA ALA D 138 40.06 5.48 -9.67
C ALA D 138 41.28 5.98 -8.88
N VAL D 139 42.14 5.04 -8.43
CA VAL D 139 43.40 5.35 -7.80
C VAL D 139 44.26 6.27 -8.69
N ALA D 140 44.41 5.96 -9.98
CA ALA D 140 45.27 6.82 -10.79
C ALA D 140 44.63 8.21 -10.97
N ILE D 141 43.30 8.27 -11.10
CA ILE D 141 42.61 9.55 -11.18
C ILE D 141 42.80 10.37 -9.90
N VAL D 142 42.73 9.72 -8.73
CA VAL D 142 42.86 10.45 -7.48
C VAL D 142 44.30 10.94 -7.27
N SER D 143 45.28 10.16 -7.77
CA SER D 143 46.72 10.35 -7.56
C SER D 143 47.29 11.41 -8.50
N ASP D 144 46.54 11.75 -9.55
CA ASP D 144 47.03 12.60 -10.63
C ASP D 144 47.36 13.99 -10.11
N ARG D 145 48.60 14.43 -10.33
CA ARG D 145 49.09 15.67 -9.76
C ARG D 145 48.59 16.91 -10.50
N ASN D 146 48.06 16.78 -11.74
CA ASN D 146 47.60 17.90 -12.56
C ASN D 146 46.37 18.59 -11.94
N GLY D 147 46.34 19.93 -11.99
CA GLY D 147 45.14 20.70 -11.70
C GLY D 147 44.70 20.72 -10.23
N ILE D 148 45.64 20.47 -9.30
CA ILE D 148 45.29 20.43 -7.88
C ILE D 148 46.46 20.99 -7.05
N THR D 149 46.19 21.50 -5.83
CA THR D 149 47.26 21.83 -4.91
C THR D 149 48.04 20.57 -4.51
N GLN D 150 49.37 20.68 -4.60
CA GLN D 150 50.32 19.56 -4.50
C GLN D 150 50.44 19.13 -3.04
N GLY D 151 50.45 17.81 -2.80
CA GLY D 151 50.70 17.29 -1.46
C GLY D 151 50.50 15.78 -1.40
N ASP D 152 50.49 15.24 -0.18
CA ASP D 152 50.57 13.80 0.02
C ASP D 152 49.18 13.20 0.31
N CYS D 153 48.66 12.45 -0.65
CA CYS D 153 47.33 11.87 -0.53
C CYS D 153 47.42 10.38 -0.21
N SER D 154 48.62 9.92 0.20
CA SER D 154 48.84 8.49 0.37
C SER D 154 47.89 7.87 1.41
N ALA D 155 47.54 8.55 2.50
CA ALA D 155 46.63 7.94 3.47
C ALA D 155 45.23 7.77 2.90
N ILE D 156 44.69 8.82 2.22
CA ILE D 156 43.34 8.70 1.68
C ILE D 156 43.30 7.70 0.51
N ILE D 157 44.40 7.59 -0.24
CA ILE D 157 44.47 6.65 -1.37
C ILE D 157 44.40 5.22 -0.86
N SER D 158 45.18 4.94 0.20
CA SER D 158 45.13 3.62 0.80
C SER D 158 43.77 3.32 1.44
N GLU D 159 43.08 4.31 2.04
CA GLU D 159 41.73 4.11 2.57
C GLU D 159 40.73 3.79 1.45
N LEU D 160 40.82 4.55 0.34
CA LEU D 160 40.00 4.29 -0.84
C LEU D 160 40.24 2.87 -1.33
N GLY D 161 41.52 2.48 -1.40
CA GLY D 161 41.86 1.12 -1.81
C GLY D 161 41.16 0.07 -0.94
N SER D 162 41.13 0.28 0.38
CA SER D 162 40.58 -0.71 1.28
C SER D 162 39.10 -0.95 0.98
N TYR D 163 38.36 0.11 0.59
CA TYR D 163 36.93 -0.04 0.28
C TYR D 163 36.71 -0.81 -1.03
N PHE D 164 37.48 -0.48 -2.07
CA PHE D 164 37.47 -1.27 -3.31
C PHE D 164 37.76 -2.75 -3.00
N ASP D 165 38.76 -3.01 -2.14
CA ASP D 165 39.14 -4.38 -1.77
C ASP D 165 38.00 -5.09 -1.05
N LYS D 166 37.32 -4.39 -0.12
CA LYS D 166 36.15 -4.99 0.51
C LYS D 166 35.09 -5.37 -0.52
N ALA D 167 34.87 -4.50 -1.53
CA ALA D 167 33.87 -4.75 -2.55
C ALA D 167 34.27 -5.97 -3.38
N ALA D 168 35.54 -6.05 -3.80
CA ALA D 168 35.97 -7.21 -4.56
C ALA D 168 35.78 -8.50 -3.77
N ALA D 169 36.14 -8.49 -2.47
CA ALA D 169 36.09 -9.70 -1.65
C ALA D 169 34.64 -10.14 -1.39
N ALA D 170 33.73 -9.14 -1.28
CA ALA D 170 32.36 -9.39 -0.90
C ALA D 170 31.64 -10.21 -1.97
N VAL D 171 32.06 -10.08 -3.24
CA VAL D 171 31.35 -10.72 -4.34
C VAL D 171 32.05 -11.99 -4.78
N ALA D 172 33.36 -12.07 -4.55
CA ALA D 172 34.27 -13.01 -5.21
C ALA D 172 33.98 -14.44 -4.76
N SER E 1 -12.54 -18.09 16.52
CA SER E 1 -13.83 -17.77 15.86
C SER E 1 -14.65 -16.91 16.82
N LYS E 2 -15.75 -16.35 16.30
CA LYS E 2 -16.50 -15.30 16.99
C LYS E 2 -17.27 -15.87 18.18
N THR E 3 -16.94 -15.32 19.36
CA THR E 3 -17.66 -15.51 20.60
C THR E 3 -17.56 -14.17 21.33
N PRO E 4 -18.29 -13.93 22.45
CA PRO E 4 -18.09 -12.70 23.22
C PRO E 4 -16.65 -12.50 23.71
N LEU E 5 -16.01 -13.58 24.14
CA LEU E 5 -14.69 -13.52 24.77
C LEU E 5 -13.59 -13.27 23.73
N THR E 6 -13.65 -13.97 22.59
CA THR E 6 -12.63 -13.74 21.58
C THR E 6 -12.80 -12.36 20.90
N GLU E 7 -14.04 -11.90 20.70
CA GLU E 7 -14.27 -10.58 20.08
C GLU E 7 -13.71 -9.46 20.97
N ALA E 8 -14.00 -9.55 22.28
CA ALA E 8 -13.53 -8.57 23.27
C ALA E 8 -12.01 -8.55 23.30
N VAL E 9 -11.37 -9.72 23.37
CA VAL E 9 -9.90 -9.71 23.36
C VAL E 9 -9.34 -9.23 22.03
N ALA E 10 -9.97 -9.60 20.91
CA ALA E 10 -9.42 -9.19 19.62
C ALA E 10 -9.43 -7.67 19.50
N ALA E 11 -10.48 -7.04 20.05
CA ALA E 11 -10.67 -5.59 20.00
C ALA E 11 -9.57 -4.89 20.82
N ALA E 12 -9.34 -5.36 22.06
CA ALA E 12 -8.30 -4.84 22.93
C ALA E 12 -6.91 -5.00 22.31
N ASP E 13 -6.66 -6.17 21.70
CA ASP E 13 -5.39 -6.49 21.06
C ASP E 13 -5.05 -5.50 19.94
N SER E 14 -6.00 -5.30 19.02
CA SER E 14 -5.79 -4.46 17.86
C SER E 14 -5.59 -3.03 18.32
N GLN E 15 -6.09 -2.68 19.51
CA GLN E 15 -5.88 -1.34 20.05
C GLN E 15 -4.58 -1.28 20.86
N GLY E 16 -3.93 -2.42 21.14
CA GLY E 16 -2.74 -2.43 21.99
C GLY E 16 -3.06 -2.19 23.48
N ARG E 17 -4.26 -2.57 23.90
CA ARG E 17 -4.79 -2.08 25.16
C ARG E 17 -5.06 -3.22 26.14
N PHE E 18 -4.83 -2.96 27.43
CA PHE E 18 -5.33 -3.83 28.48
C PHE E 18 -6.86 -3.89 28.37
N LEU E 19 -7.44 -5.00 28.81
CA LEU E 19 -8.89 -5.05 28.93
C LEU E 19 -9.35 -4.00 29.95
N SER E 20 -10.59 -3.53 29.77
CA SER E 20 -11.16 -2.46 30.58
C SER E 20 -12.59 -2.87 30.97
N SER E 21 -13.31 -1.97 31.64
CA SER E 21 -14.68 -2.24 32.06
C SER E 21 -15.56 -2.68 30.89
N THR E 22 -15.35 -2.12 29.69
CA THR E 22 -16.19 -2.56 28.58
C THR E 22 -16.08 -4.08 28.38
N GLU E 23 -14.85 -4.58 28.34
CA GLU E 23 -14.67 -6.01 28.10
C GLU E 23 -15.16 -6.81 29.31
N LEU E 24 -15.04 -6.27 30.53
CA LEU E 24 -15.52 -6.97 31.71
C LEU E 24 -17.03 -7.22 31.58
N GLN E 25 -17.76 -6.20 31.12
CA GLN E 25 -19.20 -6.28 30.87
C GLN E 25 -19.49 -7.32 29.79
N VAL E 26 -18.63 -7.44 28.77
CA VAL E 26 -18.86 -8.47 27.76
C VAL E 26 -18.83 -9.83 28.44
N ALA E 27 -17.80 -10.06 29.27
CA ALA E 27 -17.65 -11.27 30.06
C ALA E 27 -18.87 -11.55 30.95
N PHE E 28 -19.35 -10.55 31.69
CA PHE E 28 -20.55 -10.75 32.49
C PHE E 28 -21.73 -11.19 31.63
N GLY E 29 -21.89 -10.56 30.46
CA GLY E 29 -22.96 -10.90 29.53
C GLY E 29 -22.82 -12.35 29.05
N ARG E 30 -21.58 -12.75 28.79
CA ARG E 30 -21.24 -14.11 28.37
C ARG E 30 -21.67 -15.12 29.44
N PHE E 31 -21.29 -14.86 30.69
CA PHE E 31 -21.52 -15.79 31.78
C PHE E 31 -22.98 -15.78 32.21
N ARG E 32 -23.73 -14.70 31.90
CA ARG E 32 -25.16 -14.69 32.14
C ARG E 32 -25.82 -15.69 31.19
N GLN E 33 -25.21 -15.91 30.03
CA GLN E 33 -25.84 -16.60 28.93
C GLN E 33 -25.45 -18.09 28.95
N ALA E 34 -24.22 -18.36 29.40
CA ALA E 34 -23.59 -19.63 29.14
C ALA E 34 -24.38 -20.80 29.71
N ALA E 35 -24.98 -20.68 30.90
CA ALA E 35 -25.70 -21.82 31.49
C ALA E 35 -26.82 -22.28 30.57
N SER E 36 -27.61 -21.31 30.09
CA SER E 36 -28.74 -21.66 29.25
C SER E 36 -28.27 -22.17 27.89
N GLY E 37 -27.10 -21.66 27.43
CA GLY E 37 -26.43 -22.13 26.22
C GLY E 37 -26.02 -23.59 26.34
N LEU E 38 -25.39 -23.94 27.48
CA LEU E 38 -24.90 -25.30 27.69
C LEU E 38 -26.10 -26.25 27.87
N ALA E 39 -27.15 -25.78 28.57
CA ALA E 39 -28.35 -26.58 28.81
C ALA E 39 -28.96 -26.97 27.46
N ALA E 40 -28.94 -26.01 26.52
CA ALA E 40 -29.54 -26.17 25.21
C ALA E 40 -28.74 -27.21 24.43
N ALA E 41 -27.41 -27.06 24.46
CA ALA E 41 -26.46 -27.97 23.84
C ALA E 41 -26.70 -29.41 24.33
N LYS E 42 -26.97 -29.58 25.64
CA LYS E 42 -27.22 -30.87 26.25
C LYS E 42 -28.57 -31.46 25.80
N ALA E 43 -29.63 -30.63 25.78
CA ALA E 43 -30.96 -31.12 25.40
C ALA E 43 -31.00 -31.53 23.92
N LEU E 44 -30.30 -30.75 23.06
CA LEU E 44 -30.22 -31.02 21.63
C LEU E 44 -29.45 -32.32 21.39
N ALA E 45 -28.29 -32.47 22.06
CA ALA E 45 -27.43 -33.65 21.91
C ALA E 45 -28.17 -34.92 22.34
N ASN E 46 -28.92 -34.83 23.44
CA ASN E 46 -29.62 -35.96 24.02
C ASN E 46 -30.86 -36.34 23.20
N ASN E 47 -31.31 -35.49 22.25
CA ASN E 47 -32.45 -35.81 21.42
C ASN E 47 -32.02 -35.90 19.94
N ALA E 48 -30.70 -36.08 19.71
CA ALA E 48 -30.12 -35.95 18.38
C ALA E 48 -30.80 -36.87 17.36
N ASP E 49 -30.95 -38.16 17.69
CA ASP E 49 -31.43 -39.16 16.75
C ASP E 49 -32.82 -38.80 16.27
N SER E 50 -33.69 -38.44 17.21
CA SER E 50 -35.06 -38.10 16.88
C SER E 50 -35.11 -36.80 16.06
N LEU E 51 -34.25 -35.81 16.38
CA LEU E 51 -34.26 -34.56 15.62
C LEU E 51 -33.77 -34.74 14.17
N VAL E 52 -32.68 -35.49 14.01
CA VAL E 52 -32.05 -35.70 12.71
C VAL E 52 -33.01 -36.50 11.81
N ASN E 53 -33.51 -37.63 12.33
CA ASN E 53 -34.40 -38.50 11.58
C ASN E 53 -35.68 -37.78 11.21
N GLY E 54 -36.25 -37.02 12.18
CA GLY E 54 -37.47 -36.30 11.90
C GLY E 54 -37.25 -35.23 10.84
N ALA E 55 -36.12 -34.52 10.96
CA ALA E 55 -35.76 -33.46 10.03
C ALA E 55 -35.65 -34.02 8.61
N ALA E 56 -34.91 -35.13 8.46
CA ALA E 56 -34.71 -35.74 7.16
C ALA E 56 -36.08 -36.07 6.56
N ASN E 57 -36.92 -36.77 7.35
CA ASN E 57 -38.28 -37.13 6.95
C ASN E 57 -39.07 -35.91 6.48
N ALA E 58 -39.01 -34.81 7.24
CA ALA E 58 -39.72 -33.59 6.87
C ALA E 58 -39.28 -33.11 5.49
N VAL E 59 -37.96 -33.17 5.18
CA VAL E 59 -37.41 -32.76 3.89
C VAL E 59 -37.90 -33.68 2.78
N TYR E 60 -37.85 -35.01 3.01
CA TYR E 60 -38.38 -35.99 2.07
C TYR E 60 -39.86 -35.76 1.82
N SER E 61 -40.59 -35.36 2.87
CA SER E 61 -42.01 -35.13 2.71
C SER E 61 -42.25 -33.82 1.94
N LYS E 62 -41.50 -32.76 2.25
CA LYS E 62 -41.76 -31.51 1.54
C LYS E 62 -41.21 -31.55 0.11
N PHE E 63 -40.22 -32.40 -0.15
CA PHE E 63 -39.54 -32.48 -1.43
C PHE E 63 -39.46 -33.94 -1.89
N PRO E 64 -40.60 -34.56 -2.26
CA PRO E 64 -40.61 -35.99 -2.56
C PRO E 64 -39.73 -36.37 -3.76
N TYR E 65 -39.55 -35.45 -4.72
CA TYR E 65 -38.62 -35.66 -5.83
C TYR E 65 -37.23 -36.12 -5.35
N THR E 66 -36.82 -35.72 -4.14
CA THR E 66 -35.48 -36.07 -3.68
C THR E 66 -35.36 -37.56 -3.35
N THR E 67 -36.49 -38.26 -3.16
CA THR E 67 -36.42 -39.67 -2.80
C THR E 67 -36.78 -40.60 -3.96
N SER E 68 -37.20 -40.04 -5.09
CA SER E 68 -37.66 -40.86 -6.21
C SER E 68 -36.93 -40.54 -7.53
N THR E 69 -36.01 -39.56 -7.51
CA THR E 69 -35.24 -39.21 -8.69
C THR E 69 -33.82 -39.73 -8.59
N PRO E 70 -33.33 -40.54 -9.56
CA PRO E 70 -31.95 -41.01 -9.52
C PRO E 70 -31.06 -39.80 -9.74
N GLY E 71 -29.94 -39.77 -9.02
CA GLY E 71 -28.95 -38.73 -9.24
C GLY E 71 -28.02 -38.68 -8.03
N ASN E 72 -26.76 -38.29 -8.26
CA ASN E 72 -25.78 -38.26 -7.17
C ASN E 72 -26.19 -37.30 -6.05
N ASN E 73 -26.94 -36.26 -6.39
CA ASN E 73 -27.30 -35.24 -5.42
C ASN E 73 -28.55 -35.64 -4.62
N PHE E 74 -29.21 -36.75 -4.99
CA PHE E 74 -30.51 -37.09 -4.40
C PHE E 74 -30.44 -38.21 -3.34
N ALA E 75 -31.54 -38.37 -2.62
CA ALA E 75 -31.68 -39.35 -1.55
C ALA E 75 -32.60 -40.48 -2.02
N SER E 76 -32.48 -40.86 -3.31
CA SER E 76 -33.25 -41.95 -3.91
C SER E 76 -32.65 -43.32 -3.60
N THR E 77 -31.48 -43.35 -2.94
CA THR E 77 -30.81 -44.61 -2.62
C THR E 77 -30.43 -44.63 -1.13
N PRO E 78 -30.18 -45.82 -0.52
CA PRO E 78 -29.72 -45.86 0.87
C PRO E 78 -28.54 -44.90 1.11
N GLU E 79 -27.60 -44.87 0.15
CA GLU E 79 -26.38 -44.08 0.29
C GLU E 79 -26.75 -42.59 0.34
N GLY E 80 -27.64 -42.16 -0.56
CA GLY E 80 -28.13 -40.80 -0.64
C GLY E 80 -28.81 -40.36 0.66
N LYS E 81 -29.63 -41.26 1.23
CA LYS E 81 -30.33 -40.95 2.46
C LYS E 81 -29.30 -40.81 3.59
N ALA E 82 -28.29 -41.67 3.57
CA ALA E 82 -27.30 -41.63 4.64
C ALA E 82 -26.53 -40.33 4.53
N LYS E 83 -26.20 -39.90 3.29
CA LYS E 83 -25.53 -38.62 3.07
C LYS E 83 -26.39 -37.51 3.67
N CYS E 84 -27.70 -37.58 3.42
CA CYS E 84 -28.61 -36.53 3.80
C CYS E 84 -28.77 -36.43 5.32
N ALA E 85 -29.00 -37.56 6.02
CA ALA E 85 -29.07 -37.59 7.48
C ALA E 85 -27.71 -37.20 8.09
N ARG E 86 -26.62 -37.67 7.48
CA ARG E 86 -25.28 -37.24 7.92
C ARG E 86 -25.22 -35.71 7.92
N ASP E 87 -25.63 -35.08 6.80
CA ASP E 87 -25.57 -33.64 6.64
C ASP E 87 -26.40 -32.94 7.72
N ILE E 88 -27.64 -33.41 7.91
CA ILE E 88 -28.50 -32.77 8.90
C ILE E 88 -27.87 -32.89 10.30
N GLY E 89 -27.22 -34.03 10.58
CA GLY E 89 -26.56 -34.23 11.86
C GLY E 89 -25.41 -33.23 12.01
N TYR E 90 -24.75 -32.92 10.89
CA TYR E 90 -23.68 -31.94 10.96
C TYR E 90 -24.26 -30.58 11.38
N TYR E 91 -25.38 -30.19 10.80
CA TYR E 91 -25.99 -28.90 11.10
C TYR E 91 -26.35 -28.85 12.59
N LEU E 92 -26.96 -29.94 13.10
CA LEU E 92 -27.45 -30.00 14.47
C LEU E 92 -26.28 -29.91 15.44
N ARG E 93 -25.26 -30.72 15.18
CA ARG E 93 -24.07 -30.79 16.03
C ARG E 93 -23.35 -29.44 16.07
N ILE E 94 -23.26 -28.78 14.92
CA ILE E 94 -22.49 -27.55 14.87
C ILE E 94 -23.29 -26.40 15.52
N VAL E 95 -24.62 -26.51 15.50
CA VAL E 95 -25.49 -25.61 16.26
C VAL E 95 -25.22 -25.77 17.76
N THR E 96 -25.08 -27.01 18.27
CA THR E 96 -24.77 -27.21 19.69
C THR E 96 -23.46 -26.52 20.01
N TYR E 97 -22.50 -26.56 19.07
CA TYR E 97 -21.21 -25.93 19.33
C TYR E 97 -21.38 -24.41 19.48
N ALA E 98 -22.22 -23.78 18.63
CA ALA E 98 -22.51 -22.35 18.77
C ALA E 98 -23.10 -22.05 20.15
N LEU E 99 -23.96 -22.95 20.66
CA LEU E 99 -24.52 -22.72 21.99
C LEU E 99 -23.44 -22.90 23.06
N VAL E 100 -22.51 -23.84 22.83
CA VAL E 100 -21.39 -24.05 23.75
C VAL E 100 -20.52 -22.78 23.81
N ALA E 101 -20.24 -22.21 22.63
CA ALA E 101 -19.33 -21.09 22.46
C ALA E 101 -20.01 -19.77 22.83
N GLY E 102 -21.33 -19.75 22.74
CA GLY E 102 -22.10 -18.51 22.87
C GLY E 102 -21.85 -17.58 21.68
N GLY E 103 -21.63 -18.14 20.48
CA GLY E 103 -21.46 -17.30 19.31
C GLY E 103 -21.54 -18.12 18.02
N THR E 104 -21.56 -17.43 16.87
CA THR E 104 -21.65 -18.08 15.56
C THR E 104 -20.33 -18.72 15.13
N GLY E 105 -19.24 -18.42 15.85
CA GLY E 105 -17.91 -18.90 15.52
C GLY E 105 -17.88 -20.33 14.98
N PRO E 106 -18.30 -21.36 15.74
CA PRO E 106 -18.24 -22.75 15.23
C PRO E 106 -19.00 -22.97 13.93
N ILE E 107 -20.16 -22.30 13.80
CA ILE E 107 -20.95 -22.31 12.57
C ILE E 107 -20.10 -21.68 11.45
N ASP E 108 -19.50 -20.51 11.73
CA ASP E 108 -18.77 -19.77 10.71
C ASP E 108 -17.62 -20.63 10.18
N GLU E 109 -16.95 -21.33 11.10
CA GLU E 109 -15.70 -21.99 10.80
C GLU E 109 -15.97 -23.34 10.14
N TYR E 110 -16.85 -24.15 10.77
CA TYR E 110 -17.00 -25.54 10.37
C TYR E 110 -18.00 -25.72 9.24
N LEU E 111 -18.96 -24.80 9.09
CA LEU E 111 -20.08 -25.05 8.19
C LEU E 111 -20.28 -23.92 7.18
N LEU E 112 -20.27 -22.65 7.61
CA LEU E 112 -20.69 -21.56 6.74
C LEU E 112 -19.61 -21.18 5.71
N ALA E 113 -18.34 -21.16 6.14
CA ALA E 113 -17.27 -20.85 5.19
C ALA E 113 -17.23 -21.94 4.12
N GLY E 114 -17.41 -21.55 2.85
CA GLY E 114 -17.45 -22.54 1.78
C GLY E 114 -18.83 -23.16 1.51
N LEU E 115 -19.85 -22.85 2.34
CA LEU E 115 -21.18 -23.47 2.23
C LEU E 115 -21.82 -23.27 0.86
N ASP E 116 -21.78 -22.04 0.35
CA ASP E 116 -22.33 -21.74 -0.96
C ASP E 116 -21.68 -22.58 -2.05
N GLU E 117 -20.35 -22.72 -2.02
CA GLU E 117 -19.64 -23.45 -3.08
C GLU E 117 -20.02 -24.92 -3.09
N ILE E 118 -20.08 -25.50 -1.87
CA ILE E 118 -20.44 -26.90 -1.71
C ILE E 118 -21.84 -27.13 -2.24
N ASN E 119 -22.81 -26.29 -1.81
CA ASN E 119 -24.19 -26.49 -2.22
C ASN E 119 -24.28 -26.45 -3.75
N LYS E 120 -23.48 -25.55 -4.34
CA LYS E 120 -23.50 -25.29 -5.77
C LYS E 120 -22.86 -26.46 -6.53
N THR E 121 -21.61 -26.80 -6.17
CA THR E 121 -20.85 -27.87 -6.78
C THR E 121 -21.60 -29.20 -6.74
N PHE E 122 -22.15 -29.57 -5.56
CA PHE E 122 -22.84 -30.86 -5.44
C PHE E 122 -24.35 -30.76 -5.75
N ASP E 123 -24.84 -29.59 -6.18
CA ASP E 123 -26.24 -29.45 -6.58
C ASP E 123 -27.18 -29.85 -5.43
N LEU E 124 -26.87 -29.40 -4.20
CA LEU E 124 -27.76 -29.57 -3.07
C LEU E 124 -28.59 -28.29 -2.94
N ALA E 125 -29.92 -28.40 -2.79
CA ALA E 125 -30.79 -27.22 -2.76
C ALA E 125 -30.74 -26.58 -1.37
N PRO E 126 -30.38 -25.27 -1.27
CA PRO E 126 -30.44 -24.57 0.02
C PRO E 126 -31.74 -24.81 0.79
N SER E 127 -32.87 -24.81 0.07
CA SER E 127 -34.19 -24.92 0.67
C SER E 127 -34.39 -26.26 1.37
N TRP E 128 -33.65 -27.32 0.98
CA TRP E 128 -33.71 -28.59 1.69
C TRP E 128 -33.29 -28.37 3.15
N TYR E 129 -32.17 -27.67 3.32
CA TYR E 129 -31.57 -27.50 4.63
C TYR E 129 -32.37 -26.49 5.46
N VAL E 130 -32.94 -25.47 4.80
CA VAL E 130 -33.89 -24.56 5.45
C VAL E 130 -34.99 -25.40 6.11
N GLU E 131 -35.51 -26.38 5.38
CA GLU E 131 -36.67 -27.12 5.88
C GLU E 131 -36.25 -28.01 7.06
N ALA E 132 -35.06 -28.64 6.94
CA ALA E 132 -34.49 -29.42 8.03
C ALA E 132 -34.35 -28.57 9.28
N LEU E 133 -33.83 -27.34 9.12
CA LEU E 133 -33.66 -26.40 10.22
C LEU E 133 -35.00 -25.98 10.82
N LYS E 134 -36.02 -25.75 9.97
CA LYS E 134 -37.35 -25.42 10.49
C LYS E 134 -37.90 -26.56 11.36
N TYR E 135 -37.72 -27.81 10.91
CA TYR E 135 -38.13 -28.93 11.73
C TYR E 135 -37.38 -28.96 13.07
N ILE E 136 -36.06 -28.78 13.05
CA ILE E 136 -35.31 -28.75 14.31
C ILE E 136 -35.87 -27.67 15.26
N LYS E 137 -36.15 -26.48 14.74
CA LYS E 137 -36.67 -25.41 15.59
C LYS E 137 -38.02 -25.81 16.22
N ALA E 138 -38.83 -26.53 15.44
CA ALA E 138 -40.20 -26.84 15.83
C ALA E 138 -40.20 -28.10 16.69
N ASN E 139 -39.03 -28.71 16.90
CA ASN E 139 -39.07 -29.97 17.62
C ASN E 139 -38.06 -30.06 18.75
N HIS E 140 -37.17 -29.08 18.92
CA HIS E 140 -36.18 -29.15 19.99
C HIS E 140 -36.82 -29.06 21.37
N GLY E 141 -38.03 -28.46 21.45
CA GLY E 141 -38.76 -28.33 22.71
C GLY E 141 -38.14 -27.34 23.72
N LEU E 142 -37.26 -26.43 23.27
CA LEU E 142 -36.57 -25.52 24.19
C LEU E 142 -37.50 -24.38 24.62
N SER E 143 -37.10 -23.73 25.71
CA SER E 143 -37.83 -22.57 26.18
C SER E 143 -36.84 -21.55 26.72
N GLY E 144 -37.32 -20.31 26.86
CA GLY E 144 -36.60 -19.25 27.55
C GLY E 144 -35.35 -18.85 26.77
N ASP E 145 -34.25 -18.57 27.49
CA ASP E 145 -33.00 -18.12 26.94
C ASP E 145 -32.38 -19.24 26.09
N SER E 146 -32.56 -20.49 26.53
CA SER E 146 -32.12 -21.65 25.77
C SER E 146 -32.71 -21.61 24.35
N ARG E 147 -34.03 -21.42 24.28
CA ARG E 147 -34.75 -21.35 23.02
C ARG E 147 -34.28 -20.15 22.19
N ASP E 148 -34.24 -18.96 22.79
CA ASP E 148 -33.94 -17.76 22.01
C ASP E 148 -32.52 -17.82 21.46
N GLU E 149 -31.55 -18.25 22.28
CA GLU E 149 -30.18 -18.35 21.74
C GLU E 149 -30.11 -19.39 20.61
N ALA E 150 -30.66 -20.58 20.84
CA ALA E 150 -30.68 -21.68 19.86
C ALA E 150 -31.38 -21.25 18.57
N ASN E 151 -32.53 -20.56 18.67
CA ASN E 151 -33.25 -20.11 17.49
C ASN E 151 -32.43 -19.05 16.74
N SER E 152 -31.67 -18.20 17.47
CA SER E 152 -30.82 -17.24 16.77
C SER E 152 -29.84 -17.94 15.83
N TYR E 153 -29.27 -19.08 16.25
CA TYR E 153 -28.33 -19.82 15.41
C TYR E 153 -29.04 -20.49 14.23
N ILE E 154 -30.21 -21.09 14.46
CA ILE E 154 -30.96 -21.75 13.41
C ILE E 154 -31.37 -20.72 12.35
N ASP E 155 -31.88 -19.56 12.81
CA ASP E 155 -32.29 -18.49 11.92
C ASP E 155 -31.08 -17.92 11.18
N TYR E 156 -29.95 -17.84 11.89
CA TYR E 156 -28.72 -17.37 11.25
C TYR E 156 -28.41 -18.24 10.04
N LEU E 157 -28.57 -19.56 10.19
CA LEU E 157 -28.29 -20.48 9.10
C LEU E 157 -29.34 -20.35 7.98
N ILE E 158 -30.61 -20.17 8.38
CA ILE E 158 -31.69 -20.01 7.40
C ILE E 158 -31.40 -18.76 6.55
N ASN E 159 -30.95 -17.68 7.20
CA ASN E 159 -30.60 -16.47 6.48
C ASN E 159 -29.45 -16.77 5.52
N ALA E 160 -28.42 -17.48 5.99
CA ALA E 160 -27.25 -17.78 5.17
C ALA E 160 -27.63 -18.67 4.00
N LEU E 161 -28.71 -19.45 4.15
CA LEU E 161 -29.17 -20.32 3.07
C LEU E 161 -30.17 -19.64 2.14
N SER E 162 -30.46 -18.36 2.39
CA SER E 162 -31.40 -17.69 1.51
C SER E 162 -30.88 -16.32 1.07
N THR F 1 -7.46 -18.01 17.31
CA THR F 1 -7.29 -18.22 18.75
C THR F 1 -8.59 -18.77 19.33
N PHE F 2 -8.46 -19.53 20.42
CA PHE F 2 -9.55 -20.19 21.11
C PHE F 2 -9.86 -19.43 22.39
N ASP F 3 -11.13 -19.52 22.84
CA ASP F 3 -11.43 -19.35 24.25
C ASP F 3 -11.69 -20.73 24.87
N ALA F 4 -12.00 -20.77 26.18
CA ALA F 4 -12.11 -22.06 26.85
C ALA F 4 -13.21 -22.90 26.18
N PHE F 5 -14.28 -22.24 25.73
CA PHE F 5 -15.38 -22.92 25.06
C PHE F 5 -14.99 -23.42 23.67
N THR F 6 -14.38 -22.56 22.83
CA THR F 6 -14.06 -23.00 21.48
C THR F 6 -12.91 -24.01 21.47
N LYS F 7 -12.03 -23.97 22.47
CA LYS F 7 -11.00 -25.00 22.58
C LYS F 7 -11.67 -26.37 22.65
N VAL F 8 -12.68 -26.52 23.53
CA VAL F 8 -13.38 -27.81 23.70
C VAL F 8 -14.15 -28.17 22.42
N VAL F 9 -14.76 -27.15 21.78
CA VAL F 9 -15.51 -27.39 20.57
C VAL F 9 -14.61 -27.99 19.49
N ALA F 10 -13.38 -27.47 19.33
CA ALA F 10 -12.44 -27.93 18.32
C ALA F 10 -12.10 -29.41 18.50
N GLN F 11 -11.91 -29.82 19.75
CA GLN F 11 -11.67 -31.21 20.10
C GLN F 11 -12.87 -32.10 19.73
N ALA F 12 -14.08 -31.63 20.03
CA ALA F 12 -15.28 -32.40 19.74
C ALA F 12 -15.47 -32.54 18.23
N ASP F 13 -15.24 -31.45 17.49
CA ASP F 13 -15.53 -31.46 16.07
C ASP F 13 -14.61 -32.45 15.37
N ALA F 14 -13.34 -32.51 15.78
CA ALA F 14 -12.35 -33.35 15.09
C ALA F 14 -12.73 -34.82 15.26
N ARG F 15 -13.55 -35.13 16.28
CA ARG F 15 -14.02 -36.49 16.54
C ARG F 15 -15.44 -36.67 16.02
N GLY F 16 -16.08 -35.59 15.53
CA GLY F 16 -17.43 -35.69 15.00
C GLY F 16 -18.46 -35.98 16.10
N GLU F 17 -18.16 -35.56 17.34
CA GLU F 17 -19.01 -35.85 18.49
C GLU F 17 -19.60 -34.57 19.09
N PHE F 18 -20.82 -34.67 19.63
CA PHE F 18 -21.35 -33.74 20.61
C PHE F 18 -20.41 -33.69 21.82
N LEU F 19 -20.35 -32.55 22.51
CA LEU F 19 -19.68 -32.55 23.82
C LEU F 19 -20.34 -33.60 24.70
N SER F 20 -19.50 -34.38 25.40
CA SER F 20 -19.96 -35.31 26.43
C SER F 20 -20.58 -34.52 27.59
N ASP F 21 -21.68 -35.09 28.17
CA ASP F 21 -22.44 -34.54 29.29
C ASP F 21 -21.49 -34.05 30.40
N ALA F 22 -20.31 -34.68 30.47
CA ALA F 22 -19.23 -34.35 31.37
C ALA F 22 -18.50 -33.07 30.95
N GLN F 23 -18.05 -33.01 29.68
CA GLN F 23 -17.32 -31.84 29.15
C GLN F 23 -18.20 -30.60 29.36
N LEU F 24 -19.51 -30.75 29.20
CA LEU F 24 -20.45 -29.68 29.50
C LEU F 24 -20.34 -29.23 30.96
N ASP F 25 -20.25 -30.21 31.88
CA ASP F 25 -20.15 -29.99 33.31
C ASP F 25 -18.88 -29.22 33.68
N ALA F 26 -17.74 -29.59 33.07
CA ALA F 26 -16.51 -28.86 33.27
C ALA F 26 -16.68 -27.39 32.87
N LEU F 27 -17.25 -27.12 31.68
CA LEU F 27 -17.49 -25.74 31.27
C LEU F 27 -18.44 -25.02 32.23
N SER F 28 -19.42 -25.76 32.76
CA SER F 28 -20.38 -25.25 33.72
C SER F 28 -19.67 -24.75 34.98
N ARG F 29 -18.64 -25.49 35.42
CA ARG F 29 -17.90 -25.14 36.62
C ARG F 29 -17.14 -23.84 36.37
N LEU F 30 -16.58 -23.72 35.17
CA LEU F 30 -15.87 -22.53 34.77
C LEU F 30 -16.84 -21.34 34.75
N VAL F 31 -18.03 -21.54 34.20
CA VAL F 31 -19.03 -20.49 34.16
C VAL F 31 -19.36 -20.02 35.59
N ALA F 32 -19.49 -20.95 36.53
CA ALA F 32 -20.01 -20.59 37.84
C ALA F 32 -18.96 -19.81 38.64
N GLU F 33 -17.69 -19.89 38.20
CA GLU F 33 -16.56 -19.21 38.82
C GLU F 33 -16.24 -17.92 38.07
N GLY F 34 -17.10 -17.55 37.12
CA GLY F 34 -16.80 -16.47 36.20
C GLY F 34 -16.51 -15.13 36.89
N ASN F 35 -17.14 -14.86 38.03
CA ASN F 35 -16.95 -13.54 38.62
C ASN F 35 -15.51 -13.46 39.11
N LYS F 36 -14.98 -14.59 39.60
CA LYS F 36 -13.61 -14.62 40.09
C LYS F 36 -12.63 -14.36 38.95
N ARG F 37 -12.94 -14.90 37.75
CA ARG F 37 -12.10 -14.70 36.58
C ARG F 37 -12.04 -13.20 36.26
N ILE F 38 -13.21 -12.54 36.34
CA ILE F 38 -13.35 -11.13 36.01
C ILE F 38 -12.58 -10.26 37.01
N ASP F 39 -12.68 -10.57 38.31
CA ASP F 39 -11.92 -9.90 39.35
C ASP F 39 -10.42 -10.06 39.12
N THR F 40 -10.01 -11.28 38.67
CA THR F 40 -8.60 -11.55 38.45
C THR F 40 -8.08 -10.61 37.37
N VAL F 41 -8.80 -10.55 36.24
CA VAL F 41 -8.41 -9.70 35.13
C VAL F 41 -8.37 -8.23 35.57
N ASN F 42 -9.46 -7.80 36.23
CA ASN F 42 -9.62 -6.41 36.64
C ASN F 42 -8.48 -6.01 37.60
N ARG F 43 -8.17 -6.88 38.55
CA ARG F 43 -7.19 -6.56 39.60
C ARG F 43 -5.79 -6.39 39.02
N ILE F 44 -5.39 -7.26 38.08
CA ILE F 44 -4.09 -7.17 37.44
C ILE F 44 -4.02 -5.88 36.61
N THR F 45 -5.09 -5.63 35.83
CA THR F 45 -5.17 -4.46 34.98
C THR F 45 -5.02 -3.19 35.81
N GLY F 46 -5.76 -3.13 36.92
CA GLY F 46 -5.76 -2.01 37.86
C GLY F 46 -4.36 -1.65 38.36
N ASN F 47 -3.46 -2.66 38.41
CA ASN F 47 -2.13 -2.55 38.99
C ASN F 47 -1.00 -2.70 37.97
N ALA F 48 -1.31 -2.56 36.68
CA ALA F 48 -0.39 -2.96 35.61
C ALA F 48 0.94 -2.20 35.67
N SER F 49 0.87 -0.86 35.78
CA SER F 49 2.08 -0.02 35.72
C SER F 49 3.04 -0.37 36.86
N SER F 50 2.50 -0.60 38.07
CA SER F 50 3.38 -0.82 39.20
C SER F 50 3.86 -2.27 39.21
N ILE F 51 3.04 -3.19 38.68
CA ILE F 51 3.50 -4.57 38.53
C ILE F 51 4.75 -4.57 37.65
N VAL F 52 4.71 -3.84 36.52
CA VAL F 52 5.82 -3.78 35.59
C VAL F 52 7.02 -3.07 36.22
N ALA F 53 6.78 -1.87 36.75
CA ALA F 53 7.85 -1.02 37.23
C ALA F 53 8.55 -1.70 38.40
N ASN F 54 7.75 -2.27 39.32
CA ASN F 54 8.37 -2.87 40.50
C ASN F 54 9.19 -4.09 40.12
N ALA F 55 8.69 -4.87 39.16
CA ALA F 55 9.43 -6.04 38.69
C ALA F 55 10.70 -5.61 37.93
N ALA F 56 10.58 -4.62 37.03
CA ALA F 56 11.76 -4.09 36.37
C ALA F 56 12.80 -3.61 37.40
N ARG F 57 12.37 -2.78 38.36
CA ARG F 57 13.35 -2.23 39.28
C ARG F 57 14.10 -3.36 40.01
N ALA F 58 13.36 -4.39 40.45
CA ALA F 58 13.96 -5.47 41.23
C ALA F 58 14.94 -6.27 40.37
N LEU F 59 14.58 -6.52 39.10
CA LEU F 59 15.46 -7.18 38.17
C LEU F 59 16.78 -6.43 38.01
N PHE F 60 16.73 -5.10 37.79
CA PHE F 60 17.97 -4.37 37.54
C PHE F 60 18.84 -4.30 38.80
N ALA F 61 18.22 -4.25 40.01
CA ALA F 61 18.97 -4.26 41.27
C ALA F 61 19.69 -5.60 41.46
N GLU F 62 19.09 -6.70 41.00
CA GLU F 62 19.71 -8.01 41.19
C GLU F 62 20.73 -8.29 40.09
N GLN F 63 20.55 -7.65 38.93
CA GLN F 63 21.34 -7.90 37.73
C GLN F 63 21.82 -6.55 37.19
N PRO F 64 22.69 -5.83 37.96
CA PRO F 64 23.24 -4.53 37.54
C PRO F 64 23.92 -4.50 36.17
N SER F 65 24.44 -5.66 35.71
CA SER F 65 25.11 -5.65 34.41
C SER F 65 24.12 -5.36 33.29
N LEU F 66 22.81 -5.55 33.56
CA LEU F 66 21.79 -5.28 32.55
C LEU F 66 21.75 -3.79 32.19
N ILE F 67 22.03 -2.93 33.19
CA ILE F 67 21.85 -1.49 33.03
C ILE F 67 23.19 -0.75 32.92
N ALA F 68 24.32 -1.42 33.22
CA ALA F 68 25.61 -0.77 33.07
C ALA F 68 25.82 -0.39 31.60
N PRO F 69 26.60 0.68 31.25
CA PRO F 69 26.89 0.95 29.85
C PRO F 69 27.34 -0.35 29.20
N GLY F 70 26.84 -0.61 27.99
CA GLY F 70 27.14 -1.86 27.29
C GLY F 70 26.09 -2.95 27.51
N GLY F 71 25.34 -2.86 28.62
CA GLY F 71 24.35 -3.86 28.98
C GLY F 71 23.10 -3.77 28.09
N ALA F 73 20.00 -3.48 28.72
CA ALA F 73 18.93 -2.54 29.06
C ALA F 73 19.46 -1.12 29.24
N TYR F 74 20.73 -0.88 28.84
CA TYR F 74 21.32 0.46 28.89
C TYR F 74 20.90 1.26 27.65
N THR F 75 20.87 2.59 27.78
CA THR F 75 20.26 3.52 26.83
C THR F 75 18.74 3.54 27.03
N ASN F 76 18.14 4.70 26.82
CA ASN F 76 16.71 4.84 27.06
C ASN F 76 15.93 4.04 26.02
N ARG F 77 16.48 3.88 24.80
CA ARG F 77 15.73 3.14 23.79
C ARG F 77 15.58 1.67 24.22
N ARG F 78 16.67 1.10 24.75
CA ARG F 78 16.65 -0.29 25.17
C ARG F 78 15.89 -0.44 26.48
N MET F 79 16.03 0.51 27.42
CA MET F 79 15.23 0.44 28.64
C MET F 79 13.75 0.52 28.28
N ALA F 80 13.40 1.48 27.40
CA ALA F 80 12.01 1.63 26.95
C ALA F 80 11.49 0.31 26.37
N ALA F 81 12.30 -0.35 25.54
CA ALA F 81 11.85 -1.54 24.84
C ALA F 81 11.64 -2.65 25.86
N CYS F 82 12.52 -2.68 26.87
CA CYS F 82 12.49 -3.72 27.90
C CYS F 82 11.22 -3.62 28.74
N LEU F 83 10.92 -2.40 29.22
CA LEU F 83 9.69 -2.10 29.94
C LEU F 83 8.48 -2.45 29.09
N ARG F 84 8.54 -2.17 27.78
CA ARG F 84 7.47 -2.47 26.84
C ARG F 84 7.26 -3.99 26.79
N ASP F 85 8.33 -4.77 26.69
CA ASP F 85 8.24 -6.22 26.71
C ASP F 85 7.50 -6.75 27.94
N MET F 86 7.83 -6.20 29.12
CA MET F 86 7.25 -6.63 30.37
C MET F 86 5.74 -6.35 30.37
N GLU F 87 5.36 -5.15 29.91
CA GLU F 87 3.95 -4.78 29.83
C GLU F 87 3.21 -5.65 28.80
N ILE F 88 3.85 -5.96 27.67
CA ILE F 88 3.23 -6.79 26.65
C ILE F 88 2.93 -8.18 27.20
N ILE F 89 3.91 -8.81 27.86
CA ILE F 89 3.71 -10.15 28.40
C ILE F 89 2.59 -10.09 29.44
N LEU F 90 2.64 -9.10 30.36
CA LEU F 90 1.57 -8.96 31.33
C LEU F 90 0.21 -8.84 30.63
N ARG F 91 0.18 -8.04 29.55
CA ARG F 91 -1.09 -7.79 28.88
C ARG F 91 -1.66 -9.09 28.31
N TYR F 92 -0.83 -9.87 27.62
CA TYR F 92 -1.24 -11.14 27.04
C TYR F 92 -1.61 -12.18 28.09
N VAL F 93 -0.94 -12.18 29.24
CA VAL F 93 -1.35 -13.08 30.31
C VAL F 93 -2.79 -12.72 30.70
N THR F 94 -3.10 -11.42 30.86
CA THR F 94 -4.47 -11.11 31.28
C THR F 94 -5.48 -11.51 30.19
N TYR F 95 -5.08 -11.44 28.91
CA TYR F 95 -5.95 -11.88 27.83
C TYR F 95 -6.23 -13.39 27.98
N ALA F 96 -5.20 -14.15 28.39
CA ALA F 96 -5.34 -15.60 28.55
C ALA F 96 -6.32 -15.92 29.69
N VAL F 97 -6.25 -15.15 30.78
CA VAL F 97 -7.16 -15.33 31.91
C VAL F 97 -8.60 -15.01 31.47
N PHE F 98 -8.76 -13.93 30.68
CA PHE F 98 -10.07 -13.47 30.26
C PHE F 98 -10.75 -14.52 29.37
N THR F 99 -10.01 -15.09 28.40
CA THR F 99 -10.57 -16.05 27.47
C THR F 99 -10.57 -17.47 28.06
N GLY F 100 -9.74 -17.72 29.09
CA GLY F 100 -9.61 -19.05 29.66
C GLY F 100 -8.84 -20.05 28.79
N ASP F 101 -7.97 -19.53 27.90
CA ASP F 101 -7.14 -20.37 27.05
C ASP F 101 -5.85 -19.60 26.75
N ALA F 102 -4.72 -20.33 26.73
CA ALA F 102 -3.38 -19.82 26.45
C ALA F 102 -3.17 -19.38 25.00
N SER F 103 -4.01 -19.82 24.06
CA SER F 103 -3.81 -19.55 22.63
C SER F 103 -3.49 -18.08 22.27
N ILE F 104 -4.20 -17.14 22.90
CA ILE F 104 -3.97 -15.73 22.58
C ILE F 104 -2.51 -15.39 22.92
N LEU F 105 -2.07 -15.83 24.11
CA LEU F 105 -0.73 -15.59 24.63
C LEU F 105 0.29 -16.31 23.74
N ASP F 106 0.00 -17.56 23.36
CA ASP F 106 0.95 -18.33 22.55
C ASP F 106 1.10 -17.72 21.15
N ASP F 107 -0.01 -17.38 20.50
CA ASP F 107 0.05 -17.11 19.07
C ASP F 107 0.49 -15.68 18.84
N ARG F 108 0.09 -14.79 19.74
CA ARG F 108 0.26 -13.38 19.45
C ARG F 108 1.47 -12.87 20.22
N CYS F 109 2.00 -13.67 21.15
CA CYS F 109 3.01 -13.14 22.06
C CYS F 109 4.26 -14.03 22.13
N LEU F 110 4.11 -15.28 22.58
CA LEU F 110 5.28 -16.11 22.89
C LEU F 110 5.91 -16.74 21.64
N ASN F 111 5.10 -17.03 20.61
CA ASN F 111 5.61 -17.70 19.43
C ASN F 111 6.55 -16.77 18.65
N GLY F 112 7.78 -17.24 18.44
CA GLY F 112 8.83 -16.50 17.75
C GLY F 112 9.66 -15.64 18.70
N LEU F 113 9.34 -15.66 20.01
CA LEU F 113 9.94 -14.69 20.92
C LEU F 113 11.37 -15.10 21.30
N ARG F 114 11.59 -16.40 21.60
CA ARG F 114 12.93 -16.94 21.87
C ARG F 114 13.86 -16.60 20.70
N GLU F 115 13.34 -16.69 19.47
CA GLU F 115 14.07 -16.47 18.23
C GLU F 115 14.41 -14.98 18.09
N THR F 116 13.44 -14.12 18.37
CA THR F 116 13.67 -12.68 18.31
C THR F 116 14.80 -12.29 19.25
N TYR F 117 14.71 -12.79 20.48
CA TYR F 117 15.67 -12.44 21.52
C TYR F 117 17.08 -12.93 21.14
N LEU F 118 17.19 -14.18 20.64
CA LEU F 118 18.47 -14.74 20.22
C LEU F 118 19.09 -13.86 19.14
N ALA F 119 18.29 -13.46 18.14
CA ALA F 119 18.76 -12.63 17.04
C ALA F 119 19.27 -11.29 17.55
N LEU F 120 18.62 -10.72 18.58
CA LEU F 120 19.01 -9.41 19.10
C LEU F 120 20.06 -9.48 20.19
N GLY F 121 20.30 -10.65 20.81
CA GLY F 121 21.14 -10.70 22.00
C GLY F 121 20.42 -10.27 23.29
N VAL F 122 19.08 -10.29 23.29
CA VAL F 122 18.34 -10.06 24.52
C VAL F 122 18.54 -11.26 25.47
N PRO F 123 18.93 -11.07 26.75
CA PRO F 123 19.09 -12.22 27.64
C PRO F 123 17.74 -12.77 28.10
N GLY F 124 17.28 -13.81 27.40
CA GLY F 124 16.06 -14.56 27.67
C GLY F 124 15.89 -14.91 29.14
N ALA F 125 16.95 -15.45 29.76
CA ALA F 125 16.91 -15.86 31.17
C ALA F 125 16.57 -14.68 32.09
N SER F 126 17.01 -13.46 31.72
CA SER F 126 16.72 -12.26 32.48
C SER F 126 15.26 -11.85 32.30
N VAL F 127 14.75 -11.85 31.04
CA VAL F 127 13.34 -11.63 30.78
C VAL F 127 12.47 -12.57 31.64
N ALA F 128 12.80 -13.87 31.64
CA ALA F 128 12.06 -14.89 32.38
C ALA F 128 11.98 -14.53 33.87
N GLU F 129 13.11 -14.17 34.47
CA GLU F 129 13.12 -13.71 35.86
C GLU F 129 12.15 -12.52 36.06
N GLY F 130 12.24 -11.52 35.18
CA GLY F 130 11.30 -10.41 35.18
C GLY F 130 9.84 -10.86 35.20
N VAL F 131 9.48 -11.80 34.31
CA VAL F 131 8.15 -12.37 34.24
C VAL F 131 7.75 -13.04 35.57
N ARG F 132 8.69 -13.79 36.17
CA ARG F 132 8.44 -14.43 37.45
C ARG F 132 8.20 -13.37 38.51
N LYS F 133 8.91 -12.23 38.50
CA LYS F 133 8.62 -11.23 39.54
C LYS F 133 7.20 -10.68 39.34
N MET F 134 6.80 -10.51 38.07
CA MET F 134 5.47 -10.00 37.76
C MET F 134 4.39 -10.99 38.23
N LYS F 135 4.58 -12.27 37.95
CA LYS F 135 3.75 -13.36 38.45
C LYS F 135 3.53 -13.21 39.97
N ASP F 136 4.61 -13.09 40.76
CA ASP F 136 4.49 -13.04 42.20
C ASP F 136 3.65 -11.85 42.65
N ALA F 137 3.98 -10.66 42.15
CA ALA F 137 3.23 -9.46 42.46
C ALA F 137 1.74 -9.62 42.08
N ALA F 138 1.47 -10.15 40.88
CA ALA F 138 0.12 -10.32 40.37
C ALA F 138 -0.69 -11.29 41.23
N VAL F 139 -0.07 -12.41 41.61
CA VAL F 139 -0.75 -13.38 42.46
C VAL F 139 -1.08 -12.72 43.79
N ALA F 140 -0.15 -11.96 44.38
CA ALA F 140 -0.39 -11.35 45.69
C ALA F 140 -1.56 -10.35 45.60
N ILE F 141 -1.64 -9.62 44.49
CA ILE F 141 -2.70 -8.64 44.30
C ILE F 141 -4.05 -9.37 44.14
N VAL F 142 -4.10 -10.45 43.36
CA VAL F 142 -5.33 -11.19 43.11
C VAL F 142 -5.84 -11.87 44.40
N SER F 143 -4.92 -12.35 45.26
CA SER F 143 -5.25 -13.07 46.49
C SER F 143 -5.66 -12.12 47.63
N ASP F 144 -5.39 -10.83 47.50
CA ASP F 144 -5.66 -9.89 48.58
C ASP F 144 -7.14 -9.91 48.96
N ARG F 145 -7.42 -10.08 50.27
CA ARG F 145 -8.74 -10.26 50.86
C ARG F 145 -9.51 -8.94 50.98
N ASN F 146 -8.81 -7.82 50.92
CA ASN F 146 -9.35 -6.46 51.10
C ASN F 146 -10.36 -6.15 49.99
N GLY F 147 -11.54 -5.67 50.41
CA GLY F 147 -12.44 -4.92 49.53
C GLY F 147 -13.07 -5.80 48.44
N ILE F 148 -13.38 -7.07 48.77
CA ILE F 148 -13.98 -8.00 47.83
C ILE F 148 -14.83 -9.02 48.58
N THR F 149 -15.88 -9.57 47.93
CA THR F 149 -16.59 -10.69 48.56
C THR F 149 -15.59 -11.84 48.80
N GLN F 150 -15.57 -12.38 50.03
CA GLN F 150 -14.59 -13.39 50.44
C GLN F 150 -14.96 -14.74 49.82
N GLY F 151 -13.95 -15.51 49.43
CA GLY F 151 -14.16 -16.87 48.94
C GLY F 151 -12.88 -17.45 48.35
N ASP F 152 -13.02 -18.56 47.64
CA ASP F 152 -11.86 -19.36 47.27
C ASP F 152 -11.51 -19.13 45.79
N CYS F 153 -10.34 -18.51 45.53
CA CYS F 153 -9.85 -18.21 44.19
C CYS F 153 -8.65 -19.08 43.81
N SER F 154 -8.42 -20.19 44.54
CA SER F 154 -7.20 -20.95 44.31
C SER F 154 -7.16 -21.51 42.88
N ALA F 155 -8.32 -21.82 42.31
CA ALA F 155 -8.36 -22.37 40.96
C ALA F 155 -7.96 -21.31 39.93
N ILE F 156 -8.55 -20.11 39.98
CA ILE F 156 -8.23 -19.05 39.03
C ILE F 156 -6.78 -18.58 39.27
N ILE F 157 -6.32 -18.58 40.51
CA ILE F 157 -4.95 -18.22 40.84
C ILE F 157 -3.96 -19.19 40.17
N SER F 158 -4.27 -20.49 40.22
CA SER F 158 -3.42 -21.50 39.59
C SER F 158 -3.36 -21.33 38.07
N GLU F 159 -4.51 -21.09 37.45
CA GLU F 159 -4.58 -20.88 36.01
C GLU F 159 -3.78 -19.62 35.67
N LEU F 160 -3.94 -18.55 36.46
CA LEU F 160 -3.19 -17.34 36.20
C LEU F 160 -1.69 -17.66 36.25
N GLY F 161 -1.31 -18.45 37.26
CA GLY F 161 0.07 -18.87 37.45
C GLY F 161 0.62 -19.59 36.21
N SER F 162 -0.18 -20.50 35.66
CA SER F 162 0.23 -21.33 34.53
C SER F 162 0.60 -20.47 33.33
N TYR F 163 -0.12 -19.33 33.15
CA TYR F 163 0.11 -18.47 32.01
C TYR F 163 1.44 -17.75 32.17
N PHE F 164 1.70 -17.20 33.37
CA PHE F 164 2.96 -16.58 33.68
C PHE F 164 4.11 -17.58 33.47
N ASP F 165 3.93 -18.81 33.97
CA ASP F 165 5.00 -19.80 33.93
C ASP F 165 5.27 -20.17 32.48
N LYS F 166 4.20 -20.23 31.68
CA LYS F 166 4.36 -20.56 30.27
C LYS F 166 5.17 -19.47 29.55
N ALA F 167 4.84 -18.19 29.84
CA ALA F 167 5.56 -17.05 29.28
C ALA F 167 7.02 -17.09 29.69
N ALA F 168 7.33 -17.35 30.98
CA ALA F 168 8.71 -17.37 31.44
C ALA F 168 9.51 -18.48 30.73
N ALA F 169 8.94 -19.69 30.67
CA ALA F 169 9.64 -20.81 30.06
C ALA F 169 9.86 -20.54 28.58
N ALA F 170 9.00 -19.76 27.92
CA ALA F 170 9.13 -19.62 26.48
C ALA F 170 10.40 -18.85 26.09
N VAL F 171 11.06 -18.20 27.08
CA VAL F 171 12.23 -17.38 26.78
C VAL F 171 13.40 -17.79 27.66
N ALA F 172 13.13 -18.41 28.83
CA ALA F 172 14.11 -18.75 29.86
C ALA F 172 15.37 -19.43 29.28
N SER G 1 14.54 22.61 -5.95
CA SER G 1 15.61 21.80 -6.56
C SER G 1 16.76 21.68 -5.56
N LYS G 2 17.66 20.71 -5.81
CA LYS G 2 18.73 20.31 -4.92
C LYS G 2 19.78 21.43 -4.77
N THR G 3 19.82 21.99 -3.54
CA THR G 3 20.85 22.88 -3.03
C THR G 3 21.09 22.50 -1.59
N PRO G 4 22.23 22.87 -1.00
CA PRO G 4 22.47 22.53 0.41
C PRO G 4 21.29 23.01 1.28
N LEU G 5 20.77 24.20 0.98
CA LEU G 5 19.79 24.80 1.88
C LEU G 5 18.46 24.06 1.79
N THR G 6 17.94 23.77 0.58
CA THR G 6 16.67 23.06 0.44
C THR G 6 16.76 21.61 0.94
N GLU G 7 17.90 20.95 0.71
CA GLU G 7 18.09 19.58 1.13
C GLU G 7 18.02 19.49 2.66
N ALA G 8 18.67 20.43 3.33
CA ALA G 8 18.76 20.44 4.79
C ALA G 8 17.36 20.62 5.39
N VAL G 9 16.60 21.59 4.89
CA VAL G 9 15.25 21.83 5.36
C VAL G 9 14.34 20.64 5.02
N ALA G 10 14.49 20.04 3.83
CA ALA G 10 13.60 18.93 3.50
C ALA G 10 13.83 17.74 4.43
N ALA G 11 15.10 17.44 4.72
CA ALA G 11 15.50 16.42 5.67
C ALA G 11 14.84 16.69 7.03
N ALA G 12 15.00 17.92 7.57
CA ALA G 12 14.39 18.28 8.85
C ALA G 12 12.85 18.15 8.82
N ASP G 13 12.22 18.66 7.77
CA ASP G 13 10.79 18.67 7.62
C ASP G 13 10.24 17.23 7.57
N SER G 14 10.89 16.35 6.80
CA SER G 14 10.43 14.99 6.68
C SER G 14 10.50 14.27 8.04
N GLN G 15 11.44 14.68 8.89
CA GLN G 15 11.56 14.12 10.23
C GLN G 15 10.72 14.90 11.24
N GLY G 16 10.05 15.99 10.82
CA GLY G 16 9.23 16.82 11.70
C GLY G 16 10.02 17.57 12.77
N ARG G 17 11.29 17.88 12.48
CA ARG G 17 12.25 18.40 13.45
C ARG G 17 12.58 19.87 13.18
N PHE G 18 12.95 20.59 14.25
CA PHE G 18 13.59 21.88 14.07
C PHE G 18 14.96 21.61 13.47
N LEU G 19 15.54 22.62 12.81
CA LEU G 19 16.92 22.57 12.38
C LEU G 19 17.83 22.48 13.61
N SER G 20 18.96 21.79 13.44
CA SER G 20 19.88 21.54 14.54
C SER G 20 21.30 21.80 14.03
N SER G 21 22.33 21.50 14.83
CA SER G 21 23.69 21.84 14.43
C SER G 21 24.03 21.25 13.06
N THR G 22 23.42 20.12 12.72
CA THR G 22 23.72 19.44 11.48
C THR G 22 23.42 20.38 10.31
N GLU G 23 22.23 20.97 10.32
CA GLU G 23 21.81 21.83 9.24
C GLU G 23 22.56 23.16 9.28
N LEU G 24 22.98 23.60 10.48
CA LEU G 24 23.71 24.85 10.50
C LEU G 24 25.08 24.64 9.86
N GLN G 25 25.66 23.45 10.08
CA GLN G 25 26.90 23.10 9.41
C GLN G 25 26.71 23.11 7.88
N VAL G 26 25.56 22.61 7.41
CA VAL G 26 25.26 22.67 5.98
C VAL G 26 25.28 24.14 5.53
N ALA G 27 24.67 25.03 6.34
CA ALA G 27 24.61 26.44 5.96
C ALA G 27 26.01 27.05 5.90
N PHE G 28 26.85 26.77 6.90
CA PHE G 28 28.21 27.28 6.92
C PHE G 28 28.96 26.83 5.66
N GLY G 29 28.88 25.53 5.33
CA GLY G 29 29.44 24.99 4.09
C GLY G 29 28.90 25.69 2.84
N ARG G 30 27.58 25.96 2.82
CA ARG G 30 26.95 26.73 1.74
C ARG G 30 27.58 28.12 1.59
N PHE G 31 27.66 28.85 2.72
CA PHE G 31 28.13 30.23 2.69
C PHE G 31 29.63 30.33 2.43
N ARG G 32 30.43 29.33 2.87
CA ARG G 32 31.83 29.20 2.49
C ARG G 32 31.98 29.07 0.96
N GLN G 33 31.04 28.37 0.32
CA GLN G 33 31.15 28.09 -1.11
C GLN G 33 30.67 29.25 -1.98
N ALA G 34 29.62 29.96 -1.53
CA ALA G 34 28.80 30.82 -2.36
C ALA G 34 29.60 31.99 -2.93
N ALA G 35 30.56 32.54 -2.19
CA ALA G 35 31.33 33.68 -2.69
C ALA G 35 32.02 33.33 -4.01
N SER G 36 32.73 32.20 -4.04
CA SER G 36 33.41 31.79 -5.25
C SER G 36 32.39 31.31 -6.28
N GLY G 37 31.27 30.71 -5.85
CA GLY G 37 30.25 30.28 -6.79
C GLY G 37 29.60 31.45 -7.54
N LEU G 38 29.26 32.50 -6.80
CA LEU G 38 28.69 33.71 -7.37
C LEU G 38 29.69 34.40 -8.31
N ALA G 39 30.98 34.45 -7.91
CA ALA G 39 32.05 35.04 -8.71
C ALA G 39 32.20 34.30 -10.04
N ALA G 40 32.11 32.97 -9.99
CA ALA G 40 32.25 32.15 -11.19
C ALA G 40 31.08 32.42 -12.14
N ALA G 41 29.86 32.51 -11.59
CA ALA G 41 28.65 32.79 -12.36
C ALA G 41 28.80 34.13 -13.09
N LYS G 42 29.29 35.16 -12.39
CA LYS G 42 29.58 36.47 -12.95
C LYS G 42 30.63 36.39 -14.08
N ALA G 43 31.71 35.63 -13.90
CA ALA G 43 32.73 35.54 -14.94
C ALA G 43 32.19 34.82 -16.18
N LEU G 44 31.56 33.65 -15.99
CA LEU G 44 31.01 32.87 -17.10
C LEU G 44 30.04 33.73 -17.90
N ALA G 45 29.20 34.49 -17.20
CA ALA G 45 28.19 35.33 -17.84
C ALA G 45 28.87 36.39 -18.72
N ASN G 46 29.88 37.08 -18.18
CA ASN G 46 30.56 38.15 -18.89
C ASN G 46 31.33 37.57 -20.09
N ASN G 47 31.62 36.26 -20.07
CA ASN G 47 32.45 35.61 -21.08
C ASN G 47 31.59 34.76 -22.02
N ALA G 48 30.28 34.94 -21.96
CA ALA G 48 29.37 33.97 -22.56
C ALA G 48 29.53 33.94 -24.10
N ASP G 49 29.64 35.10 -24.75
CA ASP G 49 29.71 35.15 -26.20
C ASP G 49 30.94 34.39 -26.69
N SER G 50 32.06 34.64 -26.03
CA SER G 50 33.33 34.00 -26.32
C SER G 50 33.24 32.47 -26.10
N LEU G 51 32.74 32.06 -24.93
CA LEU G 51 32.59 30.64 -24.61
C LEU G 51 31.65 29.96 -25.60
N VAL G 52 30.49 30.56 -25.87
CA VAL G 52 29.47 29.87 -26.66
C VAL G 52 29.96 29.75 -28.10
N ASN G 53 30.55 30.83 -28.64
CA ASN G 53 31.06 30.85 -30.01
C ASN G 53 32.21 29.86 -30.16
N GLY G 54 33.15 29.88 -29.19
CA GLY G 54 34.28 28.97 -29.21
C GLY G 54 33.83 27.50 -29.08
N ALA G 55 32.87 27.21 -28.16
CA ALA G 55 32.36 25.87 -27.98
C ALA G 55 31.71 25.33 -29.27
N ALA G 56 30.88 26.14 -29.94
CA ALA G 56 30.22 25.73 -31.17
C ALA G 56 31.28 25.38 -32.24
N ASN G 57 32.28 26.28 -32.39
CA ASN G 57 33.35 26.10 -33.37
C ASN G 57 34.19 24.85 -33.07
N ALA G 58 34.44 24.59 -31.78
CA ALA G 58 35.10 23.35 -31.35
C ALA G 58 34.28 22.13 -31.80
N VAL G 59 32.95 22.21 -31.68
CA VAL G 59 32.11 21.08 -32.01
C VAL G 59 32.14 20.86 -33.53
N TYR G 60 31.91 21.93 -34.31
CA TYR G 60 31.97 21.85 -35.76
C TYR G 60 33.28 21.28 -36.28
N SER G 61 34.40 21.66 -35.64
CA SER G 61 35.73 21.16 -35.98
C SER G 61 35.90 19.68 -35.63
N LYS G 62 35.44 19.27 -34.44
CA LYS G 62 35.58 17.89 -34.00
C LYS G 62 34.67 16.99 -34.85
N PHE G 63 33.51 17.52 -35.29
CA PHE G 63 32.50 16.74 -36.01
C PHE G 63 32.12 17.43 -37.31
N PRO G 64 33.02 17.54 -38.31
CA PRO G 64 32.73 18.35 -39.51
C PRO G 64 31.47 17.88 -40.26
N TYR G 65 31.06 16.63 -40.09
CA TYR G 65 29.85 16.15 -40.78
C TYR G 65 28.62 16.93 -40.33
N THR G 66 28.66 17.53 -39.12
CA THR G 66 27.53 18.31 -38.62
C THR G 66 27.30 19.59 -39.43
N THR G 67 28.31 20.11 -40.12
CA THR G 67 28.10 21.36 -40.85
C THR G 67 27.88 21.12 -42.34
N SER G 68 28.11 19.89 -42.83
CA SER G 68 28.03 19.60 -44.26
C SER G 68 26.88 18.65 -44.61
N THR G 69 26.37 17.89 -43.63
CA THR G 69 25.32 16.92 -43.88
C THR G 69 23.95 17.60 -43.76
N PRO G 70 23.08 17.55 -44.80
CA PRO G 70 21.74 18.11 -44.70
C PRO G 70 20.92 17.25 -43.75
N GLY G 71 19.95 17.89 -43.08
CA GLY G 71 19.19 17.23 -42.03
C GLY G 71 18.70 18.22 -40.97
N ASN G 72 17.52 17.94 -40.42
CA ASN G 72 16.92 18.77 -39.39
C ASN G 72 17.79 18.77 -38.14
N ASN G 73 18.53 17.69 -37.87
CA ASN G 73 19.33 17.55 -36.65
C ASN G 73 20.72 18.18 -36.76
N PHE G 74 21.09 18.64 -37.97
CA PHE G 74 22.44 19.11 -38.27
C PHE G 74 22.52 20.64 -38.39
N ALA G 75 23.76 21.14 -38.36
CA ALA G 75 24.10 22.55 -38.40
C ALA G 75 24.67 22.90 -39.78
N SER G 76 24.04 22.36 -40.83
CA SER G 76 24.47 22.59 -42.20
C SER G 76 23.85 23.86 -42.81
N THR G 77 22.86 24.45 -42.14
CA THR G 77 22.24 25.70 -42.55
C THR G 77 22.46 26.74 -41.44
N PRO G 78 22.15 28.04 -41.68
CA PRO G 78 22.24 29.08 -40.65
C PRO G 78 21.32 28.81 -39.47
N GLU G 79 20.14 28.24 -39.77
CA GLU G 79 19.12 27.97 -38.78
C GLU G 79 19.63 26.88 -37.84
N GLY G 80 20.32 25.88 -38.42
CA GLY G 80 20.88 24.75 -37.71
C GLY G 80 22.01 25.19 -36.78
N LYS G 81 22.91 26.03 -37.30
CA LYS G 81 23.97 26.63 -36.51
C LYS G 81 23.35 27.43 -35.37
N ALA G 82 22.25 28.15 -35.66
CA ALA G 82 21.61 28.99 -34.65
C ALA G 82 21.03 28.12 -33.53
N LYS G 83 20.37 27.02 -33.91
CA LYS G 83 19.86 26.05 -32.93
C LYS G 83 21.00 25.57 -32.04
N CYS G 84 22.16 25.30 -32.66
CA CYS G 84 23.28 24.68 -31.95
C CYS G 84 23.88 25.67 -30.94
N ALA G 85 24.17 26.90 -31.40
CA ALA G 85 24.70 27.95 -30.53
C ALA G 85 23.71 28.26 -29.40
N ARG G 86 22.41 28.30 -29.74
CA ARG G 86 21.35 28.44 -28.76
C ARG G 86 21.46 27.36 -27.66
N ASP G 87 21.54 26.08 -28.08
CA ASP G 87 21.60 24.98 -27.11
C ASP G 87 22.83 25.10 -26.21
N ILE G 88 23.98 25.49 -26.80
CA ILE G 88 25.23 25.59 -26.05
C ILE G 88 25.11 26.69 -24.99
N GLY G 89 24.50 27.82 -25.38
CA GLY G 89 24.17 28.92 -24.47
C GLY G 89 23.27 28.47 -23.31
N TYR G 90 22.31 27.60 -23.60
CA TYR G 90 21.45 27.03 -22.59
C TYR G 90 22.29 26.25 -21.57
N TYR G 91 23.14 25.36 -22.07
CA TYR G 91 24.02 24.62 -21.18
C TYR G 91 24.84 25.60 -20.34
N LEU G 92 25.50 26.60 -20.96
CA LEU G 92 26.35 27.51 -20.19
C LEU G 92 25.51 28.23 -19.15
N ARG G 93 24.39 28.83 -19.58
CA ARG G 93 23.55 29.63 -18.69
C ARG G 93 23.10 28.79 -17.50
N ILE G 94 22.73 27.54 -17.76
CA ILE G 94 22.19 26.71 -16.67
C ILE G 94 23.30 26.24 -15.72
N VAL G 95 24.53 26.06 -16.23
CA VAL G 95 25.69 25.84 -15.37
C VAL G 95 25.87 27.04 -14.41
N THR G 96 25.71 28.28 -14.91
CA THR G 96 25.81 29.44 -14.04
C THR G 96 24.74 29.38 -12.94
N TYR G 97 23.55 28.89 -13.27
CA TYR G 97 22.51 28.81 -12.25
C TYR G 97 22.87 27.80 -11.14
N ALA G 98 23.59 26.73 -11.50
CA ALA G 98 24.03 25.76 -10.52
C ALA G 98 25.09 26.38 -9.61
N LEU G 99 25.95 27.24 -10.17
CA LEU G 99 26.91 27.94 -9.34
C LEU G 99 26.20 28.90 -8.38
N VAL G 100 25.14 29.56 -8.92
CA VAL G 100 24.38 30.50 -8.12
C VAL G 100 23.70 29.77 -6.96
N ALA G 101 23.14 28.59 -7.27
CA ALA G 101 22.36 27.80 -6.34
C ALA G 101 23.24 27.02 -5.36
N GLY G 102 24.48 26.73 -5.78
CA GLY G 102 25.36 25.84 -5.04
C GLY G 102 24.92 24.39 -5.09
N GLY G 103 24.30 23.98 -6.21
CA GLY G 103 23.92 22.59 -6.38
C GLY G 103 23.44 22.31 -7.79
N THR G 104 23.10 21.02 -8.05
CA THR G 104 22.73 20.57 -9.39
C THR G 104 21.24 20.88 -9.69
N GLY G 105 20.51 21.37 -8.68
CA GLY G 105 19.08 21.61 -8.79
C GLY G 105 18.64 22.32 -10.09
N PRO G 106 19.17 23.50 -10.44
CA PRO G 106 18.81 24.14 -11.70
C PRO G 106 19.08 23.29 -12.95
N ILE G 107 20.19 22.54 -12.92
CA ILE G 107 20.52 21.66 -14.03
C ILE G 107 19.48 20.54 -14.08
N ASP G 108 19.20 19.95 -12.91
CA ASP G 108 18.32 18.80 -12.86
C ASP G 108 16.94 19.22 -13.38
N GLU G 109 16.49 20.42 -13.00
CA GLU G 109 15.11 20.87 -13.25
C GLU G 109 14.94 21.37 -14.70
N TYR G 110 15.86 22.24 -15.16
CA TYR G 110 15.67 22.94 -16.43
C TYR G 110 16.26 22.19 -17.62
N LEU G 111 17.23 21.30 -17.41
CA LEU G 111 17.99 20.76 -18.53
C LEU G 111 18.04 19.23 -18.55
N LEU G 112 18.28 18.59 -17.37
CA LEU G 112 18.57 17.17 -17.30
C LEU G 112 17.31 16.30 -17.35
N ALA G 113 16.23 16.71 -16.67
CA ALA G 113 14.97 15.96 -16.75
C ALA G 113 14.45 16.08 -18.18
N GLY G 114 14.22 14.92 -18.82
CA GLY G 114 13.80 14.82 -20.20
C GLY G 114 14.96 14.90 -21.20
N LEU G 115 16.19 15.07 -20.70
CA LEU G 115 17.33 15.23 -21.61
C LEU G 115 17.49 14.08 -22.60
N ASP G 116 17.56 12.83 -22.13
CA ASP G 116 17.73 11.68 -23.01
C ASP G 116 16.62 11.65 -24.06
N GLU G 117 15.39 11.92 -23.63
CA GLU G 117 14.25 11.86 -24.53
C GLU G 117 14.38 12.90 -25.67
N ILE G 118 14.88 14.09 -25.33
CA ILE G 118 15.02 15.14 -26.32
C ILE G 118 16.12 14.77 -27.32
N ASN G 119 17.25 14.29 -26.79
CA ASN G 119 18.38 13.93 -27.63
C ASN G 119 17.97 12.78 -28.58
N LYS G 120 17.19 11.80 -28.06
CA LYS G 120 16.66 10.72 -28.89
C LYS G 120 15.68 11.24 -29.95
N THR G 121 14.64 11.96 -29.54
CA THR G 121 13.60 12.39 -30.46
C THR G 121 14.17 13.24 -31.59
N PHE G 122 15.02 14.22 -31.27
CA PHE G 122 15.56 15.11 -32.27
C PHE G 122 16.90 14.64 -32.84
N ASP G 123 17.38 13.44 -32.47
CA ASP G 123 18.59 12.85 -33.07
C ASP G 123 19.80 13.77 -32.86
N LEU G 124 19.96 14.23 -31.63
CA LEU G 124 21.10 15.05 -31.25
C LEU G 124 22.10 14.11 -30.57
N ALA G 125 23.39 14.18 -30.98
CA ALA G 125 24.35 13.24 -30.42
C ALA G 125 24.84 13.76 -29.08
N PRO G 126 24.73 12.95 -27.98
CA PRO G 126 25.31 13.36 -26.69
C PRO G 126 26.75 13.87 -26.87
N SER G 127 27.52 13.23 -27.75
CA SER G 127 28.95 13.53 -27.84
C SER G 127 29.19 14.97 -28.28
N TRP G 128 28.29 15.54 -29.11
CA TRP G 128 28.38 16.95 -29.47
C TRP G 128 28.44 17.84 -28.23
N TYR G 129 27.55 17.58 -27.28
CA TYR G 129 27.42 18.40 -26.08
C TYR G 129 28.59 18.16 -25.13
N VAL G 130 29.10 16.92 -25.11
CA VAL G 130 30.25 16.58 -24.30
C VAL G 130 31.41 17.49 -24.74
N GLU G 131 31.61 17.59 -26.06
CA GLU G 131 32.68 18.38 -26.65
C GLU G 131 32.49 19.86 -26.31
N ALA G 132 31.26 20.39 -26.45
CA ALA G 132 30.98 21.78 -26.11
C ALA G 132 31.33 22.05 -24.64
N LEU G 133 30.95 21.12 -23.75
CA LEU G 133 31.18 21.24 -22.32
C LEU G 133 32.67 21.16 -22.00
N LYS G 134 33.39 20.31 -22.73
CA LYS G 134 34.84 20.22 -22.59
C LYS G 134 35.51 21.55 -22.94
N TYR G 135 35.12 22.13 -24.08
CA TYR G 135 35.64 23.44 -24.43
C TYR G 135 35.37 24.46 -23.30
N ILE G 136 34.14 24.49 -22.74
CA ILE G 136 33.84 25.45 -21.68
C ILE G 136 34.76 25.23 -20.48
N LYS G 137 34.98 23.96 -20.10
CA LYS G 137 35.79 23.62 -18.95
C LYS G 137 37.22 24.14 -19.12
N ALA G 138 37.78 23.92 -20.33
CA ALA G 138 39.13 24.36 -20.69
C ALA G 138 39.30 25.87 -20.76
N ASN G 139 38.21 26.63 -21.02
CA ASN G 139 38.41 28.03 -21.39
C ASN G 139 37.71 29.03 -20.47
N HIS G 140 37.13 28.56 -19.38
CA HIS G 140 36.41 29.47 -18.49
C HIS G 140 37.37 30.35 -17.68
N GLY G 141 38.66 30.00 -17.62
CA GLY G 141 39.66 30.84 -16.96
C GLY G 141 39.46 30.98 -15.43
N LEU G 142 38.71 30.05 -14.82
CA LEU G 142 38.51 30.08 -13.37
C LEU G 142 39.63 29.33 -12.67
N SER G 143 39.81 29.59 -11.38
CA SER G 143 40.76 28.79 -10.64
C SER G 143 40.21 28.55 -9.24
N GLY G 144 40.92 27.75 -8.44
CA GLY G 144 40.56 27.55 -7.05
C GLY G 144 39.18 26.91 -6.92
N ASP G 145 38.47 27.29 -5.84
CA ASP G 145 37.13 26.77 -5.56
C ASP G 145 36.13 27.10 -6.68
N SER G 146 36.19 28.29 -7.29
CA SER G 146 35.36 28.60 -8.45
C SER G 146 35.53 27.53 -9.53
N ARG G 147 36.80 27.26 -9.89
CA ARG G 147 37.12 26.24 -10.87
C ARG G 147 36.54 24.89 -10.47
N ASP G 148 36.75 24.49 -9.21
CA ASP G 148 36.38 23.15 -8.78
C ASP G 148 34.86 22.98 -8.82
N GLU G 149 34.14 23.98 -8.33
CA GLU G 149 32.68 23.90 -8.32
C GLU G 149 32.14 23.91 -9.74
N ALA G 150 32.69 24.80 -10.59
CA ALA G 150 32.24 24.86 -11.98
C ALA G 150 32.50 23.54 -12.69
N ASN G 151 33.72 22.98 -12.54
CA ASN G 151 34.11 21.72 -13.14
C ASN G 151 33.20 20.59 -12.65
N SER G 152 32.71 20.64 -11.39
CA SER G 152 31.83 19.56 -10.98
C SER G 152 30.51 19.57 -11.73
N TYR G 153 29.96 20.74 -12.06
CA TYR G 153 28.72 20.86 -12.81
C TYR G 153 28.95 20.45 -14.27
N ILE G 154 30.09 20.84 -14.83
CA ILE G 154 30.39 20.51 -16.22
C ILE G 154 30.56 19.00 -16.33
N ASP G 155 31.33 18.41 -15.41
CA ASP G 155 31.55 16.98 -15.35
C ASP G 155 30.25 16.22 -15.04
N TYR G 156 29.37 16.78 -14.20
CA TYR G 156 28.09 16.15 -13.90
C TYR G 156 27.24 15.99 -15.16
N LEU G 157 27.26 17.00 -16.04
CA LEU G 157 26.58 16.93 -17.32
C LEU G 157 27.27 15.93 -18.25
N ILE G 158 28.62 15.89 -18.24
CA ILE G 158 29.32 15.00 -19.16
C ILE G 158 28.94 13.56 -18.80
N ASN G 159 28.90 13.29 -17.49
CA ASN G 159 28.51 12.01 -16.92
C ASN G 159 27.09 11.66 -17.34
N ALA G 160 26.17 12.62 -17.24
CA ALA G 160 24.79 12.38 -17.64
C ALA G 160 24.63 12.18 -19.16
N LEU G 161 25.58 12.67 -19.97
CA LEU G 161 25.51 12.47 -21.42
C LEU G 161 26.26 11.20 -21.86
N SER G 162 26.75 10.41 -20.89
CA SER G 162 27.57 9.23 -21.12
C SER G 162 27.02 8.06 -20.31
N THR H 1 9.92 24.04 -3.56
CA THR H 1 10.42 25.10 -2.66
C THR H 1 11.66 25.74 -3.31
N PHE H 2 11.85 27.01 -3.03
CA PHE H 2 13.02 27.76 -3.45
C PHE H 2 13.76 28.12 -2.18
N ASP H 3 15.07 28.28 -2.32
CA ASP H 3 15.80 29.09 -1.36
C ASP H 3 16.04 30.44 -2.04
N ALA H 4 16.74 31.36 -1.38
CA ALA H 4 16.95 32.72 -1.88
C ALA H 4 17.61 32.68 -3.26
N PHE H 5 18.53 31.72 -3.42
CA PHE H 5 19.34 31.58 -4.63
C PHE H 5 18.48 31.05 -5.76
N THR H 6 17.78 29.93 -5.51
CA THR H 6 16.99 29.32 -6.57
C THR H 6 15.78 30.19 -6.89
N LYS H 7 15.33 31.04 -5.96
CA LYS H 7 14.25 31.99 -6.28
C LYS H 7 14.71 32.89 -7.43
N VAL H 8 15.93 33.44 -7.33
CA VAL H 8 16.44 34.37 -8.32
C VAL H 8 16.68 33.62 -9.65
N VAL H 9 17.21 32.38 -9.56
CA VAL H 9 17.40 31.52 -10.72
C VAL H 9 16.09 31.32 -11.51
N ALA H 10 14.99 31.01 -10.81
CA ALA H 10 13.72 30.75 -11.48
C ALA H 10 13.32 31.93 -12.37
N GLN H 11 13.47 33.14 -11.82
CA GLN H 11 13.14 34.37 -12.53
C GLN H 11 14.02 34.50 -13.78
N ALA H 12 15.32 34.24 -13.61
CA ALA H 12 16.25 34.42 -14.69
C ALA H 12 15.99 33.42 -15.81
N ASP H 13 15.65 32.18 -15.43
CA ASP H 13 15.50 31.15 -16.45
C ASP H 13 14.30 31.51 -17.33
N ALA H 14 13.22 31.99 -16.70
CA ALA H 14 11.99 32.28 -17.43
C ALA H 14 12.20 33.39 -18.47
N ARG H 15 13.24 34.22 -18.28
CA ARG H 15 13.61 35.29 -19.21
C ARG H 15 14.77 34.84 -20.10
N GLY H 16 15.28 33.62 -19.87
CA GLY H 16 16.44 33.09 -20.56
C GLY H 16 17.68 33.99 -20.46
N GLU H 17 17.95 34.49 -19.24
CA GLU H 17 19.01 35.47 -18.98
C GLU H 17 19.96 34.95 -17.90
N PHE H 18 21.25 35.26 -18.03
CA PHE H 18 22.16 35.14 -16.89
C PHE H 18 21.66 36.08 -15.80
N LEU H 19 21.89 35.74 -14.53
CA LEU H 19 21.76 36.75 -13.49
C LEU H 19 22.67 37.93 -13.86
N SER H 20 22.10 39.13 -13.76
CA SER H 20 22.83 40.37 -13.86
C SER H 20 23.84 40.51 -12.71
N ASP H 21 24.82 41.40 -12.93
CA ASP H 21 25.85 41.76 -11.96
C ASP H 21 25.22 42.23 -10.65
N ALA H 22 24.15 43.03 -10.73
CA ALA H 22 23.53 43.56 -9.52
C ALA H 22 22.79 42.44 -8.78
N GLN H 23 22.12 41.54 -9.53
CA GLN H 23 21.42 40.40 -8.95
C GLN H 23 22.42 39.51 -8.20
N LEU H 24 23.62 39.37 -8.78
CA LEU H 24 24.62 38.55 -8.14
C LEU H 24 25.14 39.27 -6.90
N ASP H 25 25.29 40.60 -7.00
CA ASP H 25 25.81 41.38 -5.89
C ASP H 25 24.83 41.35 -4.72
N ALA H 26 23.53 41.43 -4.99
CA ALA H 26 22.54 41.28 -3.93
C ALA H 26 22.74 39.93 -3.22
N LEU H 27 22.95 38.85 -3.98
CA LEU H 27 23.06 37.55 -3.34
C LEU H 27 24.38 37.48 -2.56
N SER H 28 25.40 38.19 -3.04
CA SER H 28 26.70 38.29 -2.37
C SER H 28 26.53 38.92 -0.99
N ARG H 29 25.64 39.90 -0.87
CA ARG H 29 25.46 40.58 0.41
C ARG H 29 24.71 39.68 1.37
N LEU H 30 23.75 38.88 0.87
CA LEU H 30 23.11 37.90 1.73
C LEU H 30 24.15 36.89 2.24
N VAL H 31 25.03 36.42 1.34
CA VAL H 31 26.10 35.52 1.73
C VAL H 31 26.99 36.13 2.82
N ALA H 32 27.41 37.39 2.67
CA ALA H 32 28.31 38.04 3.63
C ALA H 32 27.67 38.18 5.01
N GLU H 33 26.34 38.17 5.07
CA GLU H 33 25.59 38.27 6.31
C GLU H 33 25.15 36.90 6.83
N GLY H 34 25.68 35.81 6.26
CA GLY H 34 25.20 34.47 6.52
C GLY H 34 25.29 34.03 7.98
N ASN H 35 26.37 34.43 8.68
CA ASN H 35 26.51 34.06 10.08
C ASN H 35 25.30 34.58 10.90
N LYS H 36 24.78 35.76 10.53
CA LYS H 36 23.70 36.37 11.28
C LYS H 36 22.40 35.57 11.11
N ARG H 37 22.21 35.05 9.88
CA ARG H 37 21.08 34.22 9.52
C ARG H 37 21.12 32.94 10.37
N ILE H 38 22.29 32.29 10.43
CA ILE H 38 22.51 31.06 11.17
C ILE H 38 22.23 31.27 12.68
N ASP H 39 22.76 32.36 13.24
CA ASP H 39 22.51 32.72 14.64
C ASP H 39 21.00 32.93 14.86
N THR H 40 20.30 33.51 13.86
CA THR H 40 18.87 33.77 14.03
C THR H 40 18.12 32.45 14.16
N VAL H 41 18.46 31.46 13.34
CA VAL H 41 17.77 30.19 13.30
C VAL H 41 18.02 29.42 14.61
N ASN H 42 19.30 29.37 15.01
CA ASN H 42 19.78 28.68 16.19
C ASN H 42 19.14 29.24 17.46
N ARG H 43 19.02 30.58 17.52
CA ARG H 43 18.50 31.28 18.68
C ARG H 43 17.02 30.93 18.87
N ILE H 44 16.24 31.03 17.79
CA ILE H 44 14.83 30.69 17.89
C ILE H 44 14.73 29.22 18.28
N THR H 45 15.46 28.34 17.56
CA THR H 45 15.43 26.90 17.79
C THR H 45 15.74 26.58 19.25
N GLY H 46 16.80 27.20 19.79
CA GLY H 46 17.23 27.05 21.17
C GLY H 46 16.13 27.37 22.17
N ASN H 47 15.15 28.22 21.80
CA ASN H 47 14.16 28.69 22.74
C ASN H 47 12.73 28.30 22.34
N ALA H 48 12.59 27.25 21.54
CA ALA H 48 11.35 26.99 20.81
C ALA H 48 10.23 26.62 21.76
N SER H 49 10.54 25.76 22.75
CA SER H 49 9.55 25.26 23.70
C SER H 49 8.98 26.39 24.54
N SER H 50 9.86 27.24 25.07
CA SER H 50 9.35 28.36 25.87
C SER H 50 8.70 29.45 25.00
N ILE H 51 9.15 29.63 23.74
CA ILE H 51 8.47 30.60 22.88
C ILE H 51 7.02 30.13 22.68
N VAL H 52 6.82 28.82 22.46
CA VAL H 52 5.49 28.28 22.27
C VAL H 52 4.68 28.38 23.56
N ALA H 53 5.21 27.84 24.67
CA ALA H 53 4.46 27.74 25.92
C ALA H 53 4.08 29.14 26.44
N ASN H 54 5.00 30.09 26.38
CA ASN H 54 4.71 31.43 26.87
C ASN H 54 3.66 32.14 26.02
N ALA H 55 3.69 31.91 24.70
CA ALA H 55 2.72 32.57 23.83
C ALA H 55 1.34 32.00 24.14
N ALA H 56 1.28 30.67 24.28
CA ALA H 56 0.03 29.96 24.48
C ALA H 56 -0.59 30.41 25.80
N ARG H 57 0.24 30.41 26.86
CA ARG H 57 -0.21 30.79 28.19
C ARG H 57 -0.83 32.19 28.18
N ALA H 58 -0.14 33.15 27.55
CA ALA H 58 -0.64 34.52 27.47
C ALA H 58 -1.94 34.55 26.67
N LEU H 59 -2.00 33.83 25.53
CA LEU H 59 -3.21 33.81 24.72
C LEU H 59 -4.41 33.38 25.55
N PHE H 60 -4.26 32.28 26.31
CA PHE H 60 -5.37 31.73 27.08
C PHE H 60 -5.76 32.65 28.26
N ALA H 61 -4.77 33.37 28.83
CA ALA H 61 -5.05 34.35 29.88
C ALA H 61 -5.91 35.47 29.31
N GLU H 62 -5.59 35.92 28.09
CA GLU H 62 -6.29 37.03 27.46
C GLU H 62 -7.62 36.59 26.89
N GLN H 63 -7.74 35.30 26.54
CA GLN H 63 -8.95 34.81 25.90
C GLN H 63 -9.47 33.58 26.66
N PRO H 64 -9.95 33.77 27.92
CA PRO H 64 -10.36 32.64 28.77
C PRO H 64 -11.37 31.71 28.11
N SER H 65 -12.18 32.24 27.17
CA SER H 65 -13.21 31.42 26.56
C SER H 65 -12.62 30.32 25.68
N LEU H 66 -11.36 30.46 25.21
CA LEU H 66 -10.74 29.38 24.45
C LEU H 66 -10.64 28.10 25.30
N ILE H 67 -10.42 28.21 26.61
CA ILE H 67 -10.16 27.01 27.38
C ILE H 67 -11.33 26.62 28.29
N ALA H 68 -12.37 27.47 28.40
CA ALA H 68 -13.57 27.10 29.15
C ALA H 68 -14.19 25.87 28.49
N PRO H 69 -14.86 24.97 29.25
CA PRO H 69 -15.50 23.80 28.62
C PRO H 69 -16.31 24.29 27.42
N GLY H 70 -16.26 23.55 26.29
CA GLY H 70 -16.96 23.97 25.08
C GLY H 70 -16.12 24.90 24.18
N GLY H 71 -15.01 25.41 24.74
CA GLY H 71 -14.09 26.30 24.00
C GLY H 71 -13.26 25.55 22.98
N ALA H 73 -10.09 25.36 22.58
CA ALA H 73 -8.84 24.75 23.10
C ALA H 73 -9.15 23.82 24.28
N TYR H 74 -10.43 23.66 24.64
CA TYR H 74 -10.86 22.79 25.76
C TYR H 74 -10.70 21.30 25.35
N THR H 75 -10.31 20.45 26.30
CA THR H 75 -9.97 18.98 26.19
C THR H 75 -8.49 18.83 25.78
N ASN H 76 -7.79 17.89 26.42
CA ASN H 76 -6.34 17.66 26.18
C ASN H 76 -6.03 17.46 24.68
N ARG H 77 -6.96 16.85 23.94
CA ARG H 77 -6.70 16.59 22.52
C ARG H 77 -6.62 17.91 21.74
N ARG H 78 -7.56 18.81 22.02
CA ARG H 78 -7.68 20.12 21.38
C ARG H 78 -6.55 21.02 21.85
N MET H 79 -6.28 21.08 23.17
CA MET H 79 -5.13 21.82 23.66
C MET H 79 -3.83 21.32 23.00
N ALA H 80 -3.64 20.00 22.92
CA ALA H 80 -2.44 19.42 22.30
C ALA H 80 -2.31 19.83 20.82
N ALA H 81 -3.46 19.82 20.11
CA ALA H 81 -3.52 20.23 18.72
C ALA H 81 -3.11 21.69 18.60
N CYS H 82 -3.57 22.52 19.54
CA CYS H 82 -3.33 23.96 19.52
C CYS H 82 -1.84 24.30 19.75
N LEU H 83 -1.23 23.66 20.75
CA LEU H 83 0.19 23.83 21.00
C LEU H 83 1.00 23.42 19.77
N ARG H 84 0.65 22.27 19.17
CA ARG H 84 1.32 21.67 18.02
C ARG H 84 1.31 22.69 16.86
N ASP H 85 0.14 23.30 16.62
CA ASP H 85 -0.04 24.32 15.58
C ASP H 85 0.95 25.47 15.80
N MET H 86 1.06 25.93 17.04
CA MET H 86 1.97 27.02 17.35
C MET H 86 3.41 26.59 17.06
N GLU H 87 3.77 25.35 17.43
CA GLU H 87 5.12 24.85 17.20
C GLU H 87 5.38 24.70 15.70
N ILE H 88 4.41 24.18 14.95
CA ILE H 88 4.55 23.96 13.51
C ILE H 88 4.85 25.31 12.83
N ILE H 89 4.10 26.36 13.19
CA ILE H 89 4.27 27.66 12.56
C ILE H 89 5.67 28.21 12.88
N LEU H 90 6.07 28.14 14.15
CA LEU H 90 7.41 28.55 14.52
C LEU H 90 8.45 27.74 13.72
N ARG H 91 8.25 26.43 13.64
CA ARG H 91 9.19 25.60 12.92
C ARG H 91 9.32 26.10 11.47
N TYR H 92 8.19 26.35 10.80
CA TYR H 92 8.23 26.69 9.36
C TYR H 92 8.82 28.11 9.17
N VAL H 93 8.56 29.00 10.14
CA VAL H 93 9.19 30.32 10.15
C VAL H 93 10.71 30.13 10.19
N THR H 94 11.24 29.22 11.02
CA THR H 94 12.69 29.04 11.06
C THR H 94 13.21 28.49 9.74
N TYR H 95 12.43 27.64 9.06
CA TYR H 95 12.88 27.10 7.79
C TYR H 95 13.01 28.23 6.75
N ALA H 96 12.10 29.19 6.83
CA ALA H 96 12.03 30.29 5.86
C ALA H 96 13.23 31.22 6.06
N VAL H 97 13.56 31.47 7.34
CA VAL H 97 14.79 32.17 7.69
C VAL H 97 16.00 31.40 7.15
N PHE H 98 16.06 30.08 7.36
CA PHE H 98 17.25 29.30 6.99
C PHE H 98 17.48 29.38 5.49
N THR H 99 16.38 29.32 4.72
CA THR H 99 16.44 29.26 3.26
C THR H 99 16.43 30.67 2.66
N GLY H 100 16.03 31.70 3.42
CA GLY H 100 15.98 33.04 2.83
C GLY H 100 14.84 33.20 1.81
N ASP H 101 13.81 32.34 1.90
CA ASP H 101 12.64 32.45 1.05
C ASP H 101 11.39 31.93 1.78
N ALA H 102 10.23 32.59 1.53
CA ALA H 102 8.98 32.24 2.19
C ALA H 102 8.34 30.94 1.70
N SER H 103 8.72 30.44 0.51
CA SER H 103 8.03 29.32 -0.14
C SER H 103 7.84 28.10 0.77
N ILE H 104 8.88 27.70 1.53
CA ILE H 104 8.73 26.53 2.38
C ILE H 104 7.54 26.76 3.33
N LEU H 105 7.46 27.96 3.89
CA LEU H 105 6.42 28.28 4.86
C LEU H 105 5.06 28.36 4.16
N ASP H 106 4.99 29.05 3.02
CA ASP H 106 3.74 29.15 2.26
C ASP H 106 3.28 27.77 1.80
N ASP H 107 4.18 26.98 1.20
CA ASP H 107 3.70 25.77 0.52
C ASP H 107 3.38 24.67 1.52
N ARG H 108 4.16 24.54 2.58
CA ARG H 108 4.06 23.36 3.43
C ARG H 108 3.21 23.67 4.67
N CYS H 109 2.99 24.96 4.97
CA CYS H 109 2.34 25.30 6.23
C CYS H 109 1.09 26.16 6.04
N LEU H 110 1.20 27.30 5.34
CA LEU H 110 0.17 28.31 5.31
C LEU H 110 -0.92 28.02 4.27
N ASN H 111 -0.58 27.39 3.15
CA ASN H 111 -1.59 27.12 2.12
C ASN H 111 -2.63 26.14 2.63
N GLY H 112 -3.91 26.52 2.52
CA GLY H 112 -5.00 25.66 2.97
C GLY H 112 -5.39 25.90 4.43
N LEU H 113 -4.55 26.63 5.19
CA LEU H 113 -4.68 26.65 6.64
C LEU H 113 -5.96 27.41 7.03
N ARG H 114 -6.18 28.57 6.42
CA ARG H 114 -7.40 29.34 6.65
C ARG H 114 -8.61 28.43 6.45
N GLU H 115 -8.60 27.65 5.37
CA GLU H 115 -9.73 26.82 4.96
C GLU H 115 -9.94 25.69 5.98
N THR H 116 -8.83 25.06 6.41
CA THR H 116 -8.86 24.01 7.43
C THR H 116 -9.47 24.55 8.73
N TYR H 117 -9.07 25.76 9.12
CA TYR H 117 -9.55 26.37 10.34
C TYR H 117 -11.06 26.63 10.26
N LEU H 118 -11.52 27.08 9.08
CA LEU H 118 -12.92 27.38 8.83
C LEU H 118 -13.77 26.10 8.87
N ALA H 119 -13.26 25.02 8.29
CA ALA H 119 -13.92 23.71 8.36
C ALA H 119 -14.09 23.23 9.81
N LEU H 120 -13.10 23.45 10.67
CA LEU H 120 -13.10 22.87 12.00
C LEU H 120 -13.71 23.85 13.01
N GLY H 121 -13.76 25.13 12.65
CA GLY H 121 -14.15 26.19 13.57
C GLY H 121 -13.03 26.58 14.54
N VAL H 122 -11.76 26.34 14.16
CA VAL H 122 -10.66 26.96 14.88
C VAL H 122 -10.75 28.48 14.72
N PRO H 123 -10.71 29.29 15.81
CA PRO H 123 -10.73 30.75 15.68
C PRO H 123 -9.40 31.33 15.17
N GLY H 124 -9.38 31.66 13.88
CA GLY H 124 -8.17 32.13 13.21
C GLY H 124 -7.58 33.42 13.78
N ALA H 125 -8.45 34.37 14.19
CA ALA H 125 -7.97 35.60 14.78
C ALA H 125 -7.15 35.30 16.04
N SER H 126 -7.51 34.22 16.75
CA SER H 126 -6.84 33.81 17.99
C SER H 126 -5.47 33.19 17.66
N VAL H 127 -5.42 32.35 16.62
CA VAL H 127 -4.18 31.77 16.16
C VAL H 127 -3.24 32.91 15.76
N ALA H 128 -3.76 33.90 15.02
CA ALA H 128 -2.96 35.03 14.58
C ALA H 128 -2.39 35.80 15.76
N GLU H 129 -3.21 36.07 16.78
CA GLU H 129 -2.64 36.67 17.97
C GLU H 129 -1.52 35.79 18.54
N GLY H 130 -1.75 34.47 18.63
CA GLY H 130 -0.71 33.58 19.16
C GLY H 130 0.62 33.67 18.38
N VAL H 131 0.53 33.63 17.05
CA VAL H 131 1.69 33.87 16.19
C VAL H 131 2.38 35.21 16.47
N ARG H 132 1.62 36.30 16.61
CA ARG H 132 2.22 37.61 16.88
C ARG H 132 2.96 37.64 18.22
N LYS H 133 2.45 36.89 19.22
CA LYS H 133 3.19 36.85 20.49
C LYS H 133 4.50 36.09 20.32
N MET H 134 4.47 34.98 19.57
CA MET H 134 5.71 34.25 19.32
C MET H 134 6.68 35.17 18.56
N LYS H 135 6.15 36.04 17.67
CA LYS H 135 7.02 36.90 16.87
C LYS H 135 7.81 37.81 17.81
N ASP H 136 7.09 38.42 18.77
CA ASP H 136 7.66 39.36 19.72
C ASP H 136 8.70 38.65 20.58
N ALA H 137 8.39 37.44 21.08
CA ALA H 137 9.34 36.71 21.91
C ALA H 137 10.59 36.38 21.09
N ALA H 138 10.40 35.94 19.84
CA ALA H 138 11.51 35.49 19.03
C ALA H 138 12.43 36.66 18.62
N VAL H 139 11.82 37.80 18.28
CA VAL H 139 12.56 39.00 17.95
C VAL H 139 13.42 39.42 19.14
N ALA H 140 12.85 39.50 20.35
CA ALA H 140 13.65 39.85 21.52
C ALA H 140 14.80 38.85 21.73
N ILE H 141 14.55 37.54 21.55
CA ILE H 141 15.61 36.56 21.70
C ILE H 141 16.71 36.81 20.66
N VAL H 142 16.33 37.04 19.40
CA VAL H 142 17.31 37.20 18.34
C VAL H 142 18.13 38.49 18.53
N SER H 143 17.50 39.53 19.10
CA SER H 143 18.12 40.84 19.19
C SER H 143 19.04 40.96 20.42
N ASP H 144 18.95 40.00 21.35
CA ASP H 144 19.76 40.02 22.56
C ASP H 144 21.26 40.08 22.25
N ARG H 145 21.95 41.06 22.87
CA ARG H 145 23.37 41.31 22.64
C ARG H 145 24.28 40.36 23.46
N ASN H 146 23.76 39.71 24.50
CA ASN H 146 24.54 38.82 25.35
C ASN H 146 25.11 37.63 24.56
N GLY H 147 26.39 37.31 24.82
CA GLY H 147 27.03 36.05 24.43
C GLY H 147 27.14 35.82 22.91
N ILE H 148 27.33 36.90 22.13
CA ILE H 148 27.47 36.84 20.68
C ILE H 148 28.44 37.94 20.24
N THR H 149 29.09 37.74 19.08
CA THR H 149 29.85 38.83 18.46
C THR H 149 28.88 39.98 18.08
N GLN H 150 29.24 41.23 18.39
CA GLN H 150 28.34 42.37 18.22
C GLN H 150 28.28 42.81 16.76
N GLY H 151 27.08 43.23 16.35
CA GLY H 151 26.90 43.81 15.04
C GLY H 151 25.42 44.10 14.82
N ASP H 152 25.07 44.36 13.55
CA ASP H 152 23.76 44.89 13.25
C ASP H 152 22.92 43.82 12.57
N CYS H 153 21.86 43.35 13.24
CA CYS H 153 21.00 42.30 12.74
C CYS H 153 19.63 42.84 12.32
N SER H 154 19.51 44.15 12.10
CA SER H 154 18.21 44.74 11.77
C SER H 154 17.60 44.15 10.48
N ALA H 155 18.43 43.78 9.49
CA ALA H 155 17.88 43.29 8.24
C ALA H 155 17.31 41.88 8.43
N ILE H 156 18.04 41.00 9.13
CA ILE H 156 17.57 39.64 9.33
C ILE H 156 16.39 39.66 10.30
N ILE H 157 16.41 40.61 11.26
CA ILE H 157 15.31 40.68 12.21
C ILE H 157 14.04 41.14 11.50
N SER H 158 14.18 42.09 10.59
CA SER H 158 13.06 42.53 9.80
C SER H 158 12.53 41.42 8.88
N GLU H 159 13.44 40.63 8.30
CA GLU H 159 13.03 39.53 7.43
C GLU H 159 12.27 38.52 8.27
N LEU H 160 12.82 38.18 9.45
CA LEU H 160 12.20 37.25 10.39
C LEU H 160 10.78 37.73 10.75
N GLY H 161 10.66 39.03 11.07
CA GLY H 161 9.38 39.62 11.41
C GLY H 161 8.35 39.41 10.30
N SER H 162 8.83 39.61 9.06
CA SER H 162 7.96 39.53 7.90
C SER H 162 7.38 38.12 7.72
N TYR H 163 8.13 37.06 8.08
CA TYR H 163 7.59 35.70 7.93
C TYR H 163 6.50 35.44 8.95
N PHE H 164 6.71 35.88 10.19
CA PHE H 164 5.67 35.81 11.22
C PHE H 164 4.40 36.56 10.78
N ASP H 165 4.54 37.77 10.22
CA ASP H 165 3.40 38.60 9.85
C ASP H 165 2.66 37.97 8.66
N LYS H 166 3.42 37.29 7.80
CA LYS H 166 2.80 36.57 6.69
C LYS H 166 1.94 35.44 7.27
N ALA H 167 2.53 34.69 8.20
CA ALA H 167 1.83 33.58 8.81
C ALA H 167 0.55 34.07 9.52
N ALA H 168 0.69 35.14 10.34
CA ALA H 168 -0.43 35.71 11.06
C ALA H 168 -1.57 36.11 10.09
N ALA H 169 -1.22 36.76 8.98
CA ALA H 169 -2.25 37.21 8.03
C ALA H 169 -2.95 36.05 7.32
N ALA H 170 -2.24 34.93 7.16
CA ALA H 170 -2.80 33.81 6.43
C ALA H 170 -4.00 33.20 7.18
N VAL H 171 -4.15 33.52 8.48
CA VAL H 171 -5.19 32.89 9.30
C VAL H 171 -6.14 33.91 9.91
N ALA H 172 -5.68 35.17 10.04
CA ALA H 172 -6.38 36.19 10.82
C ALA H 172 -7.76 36.46 10.21
N SER I 1 7.64 -13.99 -22.63
CA SER I 1 7.67 -12.69 -23.34
C SER I 1 6.42 -12.56 -24.19
N LYS I 2 6.17 -11.35 -24.71
CA LYS I 2 4.93 -11.07 -25.43
C LYS I 2 4.81 -11.91 -26.72
N THR I 3 3.77 -12.76 -26.75
CA THR I 3 3.26 -13.44 -27.93
C THR I 3 1.74 -13.55 -27.77
N PRO I 4 0.97 -13.84 -28.83
CA PRO I 4 -0.49 -14.02 -28.68
C PRO I 4 -0.78 -15.09 -27.62
N LEU I 5 0.01 -16.17 -27.61
CA LEU I 5 -0.32 -17.31 -26.74
C LEU I 5 0.01 -16.95 -25.29
N THR I 6 1.16 -16.32 -25.04
CA THR I 6 1.50 -16.03 -23.65
C THR I 6 0.63 -14.89 -23.14
N GLU I 7 0.26 -13.96 -24.03
CA GLU I 7 -0.55 -12.80 -23.68
C GLU I 7 -1.98 -13.25 -23.31
N ALA I 8 -2.54 -14.18 -24.09
CA ALA I 8 -3.89 -14.66 -23.85
C ALA I 8 -3.97 -15.43 -22.54
N VAL I 9 -2.95 -16.24 -22.24
CA VAL I 9 -2.92 -17.01 -21.01
C VAL I 9 -2.69 -16.10 -19.79
N ALA I 10 -1.85 -15.06 -19.91
CA ALA I 10 -1.59 -14.15 -18.79
C ALA I 10 -2.88 -13.45 -18.35
N ALA I 11 -3.71 -13.05 -19.34
CA ALA I 11 -4.95 -12.35 -19.07
C ALA I 11 -5.96 -13.29 -18.40
N ALA I 12 -6.09 -14.52 -18.90
CA ALA I 12 -7.00 -15.47 -18.28
C ALA I 12 -6.55 -15.73 -16.84
N ASP I 13 -5.24 -15.96 -16.66
CA ASP I 13 -4.65 -16.27 -15.38
C ASP I 13 -4.88 -15.16 -14.35
N SER I 14 -4.55 -13.93 -14.73
CA SER I 14 -4.69 -12.80 -13.84
C SER I 14 -6.17 -12.61 -13.49
N GLN I 15 -7.08 -13.18 -14.28
CA GLN I 15 -8.50 -13.11 -13.96
C GLN I 15 -8.95 -14.39 -13.25
N GLY I 16 -8.04 -15.33 -13.00
CA GLY I 16 -8.40 -16.65 -12.48
C GLY I 16 -9.43 -17.39 -13.35
N ARG I 17 -9.36 -17.25 -14.68
CA ARG I 17 -10.39 -17.83 -15.53
C ARG I 17 -9.81 -18.91 -16.43
N PHE I 18 -10.65 -19.90 -16.77
CA PHE I 18 -10.45 -20.74 -17.94
C PHE I 18 -10.42 -19.88 -19.19
N LEU I 19 -9.66 -20.34 -20.19
CA LEU I 19 -9.70 -19.75 -21.51
C LEU I 19 -11.11 -19.90 -22.07
N SER I 20 -11.51 -18.97 -22.95
CA SER I 20 -12.85 -18.91 -23.50
C SER I 20 -12.71 -18.60 -25.00
N SER I 21 -13.83 -18.33 -25.68
CA SER I 21 -13.77 -18.17 -27.12
C SER I 21 -12.84 -17.01 -27.49
N THR I 22 -12.73 -16.02 -26.60
CA THR I 22 -11.87 -14.86 -26.83
C THR I 22 -10.45 -15.32 -27.07
N GLU I 23 -9.96 -16.23 -26.20
CA GLU I 23 -8.58 -16.68 -26.30
C GLU I 23 -8.43 -17.70 -27.42
N LEU I 24 -9.48 -18.47 -27.69
CA LEU I 24 -9.40 -19.39 -28.81
C LEU I 24 -9.23 -18.57 -30.09
N GLN I 25 -9.97 -17.45 -30.21
CA GLN I 25 -9.85 -16.59 -31.38
C GLN I 25 -8.42 -16.05 -31.46
N VAL I 26 -7.82 -15.76 -30.29
CA VAL I 26 -6.42 -15.36 -30.27
C VAL I 26 -5.55 -16.46 -30.90
N ALA I 27 -5.84 -17.72 -30.58
CA ALA I 27 -5.06 -18.83 -31.09
C ALA I 27 -5.27 -19.00 -32.61
N PHE I 28 -6.50 -18.86 -33.11
CA PHE I 28 -6.71 -18.95 -34.54
C PHE I 28 -5.93 -17.86 -35.26
N GLY I 29 -5.88 -16.65 -34.69
CA GLY I 29 -5.10 -15.59 -35.29
C GLY I 29 -3.60 -15.94 -35.31
N ARG I 30 -3.12 -16.62 -34.26
CA ARG I 30 -1.72 -16.98 -34.16
C ARG I 30 -1.38 -18.00 -35.25
N PHE I 31 -2.23 -19.03 -35.40
CA PHE I 31 -1.99 -20.06 -36.39
C PHE I 31 -2.22 -19.59 -37.82
N ARG I 32 -3.11 -18.63 -38.05
CA ARG I 32 -3.21 -18.02 -39.37
C ARG I 32 -1.89 -17.33 -39.75
N GLN I 33 -1.15 -16.84 -38.74
CA GLN I 33 0.05 -16.03 -38.97
C GLN I 33 1.33 -16.88 -39.01
N ALA I 34 1.36 -17.98 -38.26
CA ALA I 34 2.62 -18.60 -37.88
C ALA I 34 3.44 -19.08 -39.07
N ALA I 35 2.82 -19.69 -40.08
CA ALA I 35 3.56 -20.26 -41.20
C ALA I 35 4.33 -19.18 -41.94
N SER I 36 3.65 -18.08 -42.25
CA SER I 36 4.35 -16.99 -42.89
C SER I 36 5.46 -16.42 -41.98
N GLY I 37 5.27 -16.48 -40.65
CA GLY I 37 6.30 -16.05 -39.70
C GLY I 37 7.54 -16.94 -39.77
N LEU I 38 7.33 -18.26 -39.76
CA LEU I 38 8.41 -19.22 -39.79
C LEU I 38 9.17 -19.06 -41.12
N ALA I 39 8.40 -18.92 -42.24
CA ALA I 39 8.96 -18.73 -43.57
C ALA I 39 9.85 -17.49 -43.65
N ALA I 40 9.39 -16.38 -43.05
CA ALA I 40 10.17 -15.15 -43.00
C ALA I 40 11.49 -15.39 -42.28
N ALA I 41 11.40 -16.10 -41.15
CA ALA I 41 12.54 -16.37 -40.28
C ALA I 41 13.55 -17.23 -41.02
N LYS I 42 13.06 -18.27 -41.72
CA LYS I 42 13.95 -19.11 -42.52
C LYS I 42 14.64 -18.28 -43.61
N ALA I 43 13.86 -17.46 -44.34
CA ALA I 43 14.38 -16.68 -45.46
C ALA I 43 15.48 -15.73 -44.97
N LEU I 44 15.19 -15.00 -43.88
CA LEU I 44 16.12 -14.07 -43.28
C LEU I 44 17.42 -14.75 -42.88
N ALA I 45 17.31 -15.91 -42.21
CA ALA I 45 18.48 -16.66 -41.75
C ALA I 45 19.36 -17.08 -42.94
N ASN I 46 18.73 -17.57 -44.02
CA ASN I 46 19.42 -18.09 -45.18
C ASN I 46 20.20 -16.96 -45.85
N ASN I 47 19.62 -15.75 -45.82
CA ASN I 47 20.20 -14.57 -46.44
C ASN I 47 20.96 -13.72 -45.41
N ALA I 48 21.35 -14.28 -44.25
CA ALA I 48 21.97 -13.49 -43.18
C ALA I 48 23.24 -12.75 -43.62
N ASP I 49 24.18 -13.49 -44.24
CA ASP I 49 25.50 -12.91 -44.51
C ASP I 49 25.36 -11.69 -45.42
N SER I 50 24.50 -11.84 -46.43
CA SER I 50 24.33 -10.77 -47.42
C SER I 50 23.63 -9.57 -46.76
N LEU I 51 22.62 -9.83 -45.90
CA LEU I 51 21.87 -8.74 -45.28
C LEU I 51 22.74 -7.97 -44.30
N VAL I 52 23.47 -8.70 -43.47
CA VAL I 52 24.32 -8.09 -42.45
C VAL I 52 25.42 -7.24 -43.11
N ASN I 53 26.11 -7.81 -44.11
CA ASN I 53 27.21 -7.12 -44.76
C ASN I 53 26.68 -5.95 -45.58
N GLY I 54 25.53 -6.16 -46.24
CA GLY I 54 24.86 -5.09 -46.97
C GLY I 54 24.51 -3.92 -46.04
N ALA I 55 23.97 -4.24 -44.86
CA ALA I 55 23.51 -3.24 -43.90
C ALA I 55 24.71 -2.53 -43.26
N ALA I 56 25.80 -3.26 -42.98
CA ALA I 56 26.99 -2.62 -42.42
C ALA I 56 27.56 -1.61 -43.42
N ASN I 57 27.65 -2.04 -44.70
CA ASN I 57 28.12 -1.15 -45.75
C ASN I 57 27.21 0.05 -45.90
N ALA I 58 25.89 -0.14 -45.74
CA ALA I 58 24.95 0.97 -45.87
C ALA I 58 25.22 2.02 -44.79
N VAL I 59 25.45 1.52 -43.55
CA VAL I 59 25.86 2.41 -42.47
C VAL I 59 27.18 3.12 -42.82
N TYR I 60 28.24 2.40 -43.25
CA TYR I 60 29.54 3.03 -43.41
C TYR I 60 29.51 4.09 -44.53
N SER I 61 28.64 3.87 -45.54
CA SER I 61 28.44 4.80 -46.65
C SER I 61 27.74 6.05 -46.18
N LYS I 62 26.65 5.87 -45.41
CA LYS I 62 25.87 7.01 -44.99
C LYS I 62 26.59 7.82 -43.90
N PHE I 63 27.41 7.16 -43.09
CA PHE I 63 28.13 7.81 -42.02
C PHE I 63 29.62 7.53 -42.15
N PRO I 64 30.32 8.10 -43.19
CA PRO I 64 31.72 7.77 -43.45
C PRO I 64 32.65 8.05 -42.26
N TYR I 65 32.26 8.98 -41.37
CA TYR I 65 33.12 9.27 -40.22
C TYR I 65 33.29 8.04 -39.34
N THR I 66 32.35 7.06 -39.39
CA THR I 66 32.47 5.87 -38.56
C THR I 66 33.65 4.98 -38.95
N THR I 67 34.18 5.11 -40.17
CA THR I 67 35.28 4.22 -40.56
C THR I 67 36.63 4.95 -40.60
N SER I 68 36.65 6.27 -40.48
CA SER I 68 37.91 6.98 -40.53
C SER I 68 38.25 7.65 -39.19
N THR I 69 37.33 7.64 -38.21
CA THR I 69 37.66 8.27 -36.93
C THR I 69 38.12 7.21 -35.92
N PRO I 70 39.30 7.36 -35.28
CA PRO I 70 39.74 6.41 -34.25
C PRO I 70 38.86 6.56 -33.00
N GLY I 71 38.69 5.49 -32.24
CA GLY I 71 37.89 5.55 -31.04
C GLY I 71 37.19 4.23 -30.76
N ASN I 72 36.99 3.90 -29.49
CA ASN I 72 36.40 2.63 -29.05
C ASN I 72 35.05 2.41 -29.71
N ASN I 73 34.25 3.47 -29.88
CA ASN I 73 32.88 3.37 -30.37
C ASN I 73 32.80 3.29 -31.90
N PHE I 74 33.94 3.45 -32.62
CA PHE I 74 33.89 3.52 -34.08
C PHE I 74 34.45 2.24 -34.72
N ALA I 75 34.28 2.15 -36.04
CA ALA I 75 34.63 0.99 -36.85
C ALA I 75 35.69 1.42 -37.85
N SER I 76 36.70 2.10 -37.29
CA SER I 76 37.88 2.51 -38.06
C SER I 76 38.95 1.43 -38.01
N THR I 77 38.74 0.37 -37.22
CA THR I 77 39.69 -0.73 -37.15
C THR I 77 38.95 -2.03 -37.50
N PRO I 78 39.67 -3.14 -37.79
CA PRO I 78 39.04 -4.46 -37.99
C PRO I 78 38.11 -4.93 -36.86
N GLU I 79 38.54 -4.72 -35.62
CA GLU I 79 37.78 -5.05 -34.43
C GLU I 79 36.50 -4.22 -34.38
N GLY I 80 36.61 -2.94 -34.77
CA GLY I 80 35.47 -2.05 -34.73
C GLY I 80 34.40 -2.51 -35.72
N LYS I 81 34.83 -2.81 -36.94
CA LYS I 81 33.95 -3.29 -38.01
C LYS I 81 33.34 -4.62 -37.59
N ALA I 82 34.12 -5.46 -36.90
CA ALA I 82 33.67 -6.76 -36.43
C ALA I 82 32.55 -6.59 -35.38
N LYS I 83 32.71 -5.61 -34.48
CA LYS I 83 31.70 -5.33 -33.48
C LYS I 83 30.40 -4.90 -34.16
N CYS I 84 30.51 -4.05 -35.17
CA CYS I 84 29.35 -3.47 -35.81
C CYS I 84 28.56 -4.55 -36.57
N ALA I 85 29.28 -5.40 -37.30
CA ALA I 85 28.69 -6.52 -38.04
C ALA I 85 27.99 -7.48 -37.07
N ARG I 86 28.65 -7.79 -35.95
CA ARG I 86 28.08 -8.62 -34.91
C ARG I 86 26.77 -7.99 -34.41
N ASP I 87 26.78 -6.67 -34.14
CA ASP I 87 25.59 -6.01 -33.62
C ASP I 87 24.41 -6.13 -34.59
N ILE I 88 24.69 -5.90 -35.87
CA ILE I 88 23.66 -5.89 -36.90
C ILE I 88 23.13 -7.31 -37.06
N GLY I 89 24.02 -8.31 -36.95
CA GLY I 89 23.62 -9.71 -36.93
C GLY I 89 22.71 -10.02 -35.73
N TYR I 90 23.02 -9.43 -34.56
CA TYR I 90 22.16 -9.55 -33.39
C TYR I 90 20.75 -9.03 -33.72
N TYR I 91 20.65 -7.83 -34.31
CA TYR I 91 19.36 -7.26 -34.65
C TYR I 91 18.62 -8.21 -35.60
N LEU I 92 19.33 -8.71 -36.63
CA LEU I 92 18.65 -9.53 -37.62
C LEU I 92 18.23 -10.86 -36.97
N ARG I 93 19.12 -11.47 -36.18
CA ARG I 93 18.84 -12.77 -35.57
C ARG I 93 17.63 -12.65 -34.63
N ILE I 94 17.59 -11.59 -33.83
CA ILE I 94 16.52 -11.43 -32.87
C ILE I 94 15.19 -11.06 -33.56
N VAL I 95 15.24 -10.39 -34.71
CA VAL I 95 14.04 -10.21 -35.53
C VAL I 95 13.49 -11.56 -36.02
N THR I 96 14.38 -12.49 -36.38
CA THR I 96 13.90 -13.81 -36.80
C THR I 96 13.13 -14.48 -35.66
N TYR I 97 13.56 -14.23 -34.42
CA TYR I 97 13.00 -14.82 -33.22
C TYR I 97 11.59 -14.27 -33.03
N ALA I 98 11.43 -12.97 -33.29
CA ALA I 98 10.12 -12.31 -33.20
C ALA I 98 9.13 -12.94 -34.18
N LEU I 99 9.60 -13.23 -35.40
CA LEU I 99 8.79 -13.91 -36.41
C LEU I 99 8.51 -15.35 -36.00
N VAL I 100 9.48 -16.02 -35.38
CA VAL I 100 9.19 -17.34 -34.85
C VAL I 100 8.10 -17.26 -33.75
N ALA I 101 8.26 -16.32 -32.82
CA ALA I 101 7.34 -16.19 -31.70
C ALA I 101 5.96 -15.67 -32.13
N GLY I 102 5.91 -14.92 -33.23
CA GLY I 102 4.72 -14.15 -33.56
C GLY I 102 4.47 -12.98 -32.60
N GLY I 103 5.54 -12.37 -32.07
CA GLY I 103 5.39 -11.15 -31.28
C GLY I 103 6.72 -10.47 -30.99
N THR I 104 6.70 -9.33 -30.30
CA THR I 104 7.89 -8.56 -29.99
C THR I 104 8.68 -9.16 -28.81
N GLY I 105 8.11 -10.14 -28.09
CA GLY I 105 8.70 -10.76 -26.89
C GLY I 105 10.22 -10.92 -26.99
N PRO I 106 10.73 -11.72 -27.96
CA PRO I 106 12.17 -11.92 -28.11
C PRO I 106 12.94 -10.61 -28.29
N ILE I 107 12.38 -9.66 -29.07
CA ILE I 107 13.01 -8.38 -29.24
C ILE I 107 13.06 -7.64 -27.91
N ASP I 108 11.91 -7.58 -27.22
CA ASP I 108 11.76 -6.93 -25.93
C ASP I 108 12.77 -7.49 -24.94
N GLU I 109 12.80 -8.81 -24.81
CA GLU I 109 13.66 -9.51 -23.85
C GLU I 109 15.16 -9.33 -24.14
N TYR I 110 15.59 -9.57 -25.39
CA TYR I 110 17.00 -9.81 -25.66
C TYR I 110 17.71 -8.57 -26.18
N LEU I 111 16.96 -7.60 -26.73
CA LEU I 111 17.53 -6.49 -27.47
C LEU I 111 17.05 -5.13 -26.91
N LEU I 112 15.74 -4.99 -26.69
CA LEU I 112 15.14 -3.68 -26.46
C LEU I 112 15.30 -3.22 -25.00
N ALA I 113 15.03 -4.10 -24.02
CA ALA I 113 15.25 -3.74 -22.64
C ALA I 113 16.75 -3.49 -22.45
N GLY I 114 17.11 -2.28 -22.00
CA GLY I 114 18.50 -1.85 -21.82
C GLY I 114 19.11 -1.18 -23.06
N LEU I 115 18.38 -1.10 -24.18
CA LEU I 115 18.92 -0.61 -25.44
C LEU I 115 19.48 0.81 -25.32
N ASP I 116 18.66 1.75 -24.84
CA ASP I 116 19.04 3.14 -24.71
C ASP I 116 20.29 3.28 -23.84
N GLU I 117 20.34 2.49 -22.76
CA GLU I 117 21.45 2.56 -21.82
C GLU I 117 22.77 2.14 -22.49
N ILE I 118 22.73 1.03 -23.24
CA ILE I 118 23.89 0.50 -23.95
C ILE I 118 24.36 1.51 -24.99
N ASN I 119 23.41 2.03 -25.78
CA ASN I 119 23.78 2.97 -26.84
C ASN I 119 24.42 4.21 -26.24
N LYS I 120 23.91 4.62 -25.08
CA LYS I 120 24.40 5.80 -24.43
C LYS I 120 25.78 5.55 -23.85
N THR I 121 25.90 4.45 -23.07
CA THR I 121 27.13 4.15 -22.35
C THR I 121 28.27 3.99 -23.34
N PHE I 122 27.99 3.29 -24.46
CA PHE I 122 29.09 2.96 -25.37
C PHE I 122 29.15 3.95 -26.54
N ASP I 123 28.35 5.04 -26.48
CA ASP I 123 28.37 6.14 -27.44
C ASP I 123 28.11 5.64 -28.86
N LEU I 124 27.09 4.76 -29.00
CA LEU I 124 26.69 4.27 -30.30
C LEU I 124 25.47 5.07 -30.74
N ALA I 125 25.47 5.60 -31.97
CA ALA I 125 24.40 6.47 -32.46
C ALA I 125 23.16 5.66 -32.87
N PRO I 126 21.98 5.90 -32.28
CA PRO I 126 20.75 5.20 -32.71
C PRO I 126 20.56 5.24 -34.23
N SER I 127 20.91 6.38 -34.85
CA SER I 127 20.75 6.56 -36.30
C SER I 127 21.58 5.55 -37.12
N TRP I 128 22.72 5.04 -36.60
CA TRP I 128 23.45 4.00 -37.33
C TRP I 128 22.56 2.76 -37.46
N TYR I 129 21.93 2.36 -36.34
CA TYR I 129 21.15 1.14 -36.37
C TYR I 129 19.87 1.34 -37.18
N VAL I 130 19.36 2.59 -37.20
CA VAL I 130 18.19 2.89 -38.01
C VAL I 130 18.52 2.60 -39.47
N GLU I 131 19.66 3.13 -39.95
CA GLU I 131 20.07 2.95 -41.34
C GLU I 131 20.28 1.46 -41.66
N ALA I 132 20.92 0.70 -40.74
CA ALA I 132 21.07 -0.75 -40.92
C ALA I 132 19.69 -1.39 -41.13
N LEU I 133 18.74 -1.03 -40.26
CA LEU I 133 17.39 -1.58 -40.31
C LEU I 133 16.64 -1.23 -41.60
N LYS I 134 16.84 -0.01 -42.10
CA LYS I 134 16.25 0.46 -43.35
C LYS I 134 16.82 -0.33 -44.53
N TYR I 135 18.12 -0.63 -44.52
CA TYR I 135 18.71 -1.47 -45.53
C TYR I 135 18.06 -2.86 -45.47
N ILE I 136 17.84 -3.40 -44.27
CA ILE I 136 17.26 -4.73 -44.18
C ILE I 136 15.85 -4.74 -44.76
N LYS I 137 15.06 -3.73 -44.42
CA LYS I 137 13.68 -3.68 -44.89
C LYS I 137 13.63 -3.66 -46.42
N ALA I 138 14.56 -2.95 -47.06
CA ALA I 138 14.51 -2.68 -48.49
C ALA I 138 15.10 -3.84 -49.29
N ASN I 139 15.76 -4.79 -48.58
CA ASN I 139 16.57 -5.80 -49.23
C ASN I 139 16.22 -7.24 -48.81
N HIS I 140 15.31 -7.44 -47.85
CA HIS I 140 14.97 -8.80 -47.45
C HIS I 140 14.15 -9.55 -48.51
N GLY I 141 13.48 -8.79 -49.37
CA GLY I 141 12.73 -9.34 -50.50
C GLY I 141 11.49 -10.15 -50.13
N LEU I 142 11.02 -10.04 -48.88
CA LEU I 142 9.85 -10.79 -48.44
C LEU I 142 8.58 -10.21 -49.06
N SER I 143 7.51 -11.03 -49.14
CA SER I 143 6.22 -10.63 -49.69
C SER I 143 5.10 -10.91 -48.67
N GLY I 144 3.92 -10.32 -48.93
CA GLY I 144 2.69 -10.59 -48.21
C GLY I 144 2.85 -10.51 -46.70
N ASP I 145 2.29 -11.50 -46.02
CA ASP I 145 2.22 -11.59 -44.57
C ASP I 145 3.60 -11.69 -43.95
N SER I 146 4.53 -12.40 -44.63
CA SER I 146 5.92 -12.47 -44.18
C SER I 146 6.51 -11.07 -44.08
N ARG I 147 6.34 -10.33 -45.17
CA ARG I 147 6.85 -8.95 -45.31
C ARG I 147 6.24 -8.04 -44.24
N ASP I 148 4.93 -8.10 -44.11
CA ASP I 148 4.13 -7.28 -43.21
C ASP I 148 4.59 -7.50 -41.77
N GLU I 149 4.68 -8.76 -41.36
CA GLU I 149 5.06 -9.04 -39.98
C GLU I 149 6.53 -8.69 -39.78
N ALA I 150 7.39 -9.11 -40.72
CA ALA I 150 8.81 -8.77 -40.59
C ALA I 150 8.99 -7.26 -40.47
N ASN I 151 8.27 -6.51 -41.32
CA ASN I 151 8.39 -5.05 -41.31
C ASN I 151 7.83 -4.46 -40.02
N SER I 152 6.90 -5.16 -39.35
CA SER I 152 6.39 -4.56 -38.13
C SER I 152 7.46 -4.54 -37.05
N TYR I 153 8.29 -5.62 -37.01
CA TYR I 153 9.40 -5.78 -36.07
C TYR I 153 10.53 -4.80 -36.38
N ILE I 154 10.86 -4.66 -37.67
CA ILE I 154 11.87 -3.69 -38.11
C ILE I 154 11.46 -2.27 -37.71
N ASP I 155 10.22 -1.87 -38.07
CA ASP I 155 9.73 -0.54 -37.77
C ASP I 155 9.60 -0.33 -36.25
N TYR I 156 9.23 -1.41 -35.54
CA TYR I 156 9.17 -1.37 -34.08
C TYR I 156 10.52 -0.91 -33.53
N LEU I 157 11.60 -1.51 -34.04
CA LEU I 157 12.94 -1.16 -33.61
C LEU I 157 13.29 0.26 -34.06
N ILE I 158 13.04 0.61 -35.33
CA ILE I 158 13.30 1.97 -35.77
C ILE I 158 12.61 2.95 -34.81
N ASN I 159 11.38 2.65 -34.42
CA ASN I 159 10.65 3.53 -33.52
C ASN I 159 11.35 3.59 -32.17
N ALA I 160 11.77 2.44 -31.62
CA ALA I 160 12.50 2.41 -30.35
C ALA I 160 13.80 3.23 -30.42
N LEU I 161 14.42 3.30 -31.60
CA LEU I 161 15.69 4.01 -31.77
C LEU I 161 15.46 5.49 -32.10
N SER I 162 14.22 5.96 -32.12
CA SER I 162 14.00 7.37 -32.44
C SER I 162 13.00 8.02 -31.47
N THR J 1 7.39 -17.38 -18.23
CA THR J 1 6.91 -18.58 -18.98
C THR J 1 7.27 -18.48 -20.46
N PHE J 2 7.14 -19.62 -21.17
CA PHE J 2 7.39 -19.81 -22.58
C PHE J 2 6.12 -20.38 -23.20
N ASP J 3 5.88 -20.10 -24.49
CA ASP J 3 5.03 -20.96 -25.32
C ASP J 3 5.98 -21.86 -26.12
N ALA J 4 5.43 -22.78 -26.94
CA ALA J 4 6.23 -23.72 -27.71
C ALA J 4 7.29 -22.99 -28.53
N PHE J 5 6.93 -21.80 -29.04
CA PHE J 5 7.78 -21.01 -29.92
C PHE J 5 8.91 -20.32 -29.16
N THR J 6 8.59 -19.59 -28.08
CA THR J 6 9.60 -18.84 -27.37
C THR J 6 10.55 -19.82 -26.69
N LYS J 7 10.02 -21.01 -26.41
CA LYS J 7 10.84 -22.06 -25.83
C LYS J 7 11.99 -22.41 -26.77
N VAL J 8 11.70 -22.58 -28.06
CA VAL J 8 12.76 -22.94 -28.99
C VAL J 8 13.66 -21.72 -29.19
N VAL J 9 13.05 -20.53 -29.28
CA VAL J 9 13.84 -19.32 -29.45
C VAL J 9 14.91 -19.17 -28.35
N ALA J 10 14.54 -19.46 -27.09
CA ALA J 10 15.46 -19.42 -25.95
C ALA J 10 16.65 -20.38 -26.14
N GLN J 11 16.40 -21.60 -26.61
CA GLN J 11 17.45 -22.59 -26.80
C GLN J 11 18.42 -22.09 -27.87
N ALA J 12 17.87 -21.47 -28.94
CA ALA J 12 18.65 -20.96 -30.05
C ALA J 12 19.49 -19.74 -29.66
N ASP J 13 18.88 -18.81 -28.92
CA ASP J 13 19.56 -17.60 -28.50
C ASP J 13 20.75 -17.92 -27.59
N ALA J 14 20.62 -18.94 -26.72
CA ALA J 14 21.68 -19.32 -25.79
C ALA J 14 22.95 -19.79 -26.53
N ARG J 15 22.79 -20.22 -27.78
CA ARG J 15 23.90 -20.66 -28.60
C ARG J 15 24.21 -19.65 -29.71
N GLY J 16 23.53 -18.49 -29.71
CA GLY J 16 23.66 -17.48 -30.74
C GLY J 16 23.32 -17.95 -32.17
N GLU J 17 22.28 -18.79 -32.33
CA GLU J 17 22.02 -19.36 -33.64
C GLU J 17 20.61 -19.05 -34.15
N PHE J 18 20.47 -18.92 -35.48
CA PHE J 18 19.15 -19.03 -36.09
C PHE J 18 18.54 -20.40 -35.77
N LEU J 19 17.21 -20.50 -35.82
CA LEU J 19 16.60 -21.82 -35.62
C LEU J 19 17.07 -22.81 -36.69
N SER J 20 17.35 -24.07 -36.31
CA SER J 20 17.71 -25.09 -37.29
C SER J 20 16.49 -25.48 -38.13
N ASP J 21 16.69 -26.30 -39.18
CA ASP J 21 15.56 -26.73 -40.00
C ASP J 21 14.68 -27.70 -39.22
N ALA J 22 15.32 -28.54 -38.41
CA ALA J 22 14.61 -29.42 -37.50
C ALA J 22 13.75 -28.62 -36.52
N GLN J 23 14.23 -27.44 -36.10
CA GLN J 23 13.48 -26.62 -35.15
C GLN J 23 12.25 -26.00 -35.84
N LEU J 24 12.47 -25.42 -37.02
CA LEU J 24 11.42 -24.82 -37.84
C LEU J 24 10.33 -25.82 -38.20
N ASP J 25 10.73 -27.03 -38.62
CA ASP J 25 9.78 -28.05 -39.05
C ASP J 25 8.95 -28.54 -37.87
N ALA J 26 9.60 -28.72 -36.72
CA ALA J 26 8.87 -29.08 -35.52
C ALA J 26 7.75 -28.05 -35.25
N LEU J 27 8.04 -26.75 -35.42
CA LEU J 27 7.04 -25.73 -35.09
C LEU J 27 5.98 -25.64 -36.19
N SER J 28 6.40 -25.84 -37.45
CA SER J 28 5.49 -26.00 -38.58
C SER J 28 4.47 -27.11 -38.36
N ARG J 29 4.92 -28.23 -37.77
CA ARG J 29 4.03 -29.36 -37.51
C ARG J 29 2.99 -28.97 -36.48
N LEU J 30 3.41 -28.29 -35.41
CA LEU J 30 2.51 -27.85 -34.36
C LEU J 30 1.48 -26.87 -34.93
N VAL J 31 1.90 -25.99 -35.85
CA VAL J 31 1.00 -25.00 -36.41
C VAL J 31 -0.05 -25.73 -37.25
N ALA J 32 0.40 -26.73 -38.01
CA ALA J 32 -0.46 -27.51 -38.89
C ALA J 32 -1.57 -28.19 -38.10
N GLU J 33 -1.26 -28.60 -36.85
CA GLU J 33 -2.20 -29.34 -36.01
C GLU J 33 -2.99 -28.40 -35.08
N GLY J 34 -2.86 -27.07 -35.28
CA GLY J 34 -3.38 -26.09 -34.34
C GLY J 34 -4.87 -26.24 -33.99
N ASN J 35 -5.69 -26.63 -34.97
CA ASN J 35 -7.14 -26.68 -34.78
C ASN J 35 -7.46 -27.72 -33.70
N LYS J 36 -6.68 -28.82 -33.68
CA LYS J 36 -6.85 -29.91 -32.71
C LYS J 36 -6.47 -29.47 -31.30
N ARG J 37 -5.41 -28.67 -31.20
CA ARG J 37 -5.02 -28.02 -29.95
C ARG J 37 -6.17 -27.16 -29.45
N ILE J 38 -6.74 -26.30 -30.30
CA ILE J 38 -7.85 -25.45 -29.87
C ILE J 38 -9.05 -26.28 -29.40
N ASP J 39 -9.40 -27.33 -30.15
CA ASP J 39 -10.52 -28.20 -29.78
C ASP J 39 -10.27 -28.83 -28.41
N THR J 40 -9.01 -29.21 -28.15
CA THR J 40 -8.63 -29.89 -26.93
C THR J 40 -8.87 -28.94 -25.75
N VAL J 41 -8.36 -27.71 -25.88
CA VAL J 41 -8.60 -26.66 -24.87
C VAL J 41 -10.10 -26.44 -24.65
N ASN J 42 -10.86 -26.24 -25.74
CA ASN J 42 -12.28 -25.93 -25.68
C ASN J 42 -13.05 -27.08 -25.03
N ARG J 43 -12.72 -28.33 -25.38
CA ARG J 43 -13.47 -29.45 -24.88
C ARG J 43 -13.25 -29.60 -23.38
N ILE J 44 -12.02 -29.40 -22.89
CA ILE J 44 -11.80 -29.50 -21.46
C ILE J 44 -12.56 -28.37 -20.74
N THR J 45 -12.44 -27.14 -21.27
CA THR J 45 -13.11 -25.98 -20.70
C THR J 45 -14.60 -26.25 -20.59
N GLY J 46 -15.21 -26.77 -21.65
CA GLY J 46 -16.66 -26.96 -21.69
C GLY J 46 -17.14 -27.96 -20.63
N ASN J 47 -16.23 -28.78 -20.10
CA ASN J 47 -16.60 -29.85 -19.17
C ASN J 47 -15.88 -29.70 -17.83
N ALA J 48 -15.23 -28.56 -17.57
CA ALA J 48 -14.44 -28.35 -16.36
C ALA J 48 -15.21 -28.75 -15.09
N SER J 49 -16.43 -28.23 -14.92
CA SER J 49 -17.00 -28.36 -13.59
C SER J 49 -17.38 -29.82 -13.32
N SER J 50 -17.80 -30.54 -14.38
CA SER J 50 -18.12 -31.95 -14.22
C SER J 50 -16.86 -32.81 -14.12
N ILE J 51 -15.76 -32.44 -14.81
CA ILE J 51 -14.51 -33.18 -14.64
C ILE J 51 -14.05 -33.10 -13.18
N VAL J 52 -14.13 -31.90 -12.60
CA VAL J 52 -13.72 -31.68 -11.21
C VAL J 52 -14.64 -32.44 -10.23
N ALA J 53 -15.95 -32.26 -10.37
CA ALA J 53 -16.92 -32.82 -9.42
C ALA J 53 -16.90 -34.35 -9.44
N ASN J 54 -16.85 -34.93 -10.65
CA ASN J 54 -16.87 -36.38 -10.79
C ASN J 54 -15.62 -36.98 -10.17
N ALA J 55 -14.45 -36.37 -10.45
CA ALA J 55 -13.19 -36.86 -9.93
C ALA J 55 -13.16 -36.73 -8.41
N ALA J 56 -13.63 -35.57 -7.91
CA ALA J 56 -13.68 -35.38 -6.47
C ALA J 56 -14.54 -36.46 -5.81
N ARG J 57 -15.75 -36.65 -6.35
CA ARG J 57 -16.71 -37.53 -5.72
C ARG J 57 -16.16 -38.96 -5.69
N ALA J 58 -15.54 -39.37 -6.81
CA ALA J 58 -14.93 -40.69 -6.92
C ALA J 58 -13.77 -40.79 -5.92
N LEU J 59 -13.02 -39.69 -5.77
CA LEU J 59 -11.91 -39.68 -4.84
C LEU J 59 -12.40 -39.91 -3.39
N PHE J 60 -13.47 -39.22 -2.98
CA PHE J 60 -13.98 -39.36 -1.63
C PHE J 60 -14.61 -40.74 -1.41
N ALA J 61 -15.26 -41.31 -2.46
CA ALA J 61 -15.87 -42.62 -2.30
C ALA J 61 -14.79 -43.69 -2.09
N GLU J 62 -13.60 -43.52 -2.68
CA GLU J 62 -12.54 -44.50 -2.53
C GLU J 62 -11.71 -44.24 -1.27
N GLN J 63 -11.76 -42.99 -0.77
CA GLN J 63 -10.95 -42.63 0.38
C GLN J 63 -11.85 -41.90 1.38
N PRO J 64 -12.81 -42.63 2.00
CA PRO J 64 -13.82 -42.02 2.87
C PRO J 64 -13.17 -41.29 4.05
N SER J 65 -11.93 -41.63 4.39
CA SER J 65 -11.33 -40.98 5.54
C SER J 65 -11.12 -39.49 5.27
N LEU J 66 -11.00 -39.09 4.01
CA LEU J 66 -10.81 -37.68 3.65
C LEU J 66 -11.99 -36.83 4.14
N ILE J 67 -13.20 -37.39 4.13
CA ILE J 67 -14.41 -36.61 4.42
C ILE J 67 -15.01 -36.95 5.80
N ALA J 68 -14.54 -38.03 6.45
CA ALA J 68 -14.91 -38.27 7.85
C ALA J 68 -14.50 -37.08 8.72
N PRO J 69 -15.19 -36.81 9.85
CA PRO J 69 -14.79 -35.70 10.71
C PRO J 69 -13.33 -35.79 11.13
N GLY J 70 -12.60 -34.69 11.04
CA GLY J 70 -11.16 -34.68 11.34
C GLY J 70 -10.33 -35.02 10.11
N GLY J 71 -10.94 -35.53 9.04
CA GLY J 71 -10.19 -35.74 7.81
C GLY J 71 -9.86 -34.42 7.12
N ALA J 73 -10.46 -33.22 4.16
CA ALA J 73 -11.45 -32.54 3.33
C ALA J 73 -12.77 -32.29 4.09
N TYR J 74 -12.79 -32.55 5.41
CA TYR J 74 -13.95 -32.34 6.28
C TYR J 74 -14.11 -30.84 6.56
N THR J 75 -15.34 -30.37 6.88
CA THR J 75 -15.76 -28.97 6.95
C THR J 75 -15.92 -28.39 5.53
N ASN J 76 -16.81 -27.41 5.36
CA ASN J 76 -17.05 -26.81 4.04
C ASN J 76 -15.87 -25.96 3.58
N ARG J 77 -15.09 -25.37 4.51
CA ARG J 77 -13.97 -24.54 4.10
C ARG J 77 -12.90 -25.41 3.42
N ARG J 78 -12.63 -26.59 4.01
CA ARG J 78 -11.59 -27.46 3.48
C ARG J 78 -12.11 -28.16 2.22
N MET J 79 -13.37 -28.58 2.24
CA MET J 79 -13.96 -29.13 1.03
C MET J 79 -13.90 -28.10 -0.12
N ALA J 80 -14.22 -26.84 0.16
CA ALA J 80 -14.17 -25.79 -0.87
C ALA J 80 -12.75 -25.60 -1.41
N ALA J 81 -11.74 -25.59 -0.50
CA ALA J 81 -10.34 -25.46 -0.92
C ALA J 81 -9.92 -26.65 -1.78
N CYS J 82 -10.39 -27.84 -1.44
CA CYS J 82 -9.99 -29.05 -2.16
C CYS J 82 -10.58 -29.02 -3.58
N LEU J 83 -11.90 -28.72 -3.71
CA LEU J 83 -12.55 -28.52 -5.01
C LEU J 83 -11.83 -27.45 -5.81
N ARG J 84 -11.43 -26.37 -5.13
CA ARG J 84 -10.69 -25.27 -5.73
C ARG J 84 -9.36 -25.76 -6.35
N ASP J 85 -8.55 -26.49 -5.59
CA ASP J 85 -7.29 -27.04 -6.04
C ASP J 85 -7.46 -27.90 -7.30
N MET J 86 -8.44 -28.80 -7.31
CA MET J 86 -8.69 -29.65 -8.47
C MET J 86 -8.95 -28.78 -9.72
N GLU J 87 -9.81 -27.76 -9.58
CA GLU J 87 -10.15 -26.83 -10.65
C GLU J 87 -8.90 -26.06 -11.13
N ILE J 88 -8.07 -25.60 -10.18
CA ILE J 88 -6.85 -24.83 -10.44
C ILE J 88 -5.90 -25.68 -11.29
N ILE J 89 -5.68 -26.93 -10.88
CA ILE J 89 -4.80 -27.82 -11.63
C ILE J 89 -5.33 -28.02 -13.06
N LEU J 90 -6.65 -28.25 -13.20
CA LEU J 90 -7.24 -28.45 -14.53
C LEU J 90 -7.01 -27.20 -15.35
N ARG J 91 -7.21 -26.05 -14.72
CA ARG J 91 -7.07 -24.78 -15.41
C ARG J 91 -5.66 -24.67 -16.00
N TYR J 92 -4.64 -24.84 -15.16
CA TYR J 92 -3.26 -24.69 -15.57
C TYR J 92 -2.93 -25.75 -16.62
N VAL J 93 -3.48 -26.97 -16.50
CA VAL J 93 -3.29 -27.97 -17.55
C VAL J 93 -3.81 -27.45 -18.90
N THR J 94 -5.00 -26.82 -18.94
CA THR J 94 -5.49 -26.29 -20.23
C THR J 94 -4.60 -25.14 -20.72
N TYR J 95 -3.99 -24.39 -19.80
CA TYR J 95 -3.07 -23.33 -20.17
C TYR J 95 -1.84 -23.90 -20.89
N ALA J 96 -1.36 -25.04 -20.39
CA ALA J 96 -0.19 -25.67 -20.99
C ALA J 96 -0.56 -26.20 -22.37
N VAL J 97 -1.80 -26.71 -22.51
CA VAL J 97 -2.18 -27.20 -23.83
C VAL J 97 -2.19 -26.04 -24.82
N PHE J 98 -2.77 -24.90 -24.38
CA PHE J 98 -2.95 -23.70 -25.16
C PHE J 98 -1.62 -23.12 -25.63
N THR J 99 -0.60 -23.10 -24.74
CA THR J 99 0.66 -22.48 -25.09
C THR J 99 1.62 -23.49 -25.74
N GLY J 100 1.33 -24.79 -25.60
CA GLY J 100 2.22 -25.85 -26.06
C GLY J 100 3.52 -25.95 -25.23
N ASP J 101 3.46 -25.51 -23.97
CA ASP J 101 4.62 -25.61 -23.10
C ASP J 101 4.23 -25.71 -21.62
N ALA J 102 4.95 -26.56 -20.89
CA ALA J 102 4.62 -26.91 -19.51
C ALA J 102 4.91 -25.76 -18.53
N SER J 103 5.71 -24.79 -18.96
CA SER J 103 6.20 -23.77 -18.05
C SER J 103 5.09 -23.07 -17.27
N ILE J 104 3.94 -22.77 -17.90
CA ILE J 104 2.86 -22.07 -17.21
C ILE J 104 2.39 -22.92 -16.04
N LEU J 105 2.18 -24.22 -16.31
CA LEU J 105 1.81 -25.21 -15.31
C LEU J 105 2.89 -25.30 -14.23
N ASP J 106 4.16 -25.48 -14.64
CA ASP J 106 5.21 -25.77 -13.66
C ASP J 106 5.50 -24.58 -12.77
N ASP J 107 5.67 -23.39 -13.38
CA ASP J 107 6.14 -22.20 -12.69
C ASP J 107 5.02 -21.62 -11.83
N ARG J 108 3.79 -21.66 -12.33
CA ARG J 108 2.76 -20.89 -11.67
C ARG J 108 1.80 -21.81 -10.90
N CYS J 109 1.93 -23.13 -11.04
CA CYS J 109 0.97 -24.00 -10.37
C CYS J 109 1.65 -25.05 -9.49
N LEU J 110 2.53 -25.86 -10.11
CA LEU J 110 3.12 -27.04 -9.49
C LEU J 110 4.31 -26.70 -8.60
N ASN J 111 5.04 -25.65 -8.95
CA ASN J 111 6.25 -25.26 -8.22
C ASN J 111 5.96 -24.91 -6.77
N GLY J 112 6.53 -25.69 -5.86
CA GLY J 112 6.42 -25.43 -4.43
C GLY J 112 5.16 -26.04 -3.83
N LEU J 113 4.34 -26.69 -4.69
CA LEU J 113 3.06 -27.20 -4.27
C LEU J 113 3.25 -28.37 -3.30
N ARG J 114 4.14 -29.32 -3.63
CA ARG J 114 4.37 -30.47 -2.75
C ARG J 114 4.60 -30.01 -1.30
N GLU J 115 5.45 -28.99 -1.14
CA GLU J 115 5.90 -28.51 0.15
C GLU J 115 4.77 -27.76 0.84
N THR J 116 3.96 -27.04 0.04
CA THR J 116 2.77 -26.38 0.54
C THR J 116 1.86 -27.41 1.21
N TYR J 117 1.63 -28.52 0.52
CA TYR J 117 0.77 -29.59 1.01
C TYR J 117 1.37 -30.22 2.28
N LEU J 118 2.69 -30.44 2.32
CA LEU J 118 3.36 -30.98 3.50
C LEU J 118 3.16 -30.05 4.70
N ALA J 119 3.35 -28.74 4.51
CA ALA J 119 3.22 -27.78 5.60
C ALA J 119 1.80 -27.78 6.17
N LEU J 120 0.79 -27.96 5.29
CA LEU J 120 -0.62 -27.89 5.66
C LEU J 120 -1.14 -29.25 6.13
N GLY J 121 -0.42 -30.35 5.84
CA GLY J 121 -1.03 -31.66 6.09
C GLY J 121 -2.08 -32.05 5.04
N VAL J 122 -2.01 -31.44 3.85
CA VAL J 122 -2.82 -31.89 2.74
C VAL J 122 -2.20 -33.18 2.22
N PRO J 123 -2.95 -34.30 2.13
CA PRO J 123 -2.40 -35.54 1.55
C PRO J 123 -2.15 -35.52 0.04
N GLY J 124 -0.87 -35.33 -0.32
CA GLY J 124 -0.44 -35.17 -1.71
C GLY J 124 -0.83 -36.36 -2.58
N ALA J 125 -0.61 -37.58 -2.05
CA ALA J 125 -0.92 -38.80 -2.78
C ALA J 125 -2.40 -38.80 -3.18
N SER J 126 -3.26 -38.24 -2.31
CA SER J 126 -4.67 -38.15 -2.62
C SER J 126 -4.93 -37.12 -3.72
N VAL J 127 -4.27 -35.96 -3.64
CA VAL J 127 -4.42 -34.98 -4.71
C VAL J 127 -4.04 -35.64 -6.04
N ALA J 128 -2.93 -36.41 -6.04
CA ALA J 128 -2.43 -37.00 -7.28
C ALA J 128 -3.45 -37.96 -7.88
N GLU J 129 -4.13 -38.72 -7.01
CA GLU J 129 -5.13 -39.69 -7.43
C GLU J 129 -6.30 -38.94 -8.06
N GLY J 130 -6.66 -37.82 -7.41
CA GLY J 130 -7.66 -36.93 -7.97
C GLY J 130 -7.27 -36.41 -9.36
N VAL J 131 -6.00 -35.99 -9.52
CA VAL J 131 -5.50 -35.47 -10.79
C VAL J 131 -5.56 -36.55 -11.87
N ARG J 132 -5.17 -37.79 -11.54
CA ARG J 132 -5.26 -38.93 -12.46
C ARG J 132 -6.71 -39.18 -12.87
N LYS J 133 -7.64 -38.99 -11.94
CA LYS J 133 -9.04 -39.18 -12.30
C LYS J 133 -9.46 -38.14 -13.34
N MET J 134 -9.07 -36.87 -13.13
CA MET J 134 -9.39 -35.82 -14.08
C MET J 134 -8.77 -36.10 -15.45
N LYS J 135 -7.55 -36.64 -15.46
CA LYS J 135 -6.83 -37.00 -16.67
C LYS J 135 -7.66 -37.95 -17.53
N ASP J 136 -8.07 -39.09 -16.94
CA ASP J 136 -8.87 -40.07 -17.67
C ASP J 136 -10.15 -39.44 -18.19
N ALA J 137 -10.83 -38.63 -17.37
CA ALA J 137 -12.07 -38.04 -17.86
C ALA J 137 -11.78 -37.03 -18.99
N ALA J 138 -10.77 -36.17 -18.84
CA ALA J 138 -10.43 -35.20 -19.88
C ALA J 138 -10.05 -35.89 -21.20
N VAL J 139 -9.19 -36.91 -21.12
CA VAL J 139 -8.74 -37.67 -22.28
C VAL J 139 -9.96 -38.22 -23.02
N ALA J 140 -10.88 -38.84 -22.29
CA ALA J 140 -12.06 -39.43 -22.93
C ALA J 140 -12.91 -38.35 -23.64
N ILE J 141 -13.04 -37.18 -23.01
CA ILE J 141 -13.80 -36.07 -23.57
C ILE J 141 -13.12 -35.53 -24.84
N VAL J 142 -11.77 -35.48 -24.84
CA VAL J 142 -11.03 -34.95 -25.99
C VAL J 142 -11.11 -35.95 -27.16
N SER J 143 -11.20 -37.25 -26.83
CA SER J 143 -11.19 -38.35 -27.78
C SER J 143 -12.57 -38.56 -28.39
N ASP J 144 -13.62 -38.02 -27.77
CA ASP J 144 -14.96 -38.35 -28.22
C ASP J 144 -15.16 -37.87 -29.66
N ARG J 145 -15.75 -38.74 -30.52
CA ARG J 145 -15.81 -38.53 -31.96
C ARG J 145 -17.11 -37.85 -32.38
N ASN J 146 -18.06 -37.74 -31.46
CA ASN J 146 -19.29 -36.98 -31.66
C ASN J 146 -18.99 -35.50 -31.92
N GLY J 147 -19.61 -34.98 -32.99
CA GLY J 147 -19.84 -33.56 -33.16
C GLY J 147 -18.60 -32.77 -33.56
N ILE J 148 -17.67 -33.42 -34.30
CA ILE J 148 -16.36 -32.85 -34.64
C ILE J 148 -15.88 -33.43 -35.96
N THR J 149 -15.08 -32.65 -36.72
CA THR J 149 -14.47 -33.16 -37.94
C THR J 149 -13.59 -34.33 -37.54
N GLN J 150 -13.75 -35.48 -38.23
CA GLN J 150 -13.02 -36.69 -37.83
C GLN J 150 -11.54 -36.55 -38.20
N GLY J 151 -10.66 -37.11 -37.36
CA GLY J 151 -9.23 -37.07 -37.58
C GLY J 151 -8.47 -37.70 -36.41
N ASP J 152 -7.15 -37.56 -36.44
CA ASP J 152 -6.30 -38.25 -35.47
C ASP J 152 -5.72 -37.26 -34.46
N CYS J 153 -6.14 -37.35 -33.19
CA CYS J 153 -5.67 -36.41 -32.18
C CYS J 153 -4.65 -37.04 -31.21
N SER J 154 -3.99 -38.13 -31.64
CA SER J 154 -3.23 -38.98 -30.73
C SER J 154 -2.06 -38.20 -30.11
N ALA J 155 -1.45 -37.34 -30.94
CA ALA J 155 -0.34 -36.49 -30.54
C ALA J 155 -0.75 -35.41 -29.52
N ILE J 156 -1.83 -34.66 -29.78
CA ILE J 156 -2.30 -33.69 -28.79
C ILE J 156 -2.82 -34.39 -27.52
N ILE J 157 -3.46 -35.56 -27.67
CA ILE J 157 -3.92 -36.33 -26.51
C ILE J 157 -2.70 -36.76 -25.68
N SER J 158 -1.62 -37.15 -26.35
CA SER J 158 -0.42 -37.55 -25.64
C SER J 158 0.25 -36.39 -24.89
N GLU J 159 0.26 -35.21 -25.52
CA GLU J 159 0.84 -34.04 -24.89
C GLU J 159 -0.02 -33.65 -23.68
N LEU J 160 -1.36 -33.71 -23.83
CA LEU J 160 -2.31 -33.44 -22.75
C LEU J 160 -2.02 -34.34 -21.54
N GLY J 161 -1.91 -35.65 -21.83
CA GLY J 161 -1.60 -36.66 -20.82
C GLY J 161 -0.31 -36.32 -20.07
N SER J 162 0.69 -35.85 -20.81
CA SER J 162 1.98 -35.56 -20.22
C SER J 162 1.86 -34.45 -19.19
N TYR J 163 0.92 -33.52 -19.41
CA TYR J 163 0.78 -32.39 -18.47
C TYR J 163 0.07 -32.82 -17.19
N PHE J 164 -0.98 -33.63 -17.35
CA PHE J 164 -1.61 -34.25 -16.20
C PHE J 164 -0.58 -35.06 -15.42
N ASP J 165 0.28 -35.82 -16.14
CA ASP J 165 1.28 -36.64 -15.48
C ASP J 165 2.19 -35.79 -14.61
N LYS J 166 2.63 -34.61 -15.13
CA LYS J 166 3.50 -33.69 -14.41
C LYS J 166 2.81 -33.23 -13.12
N ALA J 167 1.51 -32.90 -13.23
CA ALA J 167 0.74 -32.40 -12.11
C ALA J 167 0.65 -33.46 -11.02
N ALA J 168 0.34 -34.71 -11.41
CA ALA J 168 0.24 -35.85 -10.51
C ALA J 168 1.57 -36.09 -9.79
N ALA J 169 2.69 -35.96 -10.53
CA ALA J 169 4.01 -36.30 -10.02
C ALA J 169 4.53 -35.20 -9.10
N ALA J 170 4.01 -33.98 -9.25
CA ALA J 170 4.49 -32.84 -8.48
C ALA J 170 3.93 -32.85 -7.06
N VAL J 171 2.88 -33.64 -6.80
CA VAL J 171 2.26 -33.68 -5.48
C VAL J 171 2.39 -35.08 -4.87
N ALA J 172 2.48 -36.10 -5.73
CA ALA J 172 2.55 -37.50 -5.37
C ALA J 172 3.69 -37.78 -4.37
N SER K 1 -16.45 -4.71 -21.87
CA SER K 1 -16.52 -6.11 -21.37
C SER K 1 -15.61 -6.96 -22.25
N LYS K 2 -15.42 -8.24 -21.90
CA LYS K 2 -14.45 -9.12 -22.54
C LYS K 2 -14.83 -9.53 -23.98
N THR K 3 -14.03 -9.05 -24.96
CA THR K 3 -14.01 -9.52 -26.35
C THR K 3 -12.56 -9.49 -26.83
N PRO K 4 -12.17 -10.15 -27.94
CA PRO K 4 -10.75 -10.15 -28.33
C PRO K 4 -10.18 -8.74 -28.50
N LEU K 5 -11.00 -7.82 -29.01
CA LEU K 5 -10.57 -6.48 -29.37
C LEU K 5 -10.35 -5.63 -28.12
N THR K 6 -11.28 -5.72 -27.14
CA THR K 6 -11.15 -4.91 -25.93
C THR K 6 -10.01 -5.47 -25.08
N GLU K 7 -9.82 -6.79 -25.11
CA GLU K 7 -8.77 -7.42 -24.30
C GLU K 7 -7.39 -7.05 -24.84
N ALA K 8 -7.25 -7.02 -26.17
CA ALA K 8 -5.97 -6.67 -26.76
C ALA K 8 -5.60 -5.24 -26.42
N VAL K 9 -6.56 -4.31 -26.51
CA VAL K 9 -6.30 -2.90 -26.24
C VAL K 9 -5.99 -2.73 -24.75
N ALA K 10 -6.76 -3.42 -23.87
CA ALA K 10 -6.52 -3.29 -22.44
C ALA K 10 -5.09 -3.74 -22.10
N ALA K 11 -4.63 -4.83 -22.72
CA ALA K 11 -3.27 -5.30 -22.50
C ALA K 11 -2.26 -4.24 -22.93
N ALA K 12 -2.42 -3.70 -24.14
CA ALA K 12 -1.46 -2.73 -24.65
C ALA K 12 -1.48 -1.45 -23.81
N ASP K 13 -2.69 -0.99 -23.47
CA ASP K 13 -2.89 0.19 -22.66
C ASP K 13 -2.15 0.03 -21.33
N SER K 14 -2.33 -1.14 -20.69
CA SER K 14 -1.77 -1.35 -19.37
C SER K 14 -0.25 -1.39 -19.43
N GLN K 15 0.31 -1.68 -20.62
CA GLN K 15 1.77 -1.63 -20.80
C GLN K 15 2.23 -0.26 -21.32
N GLY K 16 1.30 0.67 -21.58
CA GLY K 16 1.59 1.95 -22.19
C GLY K 16 2.19 1.82 -23.60
N ARG K 17 1.78 0.78 -24.35
CA ARG K 17 2.41 0.48 -25.64
C ARG K 17 1.41 0.62 -26.78
N PHE K 18 1.95 0.91 -27.97
CA PHE K 18 1.21 0.79 -29.20
C PHE K 18 0.86 -0.68 -29.44
N LEU K 19 -0.23 -0.89 -30.18
CA LEU K 19 -0.54 -2.22 -30.66
C LEU K 19 0.61 -2.70 -31.55
N SER K 20 0.84 -4.01 -31.54
CA SER K 20 1.92 -4.65 -32.26
C SER K 20 1.36 -5.87 -33.00
N SER K 21 2.25 -6.70 -33.56
CA SER K 21 1.83 -7.83 -34.34
C SER K 21 0.95 -8.76 -33.50
N THR K 22 1.21 -8.81 -32.19
CA THR K 22 0.49 -9.69 -31.29
C THR K 22 -1.00 -9.34 -31.34
N GLU K 23 -1.29 -8.04 -31.18
CA GLU K 23 -2.68 -7.60 -31.17
C GLU K 23 -3.28 -7.62 -32.58
N LEU K 24 -2.44 -7.41 -33.61
CA LEU K 24 -2.94 -7.56 -34.97
C LEU K 24 -3.43 -9.00 -35.22
N GLN K 25 -2.71 -10.00 -34.71
CA GLN K 25 -3.11 -11.39 -34.83
C GLN K 25 -4.45 -11.62 -34.12
N VAL K 26 -4.65 -10.96 -32.96
CA VAL K 26 -5.91 -11.04 -32.22
C VAL K 26 -7.05 -10.55 -33.13
N ALA K 27 -6.84 -9.39 -33.78
CA ALA K 27 -7.81 -8.82 -34.71
C ALA K 27 -8.09 -9.80 -35.86
N PHE K 28 -7.03 -10.41 -36.41
CA PHE K 28 -7.23 -11.41 -37.47
C PHE K 28 -8.12 -12.57 -37.00
N GLY K 29 -7.85 -13.12 -35.80
CA GLY K 29 -8.66 -14.22 -35.31
C GLY K 29 -10.11 -13.81 -35.02
N ARG K 30 -10.28 -12.57 -34.53
CA ARG K 30 -11.60 -11.97 -34.34
C ARG K 30 -12.35 -11.95 -35.68
N PHE K 31 -11.70 -11.43 -36.72
CA PHE K 31 -12.43 -11.24 -37.98
C PHE K 31 -12.64 -12.57 -38.72
N ARG K 32 -11.78 -13.57 -38.48
CA ARG K 32 -12.00 -14.92 -39.00
C ARG K 32 -13.28 -15.48 -38.37
N GLN K 33 -13.55 -15.12 -37.11
CA GLN K 33 -14.59 -15.78 -36.32
C GLN K 33 -15.96 -15.13 -36.54
N ALA K 34 -15.98 -13.81 -36.83
CA ALA K 34 -17.13 -12.95 -36.61
C ALA K 34 -18.34 -13.27 -37.50
N ALA K 35 -18.14 -13.60 -38.79
CA ALA K 35 -19.25 -13.91 -39.68
C ALA K 35 -20.08 -15.07 -39.13
N SER K 36 -19.42 -16.12 -38.63
CA SER K 36 -20.18 -17.25 -38.09
C SER K 36 -20.84 -16.92 -36.75
N GLY K 37 -20.19 -16.06 -35.96
CA GLY K 37 -20.80 -15.45 -34.78
C GLY K 37 -22.09 -14.70 -35.11
N LEU K 38 -22.04 -13.81 -36.10
CA LEU K 38 -23.21 -13.01 -36.49
C LEU K 38 -24.32 -13.93 -37.00
N ALA K 39 -23.94 -14.99 -37.75
CA ALA K 39 -24.91 -15.88 -38.37
C ALA K 39 -25.58 -16.73 -37.28
N ALA K 40 -24.78 -17.16 -36.30
CA ALA K 40 -25.30 -17.89 -35.14
C ALA K 40 -26.29 -17.01 -34.38
N ALA K 41 -25.93 -15.72 -34.16
CA ALA K 41 -26.82 -14.80 -33.47
C ALA K 41 -28.13 -14.67 -34.23
N LYS K 42 -28.01 -14.49 -35.55
CA LYS K 42 -29.17 -14.29 -36.41
C LYS K 42 -30.12 -15.50 -36.32
N ALA K 43 -29.54 -16.72 -36.34
CA ALA K 43 -30.35 -17.94 -36.37
C ALA K 43 -31.08 -18.10 -35.04
N LEU K 44 -30.36 -17.89 -33.92
CA LEU K 44 -30.95 -18.04 -32.59
C LEU K 44 -32.08 -17.02 -32.42
N ALA K 45 -31.81 -15.78 -32.83
CA ALA K 45 -32.82 -14.72 -32.84
C ALA K 45 -34.06 -15.19 -33.59
N ASN K 46 -33.91 -15.67 -34.84
CA ASN K 46 -35.07 -16.05 -35.67
C ASN K 46 -35.83 -17.23 -35.07
N ASN K 47 -35.12 -18.06 -34.30
CA ASN K 47 -35.71 -19.25 -33.73
C ASN K 47 -36.01 -19.07 -32.23
N ALA K 48 -36.09 -17.81 -31.75
CA ALA K 48 -36.23 -17.56 -30.31
C ALA K 48 -37.48 -18.17 -29.66
N ASP K 49 -38.66 -18.01 -30.25
CA ASP K 49 -39.90 -18.45 -29.62
C ASP K 49 -39.91 -19.97 -29.45
N SER K 50 -39.53 -20.69 -30.50
CA SER K 50 -39.45 -22.14 -30.44
C SER K 50 -38.47 -22.60 -29.37
N LEU K 51 -37.27 -22.00 -29.34
CA LEU K 51 -36.20 -22.41 -28.41
C LEU K 51 -36.58 -22.14 -26.96
N VAL K 52 -37.15 -20.95 -26.67
CA VAL K 52 -37.49 -20.53 -25.31
C VAL K 52 -38.62 -21.40 -24.78
N ASN K 53 -39.67 -21.65 -25.59
CA ASN K 53 -40.85 -22.38 -25.12
C ASN K 53 -40.53 -23.88 -25.08
N GLY K 54 -39.70 -24.33 -26.03
CA GLY K 54 -39.13 -25.66 -25.96
C GLY K 54 -38.31 -25.85 -24.68
N ALA K 55 -37.47 -24.88 -24.34
CA ALA K 55 -36.57 -25.05 -23.18
C ALA K 55 -37.42 -25.04 -21.90
N ALA K 56 -38.39 -24.09 -21.86
CA ALA K 56 -39.32 -23.98 -20.75
C ALA K 56 -39.95 -25.36 -20.53
N ASN K 57 -40.48 -25.93 -21.61
CA ASN K 57 -41.20 -27.20 -21.52
C ASN K 57 -40.25 -28.32 -21.08
N ALA K 58 -38.97 -28.27 -21.47
CA ALA K 58 -38.03 -29.31 -21.04
C ALA K 58 -37.71 -29.20 -19.54
N VAL K 59 -37.70 -27.97 -19.00
CA VAL K 59 -37.51 -27.80 -17.57
C VAL K 59 -38.72 -28.33 -16.80
N TYR K 60 -39.94 -27.99 -17.24
CA TYR K 60 -41.16 -28.38 -16.54
C TYR K 60 -41.30 -29.90 -16.54
N SER K 61 -40.92 -30.53 -17.65
CA SER K 61 -40.93 -31.98 -17.79
C SER K 61 -39.81 -32.66 -16.99
N LYS K 62 -38.60 -32.06 -16.96
CA LYS K 62 -37.56 -32.63 -16.12
C LYS K 62 -37.90 -32.49 -14.62
N PHE K 63 -38.54 -31.39 -14.23
CA PHE K 63 -38.80 -31.07 -12.82
C PHE K 63 -40.29 -30.74 -12.64
N PRO K 64 -41.19 -31.76 -12.67
CA PRO K 64 -42.62 -31.50 -12.68
C PRO K 64 -43.05 -30.75 -11.41
N TYR K 65 -42.29 -30.88 -10.32
CA TYR K 65 -42.61 -30.16 -9.09
C TYR K 65 -42.71 -28.66 -9.30
N THR K 66 -42.04 -28.13 -10.32
CA THR K 66 -41.96 -26.68 -10.54
C THR K 66 -43.28 -26.06 -11.01
N THR K 67 -44.15 -26.88 -11.61
CA THR K 67 -45.42 -26.39 -12.13
C THR K 67 -46.57 -26.79 -11.21
N SER K 68 -46.29 -27.55 -10.15
CA SER K 68 -47.37 -28.05 -9.30
C SER K 68 -47.18 -27.68 -7.82
N THR K 69 -46.09 -26.98 -7.46
CA THR K 69 -45.88 -26.61 -6.07
C THR K 69 -46.13 -25.11 -5.93
N PRO K 70 -46.95 -24.69 -4.93
CA PRO K 70 -47.17 -23.27 -4.65
C PRO K 70 -45.86 -22.60 -4.25
N GLY K 71 -45.67 -21.34 -4.65
CA GLY K 71 -44.49 -20.60 -4.23
C GLY K 71 -44.12 -19.49 -5.20
N ASN K 72 -43.51 -18.42 -4.69
CA ASN K 72 -43.15 -17.28 -5.51
C ASN K 72 -42.09 -17.68 -6.54
N ASN K 73 -41.27 -18.68 -6.21
CA ASN K 73 -40.11 -19.13 -6.98
C ASN K 73 -40.51 -20.18 -8.02
N PHE K 74 -41.78 -20.63 -7.98
CA PHE K 74 -42.20 -21.75 -8.79
C PHE K 74 -43.04 -21.28 -9.98
N ALA K 75 -43.21 -22.18 -10.96
CA ALA K 75 -43.96 -21.86 -12.18
C ALA K 75 -45.32 -22.56 -12.17
N SER K 76 -46.02 -22.45 -11.02
CA SER K 76 -47.31 -23.07 -10.75
C SER K 76 -48.47 -22.15 -11.09
N THR K 77 -48.20 -20.86 -11.35
CA THR K 77 -49.20 -19.88 -11.75
C THR K 77 -48.83 -19.37 -13.15
N PRO K 78 -49.75 -18.76 -13.94
CA PRO K 78 -49.34 -18.08 -15.18
C PRO K 78 -48.21 -17.06 -15.03
N GLU K 79 -48.23 -16.31 -13.92
CA GLU K 79 -47.23 -15.32 -13.54
C GLU K 79 -45.84 -15.95 -13.49
N GLY K 80 -45.70 -17.08 -12.77
CA GLY K 80 -44.45 -17.81 -12.61
C GLY K 80 -43.96 -18.44 -13.92
N LYS K 81 -44.88 -18.97 -14.72
CA LYS K 81 -44.52 -19.47 -16.03
C LYS K 81 -43.95 -18.34 -16.89
N ALA K 82 -44.59 -17.17 -16.84
CA ALA K 82 -44.15 -16.00 -17.59
C ALA K 82 -42.77 -15.55 -17.08
N LYS K 83 -42.53 -15.60 -15.76
CA LYS K 83 -41.22 -15.22 -15.22
C LYS K 83 -40.15 -16.15 -15.79
N CYS K 84 -40.48 -17.45 -15.82
CA CYS K 84 -39.54 -18.47 -16.25
C CYS K 84 -39.25 -18.33 -17.74
N ALA K 85 -40.27 -18.19 -18.59
CA ALA K 85 -40.04 -18.01 -20.02
C ALA K 85 -39.24 -16.72 -20.28
N ARG K 86 -39.58 -15.64 -19.57
CA ARG K 86 -38.80 -14.41 -19.59
C ARG K 86 -37.31 -14.71 -19.34
N ASP K 87 -37.02 -15.39 -18.22
CA ASP K 87 -35.64 -15.68 -17.82
C ASP K 87 -34.89 -16.44 -18.91
N ILE K 88 -35.52 -17.47 -19.48
CA ILE K 88 -34.90 -18.32 -20.49
C ILE K 88 -34.66 -17.45 -21.71
N GLY K 89 -35.61 -16.55 -21.97
CA GLY K 89 -35.47 -15.55 -23.03
C GLY K 89 -34.25 -14.66 -22.84
N TYR K 90 -34.01 -14.23 -21.59
CA TYR K 90 -32.84 -13.43 -21.26
C TYR K 90 -31.56 -14.25 -21.52
N TYR K 91 -31.51 -15.51 -21.08
CA TYR K 91 -30.29 -16.29 -21.29
C TYR K 91 -30.00 -16.36 -22.78
N LEU K 92 -31.03 -16.69 -23.58
CA LEU K 92 -30.86 -16.89 -25.01
C LEU K 92 -30.42 -15.58 -25.68
N ARG K 93 -31.08 -14.47 -25.37
CA ARG K 93 -30.79 -13.20 -26.03
C ARG K 93 -29.36 -12.76 -25.71
N ILE K 94 -28.94 -13.00 -24.47
CA ILE K 94 -27.62 -12.57 -24.05
C ILE K 94 -26.54 -13.49 -24.60
N VAL K 95 -26.87 -14.76 -24.84
CA VAL K 95 -26.00 -15.63 -25.64
C VAL K 95 -25.81 -15.03 -27.04
N THR K 96 -26.88 -14.50 -27.64
CA THR K 96 -26.72 -13.96 -28.99
C THR K 96 -25.75 -12.79 -28.97
N TYR K 97 -25.79 -12.00 -27.89
CA TYR K 97 -24.92 -10.86 -27.69
C TYR K 97 -23.47 -11.32 -27.58
N ALA K 98 -23.21 -12.45 -26.88
CA ALA K 98 -21.87 -13.02 -26.80
C ALA K 98 -21.35 -13.40 -28.20
N LEU K 99 -22.23 -13.97 -29.03
CA LEU K 99 -21.87 -14.32 -30.40
C LEU K 99 -21.58 -13.08 -31.23
N VAL K 100 -22.32 -11.99 -30.96
CA VAL K 100 -22.13 -10.74 -31.67
C VAL K 100 -20.80 -10.11 -31.27
N ALA K 101 -20.45 -10.17 -29.97
CA ALA K 101 -19.25 -9.59 -29.42
C ALA K 101 -18.01 -10.44 -29.74
N GLY K 102 -18.22 -11.76 -29.94
CA GLY K 102 -17.13 -12.70 -30.04
C GLY K 102 -16.44 -12.94 -28.69
N GLY K 103 -17.17 -12.76 -27.58
CA GLY K 103 -16.58 -12.98 -26.28
C GLY K 103 -17.66 -13.15 -25.20
N THR K 104 -17.24 -13.53 -23.99
CA THR K 104 -18.18 -13.69 -22.88
C THR K 104 -18.62 -12.33 -22.33
N GLY K 105 -18.00 -11.23 -22.78
CA GLY K 105 -18.30 -9.91 -22.25
C GLY K 105 -19.79 -9.70 -21.92
N PRO K 106 -20.71 -9.76 -22.90
CA PRO K 106 -22.12 -9.47 -22.65
C PRO K 106 -22.72 -10.38 -21.59
N ILE K 107 -22.37 -11.67 -21.61
CA ILE K 107 -22.78 -12.61 -20.57
C ILE K 107 -22.28 -12.15 -19.20
N ASP K 108 -20.97 -11.88 -19.09
CA ASP K 108 -20.36 -11.53 -17.81
C ASP K 108 -21.10 -10.34 -17.20
N GLU K 109 -21.42 -9.35 -18.06
CA GLU K 109 -21.88 -8.03 -17.66
C GLU K 109 -23.37 -8.06 -17.35
N TYR K 110 -24.16 -8.71 -18.21
CA TYR K 110 -25.60 -8.61 -18.10
C TYR K 110 -26.22 -9.78 -17.36
N LEU K 111 -25.53 -10.92 -17.29
CA LEU K 111 -26.14 -12.11 -16.71
C LEU K 111 -25.31 -12.71 -15.56
N LEU K 112 -24.00 -12.96 -15.79
CA LEU K 112 -23.18 -13.75 -14.87
C LEU K 112 -22.85 -12.99 -13.57
N ALA K 113 -22.44 -11.72 -13.66
CA ALA K 113 -22.16 -10.95 -12.45
C ALA K 113 -23.47 -10.80 -11.64
N GLY K 114 -23.49 -11.35 -10.43
CA GLY K 114 -24.66 -11.33 -9.57
C GLY K 114 -25.54 -12.57 -9.69
N LEU K 115 -25.29 -13.45 -10.67
CA LEU K 115 -26.17 -14.59 -10.91
C LEU K 115 -26.37 -15.43 -9.64
N ASP K 116 -25.27 -15.81 -8.98
CA ASP K 116 -25.36 -16.66 -7.79
C ASP K 116 -26.24 -16.03 -6.72
N GLU K 117 -26.06 -14.74 -6.50
CA GLU K 117 -26.82 -13.93 -5.52
C GLU K 117 -28.31 -13.99 -5.89
N ILE K 118 -28.62 -13.77 -7.14
CA ILE K 118 -30.01 -13.77 -7.58
C ILE K 118 -30.63 -15.14 -7.35
N ASN K 119 -29.96 -16.22 -7.83
CA ASN K 119 -30.51 -17.56 -7.73
C ASN K 119 -30.79 -17.89 -6.26
N LYS K 120 -29.85 -17.50 -5.40
CA LYS K 120 -29.98 -17.72 -3.97
C LYS K 120 -31.15 -16.94 -3.34
N THR K 121 -31.17 -15.60 -3.51
CA THR K 121 -32.20 -14.75 -2.87
C THR K 121 -33.61 -15.17 -3.29
N PHE K 122 -33.83 -15.45 -4.60
CA PHE K 122 -35.14 -15.79 -5.13
C PHE K 122 -35.40 -17.29 -5.13
N ASP K 123 -34.45 -18.07 -4.60
CA ASP K 123 -34.64 -19.51 -4.46
C ASP K 123 -34.93 -20.14 -5.82
N LEU K 124 -34.10 -19.81 -6.82
CA LEU K 124 -34.23 -20.41 -8.15
C LEU K 124 -33.12 -21.46 -8.28
N ALA K 125 -33.47 -22.68 -8.73
CA ALA K 125 -32.49 -23.77 -8.74
C ALA K 125 -31.60 -23.61 -9.96
N PRO K 126 -30.26 -23.50 -9.79
CA PRO K 126 -29.33 -23.53 -10.93
C PRO K 126 -29.64 -24.64 -11.93
N SER K 127 -30.02 -25.83 -11.41
CA SER K 127 -30.30 -26.98 -12.27
C SER K 127 -31.43 -26.71 -13.25
N TRP K 128 -32.33 -25.75 -12.96
CA TRP K 128 -33.41 -25.43 -13.89
C TRP K 128 -32.84 -24.78 -15.14
N TYR K 129 -31.90 -23.85 -14.95
CA TYR K 129 -31.29 -23.11 -16.06
C TYR K 129 -30.34 -24.01 -16.88
N VAL K 130 -29.60 -24.90 -16.17
CA VAL K 130 -28.74 -25.91 -16.79
C VAL K 130 -29.58 -26.70 -17.80
N GLU K 131 -30.78 -27.13 -17.38
CA GLU K 131 -31.63 -27.93 -18.25
C GLU K 131 -32.09 -27.12 -19.48
N ALA K 132 -32.52 -25.87 -19.26
CA ALA K 132 -32.97 -24.99 -20.33
C ALA K 132 -31.83 -24.83 -21.35
N LEU K 133 -30.62 -24.66 -20.82
CA LEU K 133 -29.44 -24.48 -21.66
C LEU K 133 -29.11 -25.75 -22.45
N LYS K 134 -29.27 -26.93 -21.82
CA LYS K 134 -28.96 -28.19 -22.50
C LYS K 134 -29.92 -28.40 -23.67
N TYR K 135 -31.18 -27.99 -23.47
CA TYR K 135 -32.19 -28.00 -24.51
C TYR K 135 -31.80 -27.08 -25.65
N ILE K 136 -31.36 -25.86 -25.35
CA ILE K 136 -31.02 -24.91 -26.41
C ILE K 136 -29.89 -25.49 -27.24
N LYS K 137 -28.92 -26.09 -26.56
CA LYS K 137 -27.77 -26.68 -27.22
C LYS K 137 -28.17 -27.83 -28.14
N ALA K 138 -29.07 -28.70 -27.65
CA ALA K 138 -29.49 -29.90 -28.35
C ALA K 138 -30.38 -29.55 -29.55
N ASN K 139 -30.88 -28.28 -29.58
CA ASN K 139 -31.98 -27.96 -30.49
C ASN K 139 -31.77 -26.72 -31.36
N HIS K 140 -30.65 -25.99 -31.24
CA HIS K 140 -30.46 -24.81 -32.08
C HIS K 140 -30.16 -25.18 -33.53
N GLY K 141 -29.68 -26.41 -33.76
CA GLY K 141 -29.39 -26.96 -35.08
C GLY K 141 -28.22 -26.26 -35.79
N LEU K 142 -27.33 -25.59 -35.04
CA LEU K 142 -26.22 -24.90 -35.69
C LEU K 142 -25.16 -25.92 -36.08
N SER K 143 -24.32 -25.55 -37.08
CA SER K 143 -23.21 -26.35 -37.57
C SER K 143 -21.90 -25.58 -37.48
N GLY K 144 -20.78 -26.32 -37.61
CA GLY K 144 -19.47 -25.73 -37.83
C GLY K 144 -19.11 -24.71 -36.74
N ASP K 145 -18.49 -23.60 -37.17
CA ASP K 145 -17.95 -22.59 -36.28
C ASP K 145 -19.06 -21.87 -35.50
N SER K 146 -20.24 -21.73 -36.12
CA SER K 146 -21.42 -21.22 -35.43
C SER K 146 -21.74 -22.05 -34.18
N ARG K 147 -22.06 -23.29 -34.29
CA ARG K 147 -22.19 -24.35 -33.26
C ARG K 147 -21.13 -24.16 -32.17
N ASP K 148 -19.84 -24.38 -32.65
CA ASP K 148 -18.71 -24.40 -31.74
C ASP K 148 -18.71 -23.15 -30.85
N GLU K 149 -18.83 -21.96 -31.46
CA GLU K 149 -18.81 -20.73 -30.67
C GLU K 149 -20.07 -20.65 -29.79
N ALA K 150 -21.24 -20.88 -30.38
CA ALA K 150 -22.47 -20.82 -29.59
C ALA K 150 -22.42 -21.79 -28.40
N ASN K 151 -21.90 -23.02 -28.61
CA ASN K 151 -21.86 -24.00 -27.55
C ASN K 151 -20.83 -23.62 -26.47
N SER K 152 -19.78 -22.89 -26.86
CA SER K 152 -18.82 -22.46 -25.86
C SER K 152 -19.50 -21.55 -24.83
N TYR K 153 -20.38 -20.65 -25.27
CA TYR K 153 -21.09 -19.74 -24.37
C TYR K 153 -22.14 -20.51 -23.54
N ILE K 154 -22.90 -21.39 -24.18
CA ILE K 154 -23.86 -22.23 -23.48
C ILE K 154 -23.17 -23.01 -22.37
N ASP K 155 -22.06 -23.70 -22.68
CA ASP K 155 -21.32 -24.50 -21.70
C ASP K 155 -20.65 -23.58 -20.68
N TYR K 156 -20.26 -22.37 -21.10
CA TYR K 156 -19.73 -21.38 -20.16
C TYR K 156 -20.74 -21.17 -19.06
N LEU K 157 -22.04 -21.02 -19.41
CA LEU K 157 -23.11 -20.75 -18.46
C LEU K 157 -23.46 -22.00 -17.62
N ILE K 158 -23.49 -23.18 -18.27
CA ILE K 158 -23.70 -24.41 -17.50
C ILE K 158 -22.59 -24.54 -16.46
N ASN K 159 -21.32 -24.33 -16.85
CA ASN K 159 -20.21 -24.36 -15.90
C ASN K 159 -20.40 -23.38 -14.75
N ALA K 160 -20.83 -22.15 -15.06
CA ALA K 160 -21.06 -21.09 -14.08
C ALA K 160 -22.19 -21.46 -13.11
N LEU K 161 -23.11 -22.31 -13.55
CA LEU K 161 -24.30 -22.68 -12.79
C LEU K 161 -24.06 -23.98 -12.00
N SER K 162 -22.84 -24.51 -12.06
CA SER K 162 -22.52 -25.70 -11.26
C SER K 162 -21.15 -25.53 -10.59
N THR L 1 -15.37 0.60 -21.40
CA THR L 1 -15.18 0.93 -22.84
C THR L 1 -15.95 -0.07 -23.70
N PHE L 2 -16.22 0.30 -24.97
CA PHE L 2 -16.90 -0.59 -25.88
C PHE L 2 -16.00 -0.83 -27.07
N ASP L 3 -16.20 -1.95 -27.79
CA ASP L 3 -15.76 -2.05 -29.18
C ASP L 3 -16.97 -1.87 -30.08
N ALA L 4 -16.79 -1.90 -31.41
CA ALA L 4 -17.92 -1.61 -32.28
C ALA L 4 -19.09 -2.58 -32.01
N PHE L 5 -18.75 -3.85 -31.66
CA PHE L 5 -19.72 -4.91 -31.47
C PHE L 5 -20.47 -4.74 -30.16
N THR L 6 -19.71 -4.50 -29.05
CA THR L 6 -20.38 -4.37 -27.75
C THR L 6 -21.15 -3.05 -27.66
N LYS L 7 -20.76 -2.06 -28.46
CA LYS L 7 -21.51 -0.81 -28.50
C LYS L 7 -22.94 -1.09 -28.97
N VAL L 8 -23.07 -1.85 -30.06
CA VAL L 8 -24.37 -2.08 -30.64
C VAL L 8 -25.14 -3.01 -29.69
N VAL L 9 -24.42 -3.99 -29.12
CA VAL L 9 -25.01 -4.88 -28.11
C VAL L 9 -25.68 -4.08 -26.99
N ALA L 10 -25.00 -3.04 -26.48
CA ALA L 10 -25.50 -2.25 -25.36
C ALA L 10 -26.80 -1.53 -25.73
N GLN L 11 -26.87 -1.02 -26.96
CA GLN L 11 -28.05 -0.33 -27.49
C GLN L 11 -29.24 -1.29 -27.56
N ALA L 12 -29.01 -2.53 -27.99
CA ALA L 12 -30.06 -3.55 -28.05
C ALA L 12 -30.46 -4.07 -26.66
N ASP L 13 -29.52 -4.19 -25.71
CA ASP L 13 -29.90 -4.77 -24.43
C ASP L 13 -30.82 -3.81 -23.68
N ALA L 14 -30.53 -2.50 -23.81
CA ALA L 14 -31.31 -1.45 -23.15
C ALA L 14 -32.77 -1.48 -23.61
N ARG L 15 -33.06 -1.98 -24.82
CA ARG L 15 -34.44 -2.14 -25.26
C ARG L 15 -34.92 -3.59 -25.16
N GLY L 16 -34.09 -4.50 -24.62
CA GLY L 16 -34.48 -5.90 -24.46
C GLY L 16 -34.71 -6.62 -25.81
N GLU L 17 -33.86 -6.32 -26.80
CA GLU L 17 -34.08 -6.83 -28.15
C GLU L 17 -32.85 -7.52 -28.73
N PHE L 18 -33.12 -8.49 -29.62
CA PHE L 18 -32.07 -9.06 -30.45
C PHE L 18 -31.58 -7.96 -31.39
N LEU L 19 -30.34 -8.03 -31.84
CA LEU L 19 -29.92 -7.12 -32.90
C LEU L 19 -30.88 -7.26 -34.07
N SER L 20 -31.16 -6.14 -34.75
CA SER L 20 -31.95 -6.13 -35.98
C SER L 20 -31.04 -6.48 -37.15
N ASP L 21 -31.64 -6.68 -38.33
CA ASP L 21 -30.88 -7.07 -39.51
C ASP L 21 -29.98 -5.91 -39.92
N ALA L 22 -30.48 -4.68 -39.81
CA ALA L 22 -29.68 -3.51 -40.09
C ALA L 22 -28.43 -3.51 -39.19
N GLN L 23 -28.61 -3.79 -37.90
CA GLN L 23 -27.50 -3.84 -36.97
C GLN L 23 -26.53 -4.96 -37.36
N LEU L 24 -27.04 -6.16 -37.67
CA LEU L 24 -26.17 -7.30 -37.98
C LEU L 24 -25.41 -7.05 -39.28
N ASP L 25 -26.13 -6.57 -40.30
CA ASP L 25 -25.55 -6.23 -41.60
C ASP L 25 -24.46 -5.16 -41.47
N ALA L 26 -24.70 -4.12 -40.67
CA ALA L 26 -23.66 -3.11 -40.45
C ALA L 26 -22.39 -3.74 -39.85
N LEU L 27 -22.55 -4.66 -38.89
CA LEU L 27 -21.37 -5.29 -38.30
C LEU L 27 -20.72 -6.22 -39.32
N SER L 28 -21.52 -6.89 -40.16
CA SER L 28 -20.97 -7.71 -41.24
C SER L 28 -20.04 -6.91 -42.15
N ARG L 29 -20.45 -5.70 -42.56
CA ARG L 29 -19.64 -4.91 -43.48
C ARG L 29 -18.32 -4.55 -42.81
N LEU L 30 -18.40 -4.17 -41.52
CA LEU L 30 -17.21 -3.81 -40.75
C LEU L 30 -16.23 -4.98 -40.77
N VAL L 31 -16.76 -6.17 -40.46
CA VAL L 31 -15.98 -7.38 -40.52
C VAL L 31 -15.34 -7.55 -41.90
N ALA L 32 -16.08 -7.28 -42.97
CA ALA L 32 -15.60 -7.57 -44.32
C ALA L 32 -14.45 -6.63 -44.70
N GLU L 33 -14.39 -5.48 -44.00
CA GLU L 33 -13.41 -4.43 -44.21
C GLU L 33 -12.24 -4.53 -43.21
N GLY L 34 -12.18 -5.64 -42.45
CA GLY L 34 -11.26 -5.79 -41.33
C GLY L 34 -9.78 -5.70 -41.68
N ASN L 35 -9.37 -6.28 -42.81
CA ASN L 35 -7.97 -6.22 -43.19
C ASN L 35 -7.50 -4.77 -43.30
N LYS L 36 -8.38 -3.88 -43.81
CA LYS L 36 -8.09 -2.46 -44.00
C LYS L 36 -7.91 -1.78 -42.64
N ARG L 37 -8.72 -2.22 -41.68
CA ARG L 37 -8.67 -1.64 -40.35
C ARG L 37 -7.30 -1.98 -39.74
N ILE L 38 -6.88 -3.25 -39.92
CA ILE L 38 -5.64 -3.75 -39.37
C ILE L 38 -4.46 -3.03 -40.03
N ASP L 39 -4.52 -2.84 -41.35
CA ASP L 39 -3.47 -2.12 -42.08
C ASP L 39 -3.38 -0.67 -41.59
N THR L 40 -4.54 -0.04 -41.30
CA THR L 40 -4.57 1.34 -40.80
C THR L 40 -3.84 1.42 -39.46
N VAL L 41 -4.17 0.51 -38.54
CA VAL L 41 -3.50 0.48 -37.25
C VAL L 41 -1.99 0.28 -37.42
N ASN L 42 -1.59 -0.78 -38.16
CA ASN L 42 -0.19 -1.12 -38.38
C ASN L 42 0.58 0.06 -38.96
N ARG L 43 -0.01 0.76 -39.95
CA ARG L 43 0.70 1.81 -40.68
C ARG L 43 0.96 3.03 -39.79
N ILE L 44 -0.02 3.40 -38.96
CA ILE L 44 0.20 4.52 -38.06
C ILE L 44 1.27 4.12 -37.03
N THR L 45 1.16 2.91 -36.51
CA THR L 45 2.04 2.40 -35.48
C THR L 45 3.49 2.37 -35.99
N GLY L 46 3.68 1.83 -37.21
CA GLY L 46 4.97 1.72 -37.86
C GLY L 46 5.66 3.07 -38.08
N ASN L 47 4.87 4.17 -38.08
CA ASN L 47 5.40 5.49 -38.37
C ASN L 47 5.25 6.42 -37.17
N ALA L 48 4.98 5.87 -35.96
CA ALA L 48 4.57 6.66 -34.80
C ALA L 48 5.57 7.79 -34.51
N SER L 49 6.86 7.42 -34.37
CA SER L 49 7.92 8.33 -33.96
C SER L 49 8.02 9.54 -34.89
N SER L 50 8.02 9.27 -36.20
CA SER L 50 8.17 10.35 -37.18
C SER L 50 6.88 11.17 -37.31
N ILE L 51 5.70 10.59 -37.03
CA ILE L 51 4.46 11.37 -36.98
C ILE L 51 4.50 12.38 -35.83
N VAL L 52 4.99 11.94 -34.66
CA VAL L 52 5.09 12.82 -33.50
C VAL L 52 6.21 13.85 -33.73
N ALA L 53 7.42 13.38 -34.07
CA ALA L 53 8.57 14.24 -34.21
C ALA L 53 8.31 15.35 -35.22
N ASN L 54 7.74 14.98 -36.38
CA ASN L 54 7.59 15.93 -37.47
C ASN L 54 6.49 16.94 -37.18
N ALA L 55 5.35 16.50 -36.61
CA ALA L 55 4.31 17.43 -36.23
C ALA L 55 4.82 18.36 -35.13
N ALA L 56 5.54 17.81 -34.12
CA ALA L 56 6.10 18.66 -33.07
C ALA L 56 6.99 19.78 -33.67
N ARG L 57 7.96 19.40 -34.50
CA ARG L 57 8.91 20.34 -35.10
C ARG L 57 8.17 21.44 -35.86
N ALA L 58 7.18 21.05 -36.69
CA ALA L 58 6.39 22.01 -37.45
C ALA L 58 5.59 22.91 -36.51
N LEU L 59 5.00 22.34 -35.45
CA LEU L 59 4.33 23.16 -34.45
C LEU L 59 5.26 24.25 -33.89
N PHE L 60 6.48 23.89 -33.45
CA PHE L 60 7.40 24.84 -32.84
C PHE L 60 7.89 25.86 -33.87
N ALA L 61 8.01 25.41 -35.13
CA ALA L 61 8.37 26.30 -36.23
C ALA L 61 7.32 27.40 -36.40
N GLU L 62 6.03 27.06 -36.33
CA GLU L 62 4.98 28.03 -36.59
C GLU L 62 4.70 28.84 -35.34
N GLN L 63 5.08 28.31 -34.18
CA GLN L 63 4.71 28.94 -32.92
C GLN L 63 5.98 29.06 -32.07
N PRO L 64 6.95 29.89 -32.49
CA PRO L 64 8.23 29.97 -31.77
C PRO L 64 8.09 30.38 -30.31
N SER L 65 6.96 30.99 -29.93
CA SER L 65 6.80 31.43 -28.54
C SER L 65 6.72 30.22 -27.60
N LEU L 66 6.37 29.03 -28.11
CA LEU L 66 6.25 27.84 -27.28
C LEU L 66 7.63 27.40 -26.83
N ILE L 67 8.66 27.68 -27.64
CA ILE L 67 9.99 27.20 -27.30
C ILE L 67 10.91 28.29 -26.80
N ALA L 68 10.53 29.57 -26.93
CA ALA L 68 11.29 30.64 -26.31
C ALA L 68 11.41 30.40 -24.80
N PRO L 69 12.48 30.87 -24.11
CA PRO L 69 12.55 30.69 -22.65
C PRO L 69 11.29 31.30 -22.05
N GLY L 70 10.70 30.59 -21.09
CA GLY L 70 9.44 30.92 -20.44
C GLY L 70 8.23 30.39 -21.23
N GLY L 71 8.49 29.86 -22.43
CA GLY L 71 7.45 29.20 -23.22
C GLY L 71 6.97 27.92 -22.56
N ALA L 73 6.72 24.93 -23.84
CA ALA L 73 7.55 23.79 -24.25
C ALA L 73 9.05 24.00 -23.98
N TYR L 74 9.42 25.14 -23.34
CA TYR L 74 10.80 25.44 -22.93
C TYR L 74 11.18 24.58 -21.71
N THR L 75 12.48 24.23 -21.60
CA THR L 75 13.08 23.23 -20.70
C THR L 75 12.82 21.83 -21.22
N ASN L 76 13.76 20.90 -20.96
CA ASN L 76 13.64 19.55 -21.52
C ASN L 76 12.51 18.77 -20.85
N ARG L 77 12.17 19.12 -19.61
CA ARG L 77 11.11 18.39 -18.93
C ARG L 77 9.77 18.68 -19.61
N ARG L 78 9.53 19.96 -19.90
CA ARG L 78 8.29 20.35 -20.55
C ARG L 78 8.29 19.89 -22.01
N MET L 79 9.44 19.98 -22.71
CA MET L 79 9.49 19.47 -24.07
C MET L 79 9.18 17.97 -24.08
N ALA L 80 9.73 17.22 -23.11
CA ALA L 80 9.46 15.79 -23.01
C ALA L 80 7.98 15.54 -22.73
N ALA L 81 7.36 16.32 -21.83
CA ALA L 81 5.95 16.11 -21.50
C ALA L 81 5.09 16.32 -22.76
N CYS L 82 5.44 17.37 -23.52
CA CYS L 82 4.77 17.76 -24.75
C CYS L 82 4.87 16.65 -25.81
N LEU L 83 6.10 16.19 -26.10
CA LEU L 83 6.29 15.07 -27.03
C LEU L 83 5.49 13.86 -26.53
N ARG L 84 5.48 13.64 -25.22
CA ARG L 84 4.76 12.49 -24.66
C ARG L 84 3.25 12.58 -24.92
N ASP L 85 2.63 13.75 -24.65
CA ASP L 85 1.20 13.90 -24.89
C ASP L 85 0.87 13.67 -26.36
N MET L 86 1.74 14.12 -27.28
CA MET L 86 1.52 13.91 -28.70
C MET L 86 1.37 12.40 -29.00
N GLU L 87 2.33 11.61 -28.48
CA GLU L 87 2.43 10.18 -28.66
C GLU L 87 1.24 9.51 -27.98
N ILE L 88 0.88 9.98 -26.76
CA ILE L 88 -0.28 9.42 -26.05
C ILE L 88 -1.55 9.54 -26.90
N ILE L 89 -1.79 10.73 -27.47
CA ILE L 89 -3.01 10.96 -28.24
C ILE L 89 -2.99 10.08 -29.49
N LEU L 90 -1.84 10.04 -30.19
CA LEU L 90 -1.72 9.18 -31.37
C LEU L 90 -1.99 7.72 -30.98
N ARG L 91 -1.41 7.29 -29.86
CA ARG L 91 -1.59 5.93 -29.36
C ARG L 91 -3.07 5.64 -29.13
N TYR L 92 -3.75 6.50 -28.37
CA TYR L 92 -5.17 6.29 -28.13
C TYR L 92 -6.02 6.36 -29.40
N VAL L 93 -5.66 7.20 -30.38
CA VAL L 93 -6.35 7.19 -31.67
C VAL L 93 -6.24 5.82 -32.34
N THR L 94 -5.04 5.21 -32.32
CA THR L 94 -4.88 3.89 -32.91
C THR L 94 -5.74 2.84 -32.19
N TYR L 95 -5.97 3.00 -30.87
CA TYR L 95 -6.80 2.07 -30.13
C TYR L 95 -8.26 2.14 -30.62
N ALA L 96 -8.72 3.36 -30.89
CA ALA L 96 -10.08 3.60 -31.37
C ALA L 96 -10.27 2.96 -32.74
N VAL L 97 -9.26 3.08 -33.61
CA VAL L 97 -9.34 2.42 -34.91
C VAL L 97 -9.42 0.91 -34.68
N PHE L 98 -8.68 0.39 -33.68
CA PHE L 98 -8.56 -1.04 -33.51
C PHE L 98 -9.88 -1.62 -33.02
N THR L 99 -10.52 -0.96 -32.04
CA THR L 99 -11.79 -1.44 -31.48
C THR L 99 -12.98 -1.00 -32.33
N GLY L 100 -12.79 0.00 -33.19
CA GLY L 100 -13.88 0.60 -33.97
C GLY L 100 -14.86 1.41 -33.12
N ASP L 101 -14.39 1.99 -32.02
CA ASP L 101 -15.26 2.80 -31.19
C ASP L 101 -14.43 3.88 -30.50
N ALA L 102 -15.01 5.07 -30.31
CA ALA L 102 -14.29 6.21 -29.78
C ALA L 102 -14.08 6.08 -28.27
N SER L 103 -14.77 5.14 -27.61
CA SER L 103 -14.82 5.17 -26.15
C SER L 103 -13.45 5.02 -25.47
N ILE L 104 -12.56 4.16 -25.98
CA ILE L 104 -11.23 4.04 -25.37
C ILE L 104 -10.53 5.41 -25.36
N LEU L 105 -10.64 6.16 -26.46
CA LEU L 105 -10.02 7.48 -26.62
C LEU L 105 -10.71 8.55 -25.76
N ASP L 106 -12.05 8.58 -25.74
CA ASP L 106 -12.76 9.55 -24.92
C ASP L 106 -12.57 9.25 -23.43
N ASP L 107 -12.83 8.00 -23.03
CA ASP L 107 -12.91 7.66 -21.62
C ASP L 107 -11.54 7.66 -20.96
N ARG L 108 -10.50 7.24 -21.70
CA ARG L 108 -9.21 7.01 -21.08
C ARG L 108 -8.21 8.10 -21.39
N CYS L 109 -8.49 8.97 -22.37
CA CYS L 109 -7.47 9.91 -22.82
C CYS L 109 -7.97 11.35 -22.83
N LEU L 110 -9.10 11.61 -23.50
CA LEU L 110 -9.58 12.96 -23.75
C LEU L 110 -10.36 13.52 -22.56
N ASN L 111 -11.15 12.66 -21.89
CA ASN L 111 -12.00 13.12 -20.81
C ASN L 111 -11.11 13.80 -19.77
N GLY L 112 -11.43 15.06 -19.46
CA GLY L 112 -10.74 15.81 -18.41
C GLY L 112 -9.34 16.28 -18.83
N LEU L 113 -9.04 16.27 -20.12
CA LEU L 113 -7.73 16.74 -20.58
C LEU L 113 -7.76 18.27 -20.66
N ARG L 114 -8.85 18.85 -21.14
CA ARG L 114 -9.01 20.30 -21.20
C ARG L 114 -8.74 20.93 -19.84
N GLU L 115 -9.30 20.32 -18.77
CA GLU L 115 -9.22 20.83 -17.41
C GLU L 115 -7.79 20.69 -16.89
N THR L 116 -7.18 19.53 -17.15
CA THR L 116 -5.76 19.28 -16.91
C THR L 116 -4.94 20.43 -17.49
N TYR L 117 -5.16 20.75 -18.77
CA TYR L 117 -4.35 21.75 -19.47
C TYR L 117 -4.57 23.16 -18.90
N LEU L 118 -5.84 23.49 -18.58
CA LEU L 118 -6.21 24.79 -18.02
C LEU L 118 -5.46 25.08 -16.73
N ALA L 119 -5.45 24.11 -15.80
CA ALA L 119 -4.75 24.20 -14.54
C ALA L 119 -3.25 24.44 -14.72
N LEU L 120 -2.61 23.81 -15.72
CA LEU L 120 -1.16 23.88 -15.87
C LEU L 120 -0.79 25.08 -16.73
N GLY L 121 -1.77 25.67 -17.41
CA GLY L 121 -1.49 26.65 -18.46
C GLY L 121 -0.87 26.04 -19.72
N VAL L 122 -1.15 24.77 -20.01
CA VAL L 122 -0.79 24.21 -21.32
C VAL L 122 -1.69 24.85 -22.38
N PRO L 123 -1.16 25.47 -23.46
CA PRO L 123 -2.06 26.08 -24.45
C PRO L 123 -2.71 25.02 -25.38
N GLY L 124 -4.00 24.75 -25.13
CA GLY L 124 -4.81 23.70 -25.77
C GLY L 124 -4.99 23.91 -27.26
N ALA L 125 -5.10 25.18 -27.67
CA ALA L 125 -5.13 25.55 -29.08
C ALA L 125 -3.87 25.07 -29.81
N SER L 126 -2.72 25.04 -29.11
CA SER L 126 -1.48 24.60 -29.74
C SER L 126 -1.45 23.07 -29.77
N VAL L 127 -1.93 22.46 -28.69
CA VAL L 127 -2.08 21.02 -28.69
C VAL L 127 -2.96 20.61 -29.89
N ALA L 128 -4.12 21.25 -30.02
CA ALA L 128 -5.06 20.91 -31.07
C ALA L 128 -4.38 20.95 -32.44
N GLU L 129 -3.54 21.98 -32.64
CA GLU L 129 -2.85 22.17 -33.91
C GLU L 129 -1.85 21.03 -34.13
N GLY L 130 -1.12 20.66 -33.07
CA GLY L 130 -0.22 19.52 -33.15
C GLY L 130 -0.94 18.24 -33.60
N VAL L 131 -2.11 17.99 -33.00
CA VAL L 131 -2.99 16.87 -33.34
C VAL L 131 -3.41 16.91 -34.81
N ARG L 132 -3.76 18.10 -35.30
CA ARG L 132 -4.21 18.25 -36.68
C ARG L 132 -3.08 17.90 -37.62
N LYS L 133 -1.85 18.29 -37.25
CA LYS L 133 -0.69 17.92 -38.04
C LYS L 133 -0.52 16.41 -38.05
N MET L 134 -0.63 15.79 -36.85
CA MET L 134 -0.50 14.35 -36.81
C MET L 134 -1.57 13.69 -37.69
N LYS L 135 -2.77 14.28 -37.71
CA LYS L 135 -3.87 13.72 -38.47
C LYS L 135 -3.48 13.70 -39.95
N ASP L 136 -3.07 14.88 -40.46
CA ASP L 136 -2.69 15.00 -41.87
C ASP L 136 -1.59 13.99 -42.22
N ALA L 137 -0.58 13.85 -41.34
CA ALA L 137 0.50 12.92 -41.63
C ALA L 137 -0.02 11.48 -41.64
N ALA L 138 -0.88 11.16 -40.66
CA ALA L 138 -1.34 9.79 -40.49
C ALA L 138 -2.20 9.38 -41.68
N VAL L 139 -3.05 10.32 -42.14
CA VAL L 139 -3.92 10.08 -43.29
C VAL L 139 -3.08 9.81 -44.54
N ALA L 140 -2.02 10.60 -44.77
CA ALA L 140 -1.23 10.40 -45.98
C ALA L 140 -0.52 9.03 -45.91
N ILE L 141 -0.04 8.62 -44.72
CA ILE L 141 0.62 7.32 -44.54
C ILE L 141 -0.36 6.16 -44.80
N VAL L 142 -1.60 6.25 -44.30
CA VAL L 142 -2.60 5.19 -44.47
C VAL L 142 -3.06 5.06 -45.93
N SER L 143 -3.18 6.21 -46.64
CA SER L 143 -3.69 6.27 -48.01
C SER L 143 -2.63 5.87 -49.02
N ASP L 144 -1.39 5.70 -48.56
CA ASP L 144 -0.28 5.52 -49.49
C ASP L 144 -0.42 4.20 -50.27
N ARG L 145 -0.37 4.26 -51.60
CA ARG L 145 -0.67 3.12 -52.48
C ARG L 145 0.50 2.12 -52.59
N ASN L 146 1.69 2.46 -52.11
CA ASN L 146 2.83 1.58 -52.28
C ASN L 146 2.83 0.41 -51.29
N GLY L 147 3.23 -0.77 -51.76
CA GLY L 147 3.55 -1.91 -50.92
C GLY L 147 2.33 -2.58 -50.29
N ILE L 148 1.13 -2.42 -50.90
CA ILE L 148 -0.11 -2.90 -50.31
C ILE L 148 -1.07 -3.35 -51.40
N THR L 149 -1.90 -4.39 -51.14
CA THR L 149 -2.95 -4.74 -52.10
C THR L 149 -3.83 -3.51 -52.29
N GLN L 150 -4.17 -3.17 -53.54
CA GLN L 150 -4.92 -1.97 -53.87
C GLN L 150 -6.42 -2.13 -53.54
N GLY L 151 -7.06 -1.05 -53.14
CA GLY L 151 -8.48 -1.06 -52.86
C GLY L 151 -8.94 0.27 -52.25
N ASP L 152 -10.18 0.30 -51.76
CA ASP L 152 -10.80 1.54 -51.31
C ASP L 152 -10.81 1.59 -49.78
N CYS L 153 -10.01 2.49 -49.21
CA CYS L 153 -9.91 2.61 -47.76
C CYS L 153 -10.57 3.90 -47.27
N SER L 154 -11.48 4.49 -48.07
CA SER L 154 -12.05 5.79 -47.73
C SER L 154 -12.89 5.77 -46.44
N ALA L 155 -13.64 4.70 -46.20
CA ALA L 155 -14.40 4.56 -44.96
C ALA L 155 -13.44 4.54 -43.75
N ILE L 156 -12.40 3.68 -43.77
CA ILE L 156 -11.51 3.60 -42.62
C ILE L 156 -10.76 4.93 -42.44
N ILE L 157 -10.41 5.56 -43.56
CA ILE L 157 -9.72 6.84 -43.46
C ILE L 157 -10.66 7.88 -42.84
N SER L 158 -11.93 7.85 -43.23
CA SER L 158 -12.88 8.81 -42.68
C SER L 158 -13.07 8.59 -41.17
N GLU L 159 -13.21 7.31 -40.76
CA GLU L 159 -13.33 6.97 -39.34
C GLU L 159 -12.11 7.47 -38.57
N LEU L 160 -10.91 7.20 -39.11
CA LEU L 160 -9.63 7.63 -38.52
C LEU L 160 -9.64 9.14 -38.30
N GLY L 161 -9.91 9.91 -39.37
CA GLY L 161 -10.05 11.35 -39.29
C GLY L 161 -10.96 11.79 -38.13
N SER L 162 -12.11 11.10 -38.00
CA SER L 162 -13.10 11.46 -37.02
C SER L 162 -12.51 11.35 -35.61
N TYR L 163 -11.57 10.41 -35.41
CA TYR L 163 -11.02 10.23 -34.08
C TYR L 163 -10.00 11.33 -33.79
N PHE L 164 -9.23 11.70 -34.81
CA PHE L 164 -8.31 12.83 -34.68
C PHE L 164 -9.12 14.10 -34.39
N ASP L 165 -10.29 14.25 -35.05
CA ASP L 165 -11.09 15.45 -34.87
C ASP L 165 -11.58 15.52 -33.43
N LYS L 166 -11.96 14.37 -32.85
CA LYS L 166 -12.39 14.34 -31.46
C LYS L 166 -11.24 14.79 -30.56
N ALA L 167 -10.02 14.36 -30.86
CA ALA L 167 -8.87 14.66 -30.01
C ALA L 167 -8.58 16.16 -30.03
N ALA L 168 -8.60 16.75 -31.23
CA ALA L 168 -8.32 18.17 -31.36
C ALA L 168 -9.40 19.03 -30.72
N ALA L 169 -10.69 18.65 -30.89
CA ALA L 169 -11.79 19.39 -30.28
C ALA L 169 -11.81 19.22 -28.75
N ALA L 170 -11.25 18.13 -28.21
CA ALA L 170 -11.33 17.94 -26.76
C ALA L 170 -10.41 18.89 -25.99
N VAL L 171 -9.45 19.52 -26.68
CA VAL L 171 -8.51 20.41 -26.02
C VAL L 171 -8.58 21.83 -26.61
N ALA L 172 -9.16 22.00 -27.81
CA ALA L 172 -9.17 23.27 -28.53
C ALA L 172 -9.93 24.36 -27.74
#